data_8K14
# 
_entry.id   8K14 
# 
_audit_conform.dict_name       mmcif_pdbx.dic 
_audit_conform.dict_version    5.387 
_audit_conform.dict_location   http://mmcif.pdb.org/dictionaries/ascii/mmcif_pdbx.dic 
# 
loop_
_database_2.database_id 
_database_2.database_code 
_database_2.pdbx_database_accession 
_database_2.pdbx_DOI 
PDB   8K14         pdb_00008k14 10.2210/pdb8k14/pdb 
WWPDB D_1300039012 ?            ?                   
# 
_pdbx_audit_revision_history.ordinal             1 
_pdbx_audit_revision_history.data_content_type   'Structure model' 
_pdbx_audit_revision_history.major_revision      1 
_pdbx_audit_revision_history.minor_revision      0 
_pdbx_audit_revision_history.revision_date       2024-03-27 
# 
_pdbx_audit_revision_details.ordinal             1 
_pdbx_audit_revision_details.revision_ordinal    1 
_pdbx_audit_revision_details.data_content_type   'Structure model' 
_pdbx_audit_revision_details.provider            repository 
_pdbx_audit_revision_details.type                'Initial release' 
_pdbx_audit_revision_details.description         ? 
_pdbx_audit_revision_details.details             ? 
# 
_pdbx_database_status.status_code                     REL 
_pdbx_database_status.status_code_sf                  REL 
_pdbx_database_status.status_code_mr                  ? 
_pdbx_database_status.entry_id                        8K14 
_pdbx_database_status.recvd_initial_deposition_date   2023-07-10 
_pdbx_database_status.SG_entry                        N 
_pdbx_database_status.deposit_site                    PDBJ 
_pdbx_database_status.process_site                    PDBJ 
_pdbx_database_status.status_code_cs                  ? 
_pdbx_database_status.status_code_nmr_data            ? 
_pdbx_database_status.methods_development_category    ? 
_pdbx_database_status.pdb_format_compatible           Y 
# 
_pdbx_contact_author.id                 3 
_pdbx_contact_author.email              xu_yong@gibh.ac.cn 
_pdbx_contact_author.name_first         Yong 
_pdbx_contact_author.name_last          Xu 
_pdbx_contact_author.name_mi            ? 
_pdbx_contact_author.role               'principal investigator/group leader' 
_pdbx_contact_author.identifier_ORCID   0000-0003-3601-0246 
# 
loop_
_audit_author.name 
_audit_author.pdbx_ordinal 
_audit_author.identifier_ORCID 
'Xu, H.'    1 ? 
'Shen, H.'  2 ? 
'Zhang, Y.' 3 ? 
'Xu, Y.'    4 ? 
'Li, R.'    5 ? 
# 
_citation.abstract                  ? 
_citation.abstract_id_CAS           ? 
_citation.book_id_ISBN              ? 
_citation.book_publisher            ? 
_citation.book_publisher_city       ? 
_citation.book_title                ? 
_citation.coordinate_linkage        ? 
_citation.country                   FR 
_citation.database_id_Medline       ? 
_citation.details                   ? 
_citation.id                        primary 
_citation.journal_abbrev            Eur.J.Med.Chem. 
_citation.journal_id_ASTM           EJMCA5 
_citation.journal_id_CSD            0493 
_citation.journal_id_ISSN           0223-5234 
_citation.journal_full              ? 
_citation.journal_issue             ? 
_citation.journal_volume            263 
_citation.language                  ? 
_citation.page_first                115924 
_citation.page_last                 115924 
_citation.title                     
;Discovery of (R)-4-(8-methoxy-2-methyl-1-(1-phenylethy)-1H-imidazo[4,5-c]quinnolin-7-yl)-3,5-dimethylisoxazole as a potent and selective BET inhibitor for treatment of acute myeloid leukemia (AML) guided by FEP calculation.
;
_citation.year                      2024 
_citation.database_id_CSD           ? 
_citation.pdbx_database_id_DOI      10.1016/j.ejmech.2023.115924 
_citation.pdbx_database_id_PubMed   37992518 
_citation.pdbx_database_id_patent   ? 
_citation.unpublished_flag          ? 
# 
loop_
_citation_author.citation_id 
_citation_author.name 
_citation_author.ordinal 
_citation_author.identifier_ORCID 
primary 'Yu, S.'    1  ? 
primary 'Zhang, Y.' 2  ? 
primary 'Yang, J.'  3  ? 
primary 'Xu, H.'    4  ? 
primary 'Lan, S.'   5  ? 
primary 'Zhao, B.'  6  ? 
primary 'Luo, M.'   7  ? 
primary 'Ma, X.'    8  ? 
primary 'Zhang, H.' 9  ? 
primary 'Wang, S.'  10 ? 
primary 'Shen, H.'  11 ? 
primary 'Zhang, Y.' 12 ? 
primary 'Xu, Y.'    13 ? 
primary 'Li, R.'    14 ? 
# 
loop_
_entity.id 
_entity.type 
_entity.src_method 
_entity.pdbx_description 
_entity.formula_weight 
_entity.pdbx_number_of_molecules 
_entity.pdbx_ec 
_entity.pdbx_mutation 
_entity.pdbx_fragment 
_entity.details 
1 polymer     man 'Bromodomain-containing protein 4'                                                             16767.326 1   ? ? 
? ? 
2 non-polymer syn '4-[8-methoxy-2-methyl-1-(1-phenylethyl)imidazo[4,5-c]quinolin-7-yl]-3,5-dimethyl-1,2-oxazole' 412.484   1   ? ? 
? ? 
3 water       nat water                                                                                          18.015    171 ? ? 
? ? 
# 
_entity_name_com.entity_id   1 
_entity_name_com.name        'Protein HUNK1' 
# 
_entity_poly.entity_id                      1 
_entity_poly.type                           'polypeptide(L)' 
_entity_poly.nstd_linkage                   no 
_entity_poly.nstd_monomer                   no 
_entity_poly.pdbx_seq_one_letter_code       
;MKKGHHHHHHLVPRGSNPPPPETSNPNKPKRQTNQLQYLLRVVLKTLWKHQFAWPFQQPVDAVKLNLPDYYKIIKTPMDM
GTIKKRLENNYYWNAQECIQDFNTMFTNCYIYNKPGDDIVLMAEALEKLFLQKINELPTEE
;
_entity_poly.pdbx_seq_one_letter_code_can   
;MKKGHHHHHHLVPRGSNPPPPETSNPNKPKRQTNQLQYLLRVVLKTLWKHQFAWPFQQPVDAVKLNLPDYYKIIKTPMDM
GTIKKRLENNYYWNAQECIQDFNTMFTNCYIYNKPGDDIVLMAEALEKLFLQKINELPTEE
;
_entity_poly.pdbx_strand_id                 A 
_entity_poly.pdbx_target_identifier         ? 
# 
loop_
_pdbx_entity_nonpoly.entity_id 
_pdbx_entity_nonpoly.name 
_pdbx_entity_nonpoly.comp_id 
2 '4-[8-methoxy-2-methyl-1-(1-phenylethyl)imidazo[4,5-c]quinolin-7-yl]-3,5-dimethyl-1,2-oxazole' VFI 
3 water                                                                                          HOH 
# 
loop_
_entity_poly_seq.entity_id 
_entity_poly_seq.num 
_entity_poly_seq.mon_id 
_entity_poly_seq.hetero 
1 1   MET n 
1 2   LYS n 
1 3   LYS n 
1 4   GLY n 
1 5   HIS n 
1 6   HIS n 
1 7   HIS n 
1 8   HIS n 
1 9   HIS n 
1 10  HIS n 
1 11  LEU n 
1 12  VAL n 
1 13  PRO n 
1 14  ARG n 
1 15  GLY n 
1 16  SER n 
1 17  ASN n 
1 18  PRO n 
1 19  PRO n 
1 20  PRO n 
1 21  PRO n 
1 22  GLU n 
1 23  THR n 
1 24  SER n 
1 25  ASN n 
1 26  PRO n 
1 27  ASN n 
1 28  LYS n 
1 29  PRO n 
1 30  LYS n 
1 31  ARG n 
1 32  GLN n 
1 33  THR n 
1 34  ASN n 
1 35  GLN n 
1 36  LEU n 
1 37  GLN n 
1 38  TYR n 
1 39  LEU n 
1 40  LEU n 
1 41  ARG n 
1 42  VAL n 
1 43  VAL n 
1 44  LEU n 
1 45  LYS n 
1 46  THR n 
1 47  LEU n 
1 48  TRP n 
1 49  LYS n 
1 50  HIS n 
1 51  GLN n 
1 52  PHE n 
1 53  ALA n 
1 54  TRP n 
1 55  PRO n 
1 56  PHE n 
1 57  GLN n 
1 58  GLN n 
1 59  PRO n 
1 60  VAL n 
1 61  ASP n 
1 62  ALA n 
1 63  VAL n 
1 64  LYS n 
1 65  LEU n 
1 66  ASN n 
1 67  LEU n 
1 68  PRO n 
1 69  ASP n 
1 70  TYR n 
1 71  TYR n 
1 72  LYS n 
1 73  ILE n 
1 74  ILE n 
1 75  LYS n 
1 76  THR n 
1 77  PRO n 
1 78  MET n 
1 79  ASP n 
1 80  MET n 
1 81  GLY n 
1 82  THR n 
1 83  ILE n 
1 84  LYS n 
1 85  LYS n 
1 86  ARG n 
1 87  LEU n 
1 88  GLU n 
1 89  ASN n 
1 90  ASN n 
1 91  TYR n 
1 92  TYR n 
1 93  TRP n 
1 94  ASN n 
1 95  ALA n 
1 96  GLN n 
1 97  GLU n 
1 98  CYS n 
1 99  ILE n 
1 100 GLN n 
1 101 ASP n 
1 102 PHE n 
1 103 ASN n 
1 104 THR n 
1 105 MET n 
1 106 PHE n 
1 107 THR n 
1 108 ASN n 
1 109 CYS n 
1 110 TYR n 
1 111 ILE n 
1 112 TYR n 
1 113 ASN n 
1 114 LYS n 
1 115 PRO n 
1 116 GLY n 
1 117 ASP n 
1 118 ASP n 
1 119 ILE n 
1 120 VAL n 
1 121 LEU n 
1 122 MET n 
1 123 ALA n 
1 124 GLU n 
1 125 ALA n 
1 126 LEU n 
1 127 GLU n 
1 128 LYS n 
1 129 LEU n 
1 130 PHE n 
1 131 LEU n 
1 132 GLN n 
1 133 LYS n 
1 134 ILE n 
1 135 ASN n 
1 136 GLU n 
1 137 LEU n 
1 138 PRO n 
1 139 THR n 
1 140 GLU n 
1 141 GLU n 
# 
_entity_src_gen.entity_id                          1 
_entity_src_gen.pdbx_src_id                        1 
_entity_src_gen.pdbx_alt_source_flag               sample 
_entity_src_gen.pdbx_seq_type                      'Biological sequence' 
_entity_src_gen.pdbx_beg_seq_num                   1 
_entity_src_gen.pdbx_end_seq_num                   141 
_entity_src_gen.gene_src_common_name               human 
_entity_src_gen.gene_src_genus                     ? 
_entity_src_gen.pdbx_gene_src_gene                 'BRD4, HUNK1' 
_entity_src_gen.gene_src_species                   ? 
_entity_src_gen.gene_src_strain                    ? 
_entity_src_gen.gene_src_tissue                    ? 
_entity_src_gen.gene_src_tissue_fraction           ? 
_entity_src_gen.gene_src_details                   ? 
_entity_src_gen.pdbx_gene_src_fragment             ? 
_entity_src_gen.pdbx_gene_src_scientific_name      'Homo sapiens' 
_entity_src_gen.pdbx_gene_src_ncbi_taxonomy_id     9606 
_entity_src_gen.pdbx_gene_src_variant              ? 
_entity_src_gen.pdbx_gene_src_cell_line            ? 
_entity_src_gen.pdbx_gene_src_atcc                 ? 
_entity_src_gen.pdbx_gene_src_organ                ? 
_entity_src_gen.pdbx_gene_src_organelle            ? 
_entity_src_gen.pdbx_gene_src_cell                 ? 
_entity_src_gen.pdbx_gene_src_cellular_location    ? 
_entity_src_gen.host_org_common_name               ? 
_entity_src_gen.pdbx_host_org_scientific_name      'Escherichia coli' 
_entity_src_gen.pdbx_host_org_ncbi_taxonomy_id     562 
_entity_src_gen.host_org_genus                     ? 
_entity_src_gen.pdbx_host_org_gene                 ? 
_entity_src_gen.pdbx_host_org_organ                ? 
_entity_src_gen.host_org_species                   ? 
_entity_src_gen.pdbx_host_org_tissue               ? 
_entity_src_gen.pdbx_host_org_tissue_fraction      ? 
_entity_src_gen.pdbx_host_org_strain               ? 
_entity_src_gen.pdbx_host_org_variant              ? 
_entity_src_gen.pdbx_host_org_cell_line            ? 
_entity_src_gen.pdbx_host_org_atcc                 ? 
_entity_src_gen.pdbx_host_org_culture_collection   ? 
_entity_src_gen.pdbx_host_org_cell                 ? 
_entity_src_gen.pdbx_host_org_organelle            ? 
_entity_src_gen.pdbx_host_org_cellular_location    ? 
_entity_src_gen.pdbx_host_org_vector_type          ? 
_entity_src_gen.pdbx_host_org_vector               ? 
_entity_src_gen.host_org_details                   ? 
_entity_src_gen.expression_system_id               ? 
_entity_src_gen.plasmid_name                       ? 
_entity_src_gen.plasmid_details                    ? 
_entity_src_gen.pdbx_description                   ? 
# 
loop_
_chem_comp.id 
_chem_comp.type 
_chem_comp.mon_nstd_flag 
_chem_comp.name 
_chem_comp.pdbx_synonyms 
_chem_comp.formula 
_chem_comp.formula_weight 
ALA 'L-peptide linking' y ALANINE                                                                                        ? 
'C3 H7 N O2'     89.093  
ARG 'L-peptide linking' y ARGININE                                                                                       ? 
'C6 H15 N4 O2 1' 175.209 
ASN 'L-peptide linking' y ASPARAGINE                                                                                     ? 
'C4 H8 N2 O3'    132.118 
ASP 'L-peptide linking' y 'ASPARTIC ACID'                                                                                ? 
'C4 H7 N O4'     133.103 
CYS 'L-peptide linking' y CYSTEINE                                                                                       ? 
'C3 H7 N O2 S'   121.158 
GLN 'L-peptide linking' y GLUTAMINE                                                                                      ? 
'C5 H10 N2 O3'   146.144 
GLU 'L-peptide linking' y 'GLUTAMIC ACID'                                                                                ? 
'C5 H9 N O4'     147.129 
GLY 'peptide linking'   y GLYCINE                                                                                        ? 
'C2 H5 N O2'     75.067  
HIS 'L-peptide linking' y HISTIDINE                                                                                      ? 
'C6 H10 N3 O2 1' 156.162 
HOH non-polymer         . WATER                                                                                          ? 'H2 O' 
18.015  
ILE 'L-peptide linking' y ISOLEUCINE                                                                                     ? 
'C6 H13 N O2'    131.173 
LEU 'L-peptide linking' y LEUCINE                                                                                        ? 
'C6 H13 N O2'    131.173 
LYS 'L-peptide linking' y LYSINE                                                                                         ? 
'C6 H15 N2 O2 1' 147.195 
MET 'L-peptide linking' y METHIONINE                                                                                     ? 
'C5 H11 N O2 S'  149.211 
PHE 'L-peptide linking' y PHENYLALANINE                                                                                  ? 
'C9 H11 N O2'    165.189 
PRO 'L-peptide linking' y PROLINE                                                                                        ? 
'C5 H9 N O2'     115.130 
SER 'L-peptide linking' y SERINE                                                                                         ? 
'C3 H7 N O3'     105.093 
THR 'L-peptide linking' y THREONINE                                                                                      ? 
'C4 H9 N O3'     119.119 
TRP 'L-peptide linking' y TRYPTOPHAN                                                                                     ? 
'C11 H12 N2 O2'  204.225 
TYR 'L-peptide linking' y TYROSINE                                                                                       ? 
'C9 H11 N O3'    181.189 
VAL 'L-peptide linking' y VALINE                                                                                         ? 
'C5 H11 N O2'    117.146 
VFI non-polymer         . '4-[8-methoxy-2-methyl-1-(1-phenylethyl)imidazo[4,5-c]quinolin-7-yl]-3,5-dimethyl-1,2-oxazole' ? 
'C25 H24 N4 O2'  412.484 
# 
loop_
_pdbx_poly_seq_scheme.asym_id 
_pdbx_poly_seq_scheme.entity_id 
_pdbx_poly_seq_scheme.seq_id 
_pdbx_poly_seq_scheme.mon_id 
_pdbx_poly_seq_scheme.ndb_seq_num 
_pdbx_poly_seq_scheme.pdb_seq_num 
_pdbx_poly_seq_scheme.auth_seq_num 
_pdbx_poly_seq_scheme.pdb_mon_id 
_pdbx_poly_seq_scheme.auth_mon_id 
_pdbx_poly_seq_scheme.pdb_strand_id 
_pdbx_poly_seq_scheme.pdb_ins_code 
_pdbx_poly_seq_scheme.hetero 
A 1 1   MET 1   28  ?   ?   ?   A . n 
A 1 2   LYS 2   29  ?   ?   ?   A . n 
A 1 3   LYS 3   30  ?   ?   ?   A . n 
A 1 4   GLY 4   31  ?   ?   ?   A . n 
A 1 5   HIS 5   32  ?   ?   ?   A . n 
A 1 6   HIS 6   33  ?   ?   ?   A . n 
A 1 7   HIS 7   34  ?   ?   ?   A . n 
A 1 8   HIS 8   35  ?   ?   ?   A . n 
A 1 9   HIS 9   36  ?   ?   ?   A . n 
A 1 10  HIS 10  37  ?   ?   ?   A . n 
A 1 11  LEU 11  38  38  LEU LEU A . n 
A 1 12  VAL 12  39  39  VAL VAL A . n 
A 1 13  PRO 13  40  40  PRO PRO A . n 
A 1 14  ARG 14  41  41  ARG ARG A . n 
A 1 15  GLY 15  42  42  GLY GLY A . n 
A 1 16  SER 16  43  43  SER SER A . n 
A 1 17  ASN 17  44  44  ASN ASN A . n 
A 1 18  PRO 18  45  45  PRO PRO A . n 
A 1 19  PRO 19  46  46  PRO PRO A . n 
A 1 20  PRO 20  47  47  PRO PRO A . n 
A 1 21  PRO 21  48  48  PRO PRO A . n 
A 1 22  GLU 22  49  49  GLU GLU A . n 
A 1 23  THR 23  50  50  THR THR A . n 
A 1 24  SER 24  51  51  SER SER A . n 
A 1 25  ASN 25  52  52  ASN ASN A . n 
A 1 26  PRO 26  53  53  PRO PRO A . n 
A 1 27  ASN 27  54  54  ASN ASN A . n 
A 1 28  LYS 28  55  55  LYS LYS A . n 
A 1 29  PRO 29  56  56  PRO PRO A . n 
A 1 30  LYS 30  57  57  LYS LYS A . n 
A 1 31  ARG 31  58  58  ARG ARG A . n 
A 1 32  GLN 32  59  59  GLN GLN A . n 
A 1 33  THR 33  60  60  THR THR A . n 
A 1 34  ASN 34  61  61  ASN ASN A . n 
A 1 35  GLN 35  62  62  GLN GLN A . n 
A 1 36  LEU 36  63  63  LEU LEU A . n 
A 1 37  GLN 37  64  64  GLN GLN A . n 
A 1 38  TYR 38  65  65  TYR TYR A . n 
A 1 39  LEU 39  66  66  LEU LEU A . n 
A 1 40  LEU 40  67  67  LEU LEU A . n 
A 1 41  ARG 41  68  68  ARG ARG A . n 
A 1 42  VAL 42  69  69  VAL VAL A . n 
A 1 43  VAL 43  70  70  VAL VAL A . n 
A 1 44  LEU 44  71  71  LEU LEU A . n 
A 1 45  LYS 45  72  72  LYS LYS A . n 
A 1 46  THR 46  73  73  THR THR A . n 
A 1 47  LEU 47  74  74  LEU LEU A . n 
A 1 48  TRP 48  75  75  TRP TRP A . n 
A 1 49  LYS 49  76  76  LYS LYS A . n 
A 1 50  HIS 50  77  77  HIS HIS A . n 
A 1 51  GLN 51  78  78  GLN GLN A . n 
A 1 52  PHE 52  79  79  PHE PHE A . n 
A 1 53  ALA 53  80  80  ALA ALA A . n 
A 1 54  TRP 54  81  81  TRP TRP A . n 
A 1 55  PRO 55  82  82  PRO PRO A . n 
A 1 56  PHE 56  83  83  PHE PHE A . n 
A 1 57  GLN 57  84  84  GLN GLN A . n 
A 1 58  GLN 58  85  85  GLN GLN A . n 
A 1 59  PRO 59  86  86  PRO PRO A . n 
A 1 60  VAL 60  87  87  VAL VAL A . n 
A 1 61  ASP 61  88  88  ASP ASP A . n 
A 1 62  ALA 62  89  89  ALA ALA A . n 
A 1 63  VAL 63  90  90  VAL VAL A . n 
A 1 64  LYS 64  91  91  LYS LYS A . n 
A 1 65  LEU 65  92  92  LEU LEU A . n 
A 1 66  ASN 66  93  93  ASN ASN A . n 
A 1 67  LEU 67  94  94  LEU LEU A . n 
A 1 68  PRO 68  95  95  PRO PRO A . n 
A 1 69  ASP 69  96  96  ASP ASP A . n 
A 1 70  TYR 70  97  97  TYR TYR A . n 
A 1 71  TYR 71  98  98  TYR TYR A . n 
A 1 72  LYS 72  99  99  LYS LYS A . n 
A 1 73  ILE 73  100 100 ILE ILE A . n 
A 1 74  ILE 74  101 101 ILE ILE A . n 
A 1 75  LYS 75  102 102 LYS LYS A . n 
A 1 76  THR 76  103 103 THR THR A . n 
A 1 77  PRO 77  104 104 PRO PRO A . n 
A 1 78  MET 78  105 105 MET MET A . n 
A 1 79  ASP 79  106 106 ASP ASP A . n 
A 1 80  MET 80  107 107 MET MET A . n 
A 1 81  GLY 81  108 108 GLY GLY A . n 
A 1 82  THR 82  109 109 THR THR A . n 
A 1 83  ILE 83  110 110 ILE ILE A . n 
A 1 84  LYS 84  111 111 LYS LYS A . n 
A 1 85  LYS 85  112 112 LYS LYS A . n 
A 1 86  ARG 86  113 113 ARG ARG A . n 
A 1 87  LEU 87  114 114 LEU LEU A . n 
A 1 88  GLU 88  115 115 GLU GLU A . n 
A 1 89  ASN 89  116 116 ASN ASN A . n 
A 1 90  ASN 90  117 117 ASN ASN A . n 
A 1 91  TYR 91  118 118 TYR TYR A . n 
A 1 92  TYR 92  119 119 TYR TYR A . n 
A 1 93  TRP 93  120 120 TRP TRP A . n 
A 1 94  ASN 94  121 121 ASN ASN A . n 
A 1 95  ALA 95  122 122 ALA ALA A . n 
A 1 96  GLN 96  123 123 GLN GLN A . n 
A 1 97  GLU 97  124 124 GLU GLU A . n 
A 1 98  CYS 98  125 125 CYS CYS A . n 
A 1 99  ILE 99  126 126 ILE ILE A . n 
A 1 100 GLN 100 127 127 GLN GLN A . n 
A 1 101 ASP 101 128 128 ASP ASP A . n 
A 1 102 PHE 102 129 129 PHE PHE A . n 
A 1 103 ASN 103 130 130 ASN ASN A . n 
A 1 104 THR 104 131 131 THR THR A . n 
A 1 105 MET 105 132 132 MET MET A . n 
A 1 106 PHE 106 133 133 PHE PHE A . n 
A 1 107 THR 107 134 134 THR THR A . n 
A 1 108 ASN 108 135 135 ASN ASN A . n 
A 1 109 CYS 109 136 136 CYS CYS A . n 
A 1 110 TYR 110 137 137 TYR TYR A . n 
A 1 111 ILE 111 138 138 ILE ILE A . n 
A 1 112 TYR 112 139 139 TYR TYR A . n 
A 1 113 ASN 113 140 140 ASN ASN A . n 
A 1 114 LYS 114 141 141 LYS LYS A . n 
A 1 115 PRO 115 142 142 PRO PRO A . n 
A 1 116 GLY 116 143 143 GLY GLY A . n 
A 1 117 ASP 117 144 144 ASP ASP A . n 
A 1 118 ASP 118 145 145 ASP ASP A . n 
A 1 119 ILE 119 146 146 ILE ILE A . n 
A 1 120 VAL 120 147 147 VAL VAL A . n 
A 1 121 LEU 121 148 148 LEU LEU A . n 
A 1 122 MET 122 149 149 MET MET A . n 
A 1 123 ALA 123 150 150 ALA ALA A . n 
A 1 124 GLU 124 151 151 GLU GLU A . n 
A 1 125 ALA 125 152 152 ALA ALA A . n 
A 1 126 LEU 126 153 153 LEU LEU A . n 
A 1 127 GLU 127 154 154 GLU GLU A . n 
A 1 128 LYS 128 155 155 LYS LYS A . n 
A 1 129 LEU 129 156 156 LEU LEU A . n 
A 1 130 PHE 130 157 157 PHE PHE A . n 
A 1 131 LEU 131 158 158 LEU LEU A . n 
A 1 132 GLN 132 159 159 GLN GLN A . n 
A 1 133 LYS 133 160 160 LYS LYS A . n 
A 1 134 ILE 134 161 161 ILE ILE A . n 
A 1 135 ASN 135 162 162 ASN ASN A . n 
A 1 136 GLU 136 163 163 GLU GLU A . n 
A 1 137 LEU 137 164 164 LEU LEU A . n 
A 1 138 PRO 138 165 165 PRO PRO A . n 
A 1 139 THR 139 166 166 THR THR A . n 
A 1 140 GLU 140 167 167 GLU GLU A . n 
A 1 141 GLU 141 168 168 GLU GLU A . n 
# 
loop_
_pdbx_nonpoly_scheme.asym_id 
_pdbx_nonpoly_scheme.entity_id 
_pdbx_nonpoly_scheme.mon_id 
_pdbx_nonpoly_scheme.ndb_seq_num 
_pdbx_nonpoly_scheme.pdb_seq_num 
_pdbx_nonpoly_scheme.auth_seq_num 
_pdbx_nonpoly_scheme.pdb_mon_id 
_pdbx_nonpoly_scheme.auth_mon_id 
_pdbx_nonpoly_scheme.pdb_strand_id 
_pdbx_nonpoly_scheme.pdb_ins_code 
B 2 VFI 1   201 473 VFI VFI A . 
C 3 HOH 1   301 301 HOH HOH A . 
C 3 HOH 2   302 302 HOH HOH A . 
C 3 HOH 3   303 303 HOH HOH A . 
C 3 HOH 4   304 304 HOH HOH A . 
C 3 HOH 5   305 305 HOH HOH A . 
C 3 HOH 6   306 306 HOH HOH A . 
C 3 HOH 7   307 307 HOH HOH A . 
C 3 HOH 8   308 308 HOH HOH A . 
C 3 HOH 9   309 309 HOH HOH A . 
C 3 HOH 10  310 310 HOH HOH A . 
C 3 HOH 11  311 311 HOH HOH A . 
C 3 HOH 12  312 317 HOH HOH A . 
C 3 HOH 13  313 312 HOH HOH A . 
C 3 HOH 14  314 313 HOH HOH A . 
C 3 HOH 15  315 315 HOH HOH A . 
C 3 HOH 16  316 314 HOH HOH A . 
C 3 HOH 17  317 316 HOH HOH A . 
C 3 HOH 18  318 318 HOH HOH A . 
C 3 HOH 19  319 319 HOH HOH A . 
C 3 HOH 20  320 320 HOH HOH A . 
C 3 HOH 21  321 322 HOH HOH A . 
C 3 HOH 22  322 321 HOH HOH A . 
C 3 HOH 23  323 324 HOH HOH A . 
C 3 HOH 24  324 325 HOH HOH A . 
C 3 HOH 25  325 323 HOH HOH A . 
C 3 HOH 26  326 327 HOH HOH A . 
C 3 HOH 27  327 329 HOH HOH A . 
C 3 HOH 28  328 326 HOH HOH A . 
C 3 HOH 29  329 328 HOH HOH A . 
C 3 HOH 30  330 331 HOH HOH A . 
C 3 HOH 31  331 330 HOH HOH A . 
C 3 HOH 32  332 334 HOH HOH A . 
C 3 HOH 33  333 333 HOH HOH A . 
C 3 HOH 34  334 332 HOH HOH A . 
C 3 HOH 35  335 336 HOH HOH A . 
C 3 HOH 36  336 337 HOH HOH A . 
C 3 HOH 37  337 335 HOH HOH A . 
C 3 HOH 38  338 338 HOH HOH A . 
C 3 HOH 39  339 339 HOH HOH A . 
C 3 HOH 40  340 340 HOH HOH A . 
C 3 HOH 41  341 343 HOH HOH A . 
C 3 HOH 42  342 347 HOH HOH A . 
C 3 HOH 43  343 341 HOH HOH A . 
C 3 HOH 44  344 342 HOH HOH A . 
C 3 HOH 45  345 346 HOH HOH A . 
C 3 HOH 46  346 345 HOH HOH A . 
C 3 HOH 47  347 348 HOH HOH A . 
C 3 HOH 48  348 349 HOH HOH A . 
C 3 HOH 49  349 352 HOH HOH A . 
C 3 HOH 50  350 353 HOH HOH A . 
C 3 HOH 51  351 350 HOH HOH A . 
C 3 HOH 52  352 354 HOH HOH A . 
C 3 HOH 53  353 355 HOH HOH A . 
C 3 HOH 54  354 344 HOH HOH A . 
C 3 HOH 55  355 356 HOH HOH A . 
C 3 HOH 56  356 359 HOH HOH A . 
C 3 HOH 57  357 360 HOH HOH A . 
C 3 HOH 58  358 361 HOH HOH A . 
C 3 HOH 59  359 351 HOH HOH A . 
C 3 HOH 60  360 358 HOH HOH A . 
C 3 HOH 61  361 362 HOH HOH A . 
C 3 HOH 62  362 364 HOH HOH A . 
C 3 HOH 63  363 366 HOH HOH A . 
C 3 HOH 64  364 365 HOH HOH A . 
C 3 HOH 65  365 357 HOH HOH A . 
C 3 HOH 66  366 368 HOH HOH A . 
C 3 HOH 67  367 363 HOH HOH A . 
C 3 HOH 68  368 370 HOH HOH A . 
C 3 HOH 69  369 367 HOH HOH A . 
C 3 HOH 70  370 369 HOH HOH A . 
C 3 HOH 71  371 373 HOH HOH A . 
C 3 HOH 72  372 371 HOH HOH A . 
C 3 HOH 73  373 375 HOH HOH A . 
C 3 HOH 74  374 374 HOH HOH A . 
C 3 HOH 75  375 372 HOH HOH A . 
C 3 HOH 76  376 376 HOH HOH A . 
C 3 HOH 77  377 379 HOH HOH A . 
C 3 HOH 78  378 377 HOH HOH A . 
C 3 HOH 79  379 378 HOH HOH A . 
C 3 HOH 80  380 380 HOH HOH A . 
C 3 HOH 81  381 381 HOH HOH A . 
C 3 HOH 82  382 382 HOH HOH A . 
C 3 HOH 83  383 383 HOH HOH A . 
C 3 HOH 84  384 387 HOH HOH A . 
C 3 HOH 85  385 385 HOH HOH A . 
C 3 HOH 86  386 386 HOH HOH A . 
C 3 HOH 87  387 384 HOH HOH A . 
C 3 HOH 88  388 389 HOH HOH A . 
C 3 HOH 89  389 388 HOH HOH A . 
C 3 HOH 90  390 390 HOH HOH A . 
C 3 HOH 91  391 391 HOH HOH A . 
C 3 HOH 92  392 393 HOH HOH A . 
C 3 HOH 93  393 394 HOH HOH A . 
C 3 HOH 94  394 410 HOH HOH A . 
C 3 HOH 95  395 392 HOH HOH A . 
C 3 HOH 96  396 397 HOH HOH A . 
C 3 HOH 97  397 398 HOH HOH A . 
C 3 HOH 98  398 396 HOH HOH A . 
C 3 HOH 99  399 395 HOH HOH A . 
C 3 HOH 100 400 401 HOH HOH A . 
C 3 HOH 101 401 402 HOH HOH A . 
C 3 HOH 102 402 404 HOH HOH A . 
C 3 HOH 103 403 400 HOH HOH A . 
C 3 HOH 104 404 399 HOH HOH A . 
C 3 HOH 105 405 403 HOH HOH A . 
C 3 HOH 106 406 405 HOH HOH A . 
C 3 HOH 107 407 407 HOH HOH A . 
C 3 HOH 108 408 408 HOH HOH A . 
C 3 HOH 109 409 409 HOH HOH A . 
C 3 HOH 110 410 411 HOH HOH A . 
C 3 HOH 111 411 412 HOH HOH A . 
C 3 HOH 112 412 413 HOH HOH A . 
C 3 HOH 113 413 415 HOH HOH A . 
C 3 HOH 114 414 416 HOH HOH A . 
C 3 HOH 115 415 418 HOH HOH A . 
C 3 HOH 116 416 414 HOH HOH A . 
C 3 HOH 117 417 417 HOH HOH A . 
C 3 HOH 118 418 419 HOH HOH A . 
C 3 HOH 119 419 420 HOH HOH A . 
C 3 HOH 120 420 423 HOH HOH A . 
C 3 HOH 121 421 421 HOH HOH A . 
C 3 HOH 122 422 422 HOH HOH A . 
C 3 HOH 123 423 424 HOH HOH A . 
C 3 HOH 124 424 425 HOH HOH A . 
C 3 HOH 125 425 427 HOH HOH A . 
C 3 HOH 126 426 426 HOH HOH A . 
C 3 HOH 127 427 428 HOH HOH A . 
C 3 HOH 128 428 429 HOH HOH A . 
C 3 HOH 129 429 431 HOH HOH A . 
C 3 HOH 130 430 430 HOH HOH A . 
C 3 HOH 131 431 432 HOH HOH A . 
C 3 HOH 132 432 433 HOH HOH A . 
C 3 HOH 133 433 434 HOH HOH A . 
C 3 HOH 134 434 436 HOH HOH A . 
C 3 HOH 135 435 435 HOH HOH A . 
C 3 HOH 136 436 437 HOH HOH A . 
C 3 HOH 137 437 438 HOH HOH A . 
C 3 HOH 138 438 439 HOH HOH A . 
C 3 HOH 139 439 440 HOH HOH A . 
C 3 HOH 140 440 441 HOH HOH A . 
C 3 HOH 141 441 442 HOH HOH A . 
C 3 HOH 142 442 443 HOH HOH A . 
C 3 HOH 143 443 444 HOH HOH A . 
C 3 HOH 144 444 445 HOH HOH A . 
C 3 HOH 145 445 447 HOH HOH A . 
C 3 HOH 146 446 446 HOH HOH A . 
C 3 HOH 147 447 448 HOH HOH A . 
C 3 HOH 148 448 449 HOH HOH A . 
C 3 HOH 149 449 451 HOH HOH A . 
C 3 HOH 150 450 450 HOH HOH A . 
C 3 HOH 151 451 453 HOH HOH A . 
C 3 HOH 152 452 452 HOH HOH A . 
C 3 HOH 153 453 454 HOH HOH A . 
C 3 HOH 154 454 455 HOH HOH A . 
C 3 HOH 155 455 456 HOH HOH A . 
C 3 HOH 156 456 457 HOH HOH A . 
C 3 HOH 157 457 458 HOH HOH A . 
C 3 HOH 158 458 459 HOH HOH A . 
C 3 HOH 159 459 460 HOH HOH A . 
C 3 HOH 160 460 461 HOH HOH A . 
C 3 HOH 161 461 462 HOH HOH A . 
C 3 HOH 162 462 463 HOH HOH A . 
C 3 HOH 163 463 464 HOH HOH A . 
C 3 HOH 164 464 465 HOH HOH A . 
C 3 HOH 165 465 466 HOH HOH A . 
C 3 HOH 166 466 467 HOH HOH A . 
C 3 HOH 167 467 468 HOH HOH A . 
C 3 HOH 168 468 469 HOH HOH A . 
C 3 HOH 169 469 470 HOH HOH A . 
C 3 HOH 170 470 471 HOH HOH A . 
C 3 HOH 171 471 472 HOH HOH A . 
# 
loop_
_software.citation_id 
_software.classification 
_software.compiler_name 
_software.compiler_version 
_software.contact_author 
_software.contact_author_email 
_software.date 
_software.description 
_software.dependencies 
_software.hardware 
_software.language 
_software.location 
_software.mods 
_software.name 
_software.os 
_software.os_version 
_software.type 
_software.version 
_software.pdbx_ordinal 
? refinement       ? ? ? ? ? ? ? ? ? ? ? REFMAC  ? ? ? 5.8.0189 1 
? 'data scaling'   ? ? ? ? ? ? ? ? ? ? ? Aimless ? ? ? .        2 
? 'data reduction' ? ? ? ? ? ? ? ? ? ? ? iMOSFLM ? ? ? .        3 
? phasing          ? ? ? ? ? ? ? ? ? ? ? MOLREP  ? ? ? .        4 
# 
_cell.angle_alpha                  90.00 
_cell.angle_alpha_esd              ? 
_cell.angle_beta                   90.00 
_cell.angle_beta_esd               ? 
_cell.angle_gamma                  90.00 
_cell.angle_gamma_esd              ? 
_cell.entry_id                     8K14 
_cell.details                      ? 
_cell.formula_units_Z              ? 
_cell.length_a                     38.400 
_cell.length_a_esd                 ? 
_cell.length_b                     42.380 
_cell.length_b_esd                 ? 
_cell.length_c                     90.940 
_cell.length_c_esd                 ? 
_cell.volume                       ? 
_cell.volume_esd                   ? 
_cell.Z_PDB                        4 
_cell.reciprocal_angle_alpha       ? 
_cell.reciprocal_angle_beta        ? 
_cell.reciprocal_angle_gamma       ? 
_cell.reciprocal_angle_alpha_esd   ? 
_cell.reciprocal_angle_beta_esd    ? 
_cell.reciprocal_angle_gamma_esd   ? 
_cell.reciprocal_length_a          ? 
_cell.reciprocal_length_b          ? 
_cell.reciprocal_length_c          ? 
_cell.reciprocal_length_a_esd      ? 
_cell.reciprocal_length_b_esd      ? 
_cell.reciprocal_length_c_esd      ? 
_cell.pdbx_unique_axis             ? 
_cell.pdbx_esd_method              ? 
# 
_symmetry.entry_id                         8K14 
_symmetry.cell_setting                     ? 
_symmetry.Int_Tables_number                19 
_symmetry.space_group_name_Hall            ? 
_symmetry.space_group_name_H-M             'P 21 21 21' 
_symmetry.pdbx_full_space_group_name_H-M   ? 
# 
_exptl.absorpt_coefficient_mu     ? 
_exptl.absorpt_correction_T_max   ? 
_exptl.absorpt_correction_T_min   ? 
_exptl.absorpt_correction_type    ? 
_exptl.absorpt_process_details    ? 
_exptl.entry_id                   8K14 
_exptl.crystals_number            1 
_exptl.details                    ? 
_exptl.method                     'X-RAY DIFFRACTION' 
_exptl.method_details             ? 
# 
_exptl_crystal.colour                       ? 
_exptl_crystal.density_diffrn               ? 
_exptl_crystal.density_Matthews             2.21 
_exptl_crystal.density_method               ? 
_exptl_crystal.density_percent_sol          44.26 
_exptl_crystal.description                  ? 
_exptl_crystal.F_000                        ? 
_exptl_crystal.id                           1 
_exptl_crystal.preparation                  ? 
_exptl_crystal.size_max                     ? 
_exptl_crystal.size_mid                     ? 
_exptl_crystal.size_min                     ? 
_exptl_crystal.size_rad                     ? 
_exptl_crystal.colour_lustre                ? 
_exptl_crystal.colour_modifier              ? 
_exptl_crystal.colour_primary               ? 
_exptl_crystal.density_meas                 ? 
_exptl_crystal.density_meas_esd             ? 
_exptl_crystal.density_meas_gt              ? 
_exptl_crystal.density_meas_lt              ? 
_exptl_crystal.density_meas_temp            ? 
_exptl_crystal.density_meas_temp_esd        ? 
_exptl_crystal.density_meas_temp_gt         ? 
_exptl_crystal.density_meas_temp_lt         ? 
_exptl_crystal.pdbx_crystal_image_url       ? 
_exptl_crystal.pdbx_crystal_image_format    ? 
_exptl_crystal.pdbx_mosaicity               ? 
_exptl_crystal.pdbx_mosaicity_esd           ? 
_exptl_crystal.pdbx_mosaic_method           ? 
_exptl_crystal.pdbx_mosaic_block_size       ? 
_exptl_crystal.pdbx_mosaic_block_size_esd   ? 
# 
_exptl_crystal_grow.apparatus       ? 
_exptl_crystal_grow.atmosphere      ? 
_exptl_crystal_grow.crystal_id      1 
_exptl_crystal_grow.details         ? 
_exptl_crystal_grow.method          'VAPOR DIFFUSION, HANGING DROP' 
_exptl_crystal_grow.method_ref      ? 
_exptl_crystal_grow.pH              7.5 
_exptl_crystal_grow.pressure        ? 
_exptl_crystal_grow.pressure_esd    ? 
_exptl_crystal_grow.seeding         ? 
_exptl_crystal_grow.seeding_ref     ? 
_exptl_crystal_grow.temp_details    ? 
_exptl_crystal_grow.temp_esd        ? 
_exptl_crystal_grow.time            ? 
_exptl_crystal_grow.pdbx_details    '0.1 M HEPES pH 7.5, 2.0 M Ammonium sulfate' 
_exptl_crystal_grow.pdbx_pH_range   ? 
_exptl_crystal_grow.temp            277 
# 
_diffrn.ambient_environment              ? 
_diffrn.ambient_temp                     80 
_diffrn.ambient_temp_details             ? 
_diffrn.ambient_temp_esd                 ? 
_diffrn.crystal_id                       1 
_diffrn.crystal_support                  ? 
_diffrn.crystal_treatment                ? 
_diffrn.details                          ? 
_diffrn.id                               1 
_diffrn.ambient_pressure                 ? 
_diffrn.ambient_pressure_esd             ? 
_diffrn.ambient_pressure_gt              ? 
_diffrn.ambient_pressure_lt              ? 
_diffrn.ambient_temp_gt                  ? 
_diffrn.ambient_temp_lt                  ? 
_diffrn.pdbx_serial_crystal_experiment   N 
# 
_diffrn_detector.details                      ? 
_diffrn_detector.detector                     PIXEL 
_diffrn_detector.diffrn_id                    1 
_diffrn_detector.type                         'DECTRIS PILATUS3 6M' 
_diffrn_detector.area_resol_mean              ? 
_diffrn_detector.dtime                        ? 
_diffrn_detector.pdbx_frames_total            ? 
_diffrn_detector.pdbx_collection_time_total   ? 
_diffrn_detector.pdbx_collection_date         2023-04-23 
_diffrn_detector.pdbx_frequency               ? 
_diffrn_detector.id                           ? 
_diffrn_detector.number_of_axes               ? 
# 
_diffrn_radiation.collimation                      ? 
_diffrn_radiation.diffrn_id                        1 
_diffrn_radiation.filter_edge                      ? 
_diffrn_radiation.inhomogeneity                    ? 
_diffrn_radiation.monochromator                    ? 
_diffrn_radiation.polarisn_norm                    ? 
_diffrn_radiation.polarisn_ratio                   ? 
_diffrn_radiation.probe                            ? 
_diffrn_radiation.type                             ? 
_diffrn_radiation.xray_symbol                      ? 
_diffrn_radiation.wavelength_id                    1 
_diffrn_radiation.pdbx_monochromatic_or_laue_m_l   M 
_diffrn_radiation.pdbx_wavelength_list             ? 
_diffrn_radiation.pdbx_wavelength                  ? 
_diffrn_radiation.pdbx_diffrn_protocol             'SINGLE WAVELENGTH' 
_diffrn_radiation.pdbx_analyzer                    ? 
_diffrn_radiation.pdbx_scattering_type             x-ray 
# 
_diffrn_radiation_wavelength.id           1 
_diffrn_radiation_wavelength.wavelength   0.97853 
_diffrn_radiation_wavelength.wt           1.0 
# 
_diffrn_source.current                     ? 
_diffrn_source.details                     ? 
_diffrn_source.diffrn_id                   1 
_diffrn_source.power                       ? 
_diffrn_source.size                        ? 
_diffrn_source.source                      SYNCHROTRON 
_diffrn_source.target                      ? 
_diffrn_source.type                        'SSRF BEAMLINE BL19U1' 
_diffrn_source.voltage                     ? 
_diffrn_source.take-off_angle              ? 
_diffrn_source.pdbx_wavelength_list        0.97853 
_diffrn_source.pdbx_wavelength             ? 
_diffrn_source.pdbx_synchrotron_beamline   BL19U1 
_diffrn_source.pdbx_synchrotron_site       SSRF 
# 
_reflns.B_iso_Wilson_estimate                          ? 
_reflns.entry_id                                       8K14 
_reflns.data_reduction_details                         ? 
_reflns.data_reduction_method                          ? 
_reflns.d_resolution_high                              1.28 
_reflns.d_resolution_low                               45.47 
_reflns.details                                        ? 
_reflns.limit_h_max                                    ? 
_reflns.limit_h_min                                    ? 
_reflns.limit_k_max                                    ? 
_reflns.limit_k_min                                    ? 
_reflns.limit_l_max                                    ? 
_reflns.limit_l_min                                    ? 
_reflns.number_all                                     ? 
_reflns.number_obs                                     38973 
_reflns.observed_criterion                             ? 
_reflns.observed_criterion_F_max                       ? 
_reflns.observed_criterion_F_min                       ? 
_reflns.observed_criterion_I_max                       ? 
_reflns.observed_criterion_I_min                       ? 
_reflns.observed_criterion_sigma_F                     ? 
_reflns.observed_criterion_sigma_I                     ? 
_reflns.percent_possible_obs                           99.7 
_reflns.R_free_details                                 ? 
_reflns.Rmerge_F_all                                   ? 
_reflns.Rmerge_F_obs                                   ? 
_reflns.Friedel_coverage                               ? 
_reflns.number_gt                                      ? 
_reflns.threshold_expression                           ? 
_reflns.pdbx_redundancy                                9.7 
_reflns.pdbx_netI_over_av_sigmaI                       ? 
_reflns.pdbx_netI_over_sigmaI                          19.9 
_reflns.pdbx_res_netI_over_av_sigmaI_2                 ? 
_reflns.pdbx_res_netI_over_sigmaI_2                    ? 
_reflns.pdbx_chi_squared                               ? 
_reflns.pdbx_scaling_rejects                           ? 
_reflns.pdbx_d_res_high_opt                            ? 
_reflns.pdbx_d_res_low_opt                             ? 
_reflns.pdbx_d_res_opt_method                          ? 
_reflns.phase_calculation_details                      ? 
_reflns.pdbx_Rrim_I_all                                0.062 
_reflns.pdbx_Rpim_I_all                                0.019 
_reflns.pdbx_d_opt                                     ? 
_reflns.pdbx_number_measured_all                       379045 
_reflns.pdbx_diffrn_id                                 1 
_reflns.pdbx_ordinal                                   1 
_reflns.pdbx_CC_half                                   0.999 
_reflns.pdbx_CC_star                                   ? 
_reflns.pdbx_R_split                                   ? 
_reflns.pdbx_Rmerge_I_obs                              0.059 
_reflns.pdbx_Rmerge_I_all                              ? 
_reflns.pdbx_Rsym_value                                ? 
_reflns.pdbx_CC_split_method                           ? 
_reflns.pdbx_aniso_diffraction_limit_axis_1_ortho[1]   ? 
_reflns.pdbx_aniso_diffraction_limit_axis_1_ortho[2]   ? 
_reflns.pdbx_aniso_diffraction_limit_axis_1_ortho[3]   ? 
_reflns.pdbx_aniso_diffraction_limit_axis_2_ortho[1]   ? 
_reflns.pdbx_aniso_diffraction_limit_axis_2_ortho[2]   ? 
_reflns.pdbx_aniso_diffraction_limit_axis_2_ortho[3]   ? 
_reflns.pdbx_aniso_diffraction_limit_axis_3_ortho[1]   ? 
_reflns.pdbx_aniso_diffraction_limit_axis_3_ortho[2]   ? 
_reflns.pdbx_aniso_diffraction_limit_axis_3_ortho[3]   ? 
_reflns.pdbx_aniso_diffraction_limit_1                 ? 
_reflns.pdbx_aniso_diffraction_limit_2                 ? 
_reflns.pdbx_aniso_diffraction_limit_3                 ? 
_reflns.pdbx_aniso_B_tensor_eigenvector_1_ortho[1]     ? 
_reflns.pdbx_aniso_B_tensor_eigenvector_1_ortho[2]     ? 
_reflns.pdbx_aniso_B_tensor_eigenvector_1_ortho[3]     ? 
_reflns.pdbx_aniso_B_tensor_eigenvector_2_ortho[1]     ? 
_reflns.pdbx_aniso_B_tensor_eigenvector_2_ortho[2]     ? 
_reflns.pdbx_aniso_B_tensor_eigenvector_2_ortho[3]     ? 
_reflns.pdbx_aniso_B_tensor_eigenvector_3_ortho[1]     ? 
_reflns.pdbx_aniso_B_tensor_eigenvector_3_ortho[2]     ? 
_reflns.pdbx_aniso_B_tensor_eigenvector_3_ortho[3]     ? 
_reflns.pdbx_aniso_B_tensor_eigenvalue_1               ? 
_reflns.pdbx_aniso_B_tensor_eigenvalue_2               ? 
_reflns.pdbx_aniso_B_tensor_eigenvalue_3               ? 
_reflns.pdbx_orthogonalization_convention              ? 
_reflns.pdbx_percent_possible_ellipsoidal              ? 
_reflns.pdbx_percent_possible_spherical                ? 
_reflns.pdbx_percent_possible_ellipsoidal_anomalous    ? 
_reflns.pdbx_percent_possible_spherical_anomalous      ? 
_reflns.pdbx_redundancy_anomalous                      ? 
_reflns.pdbx_CC_half_anomalous                         ? 
_reflns.pdbx_absDiff_over_sigma_anomalous              ? 
_reflns.pdbx_percent_possible_anomalous                ? 
_reflns.pdbx_observed_signal_threshold                 ? 
_reflns.pdbx_signal_type                               ? 
_reflns.pdbx_signal_details                            ? 
_reflns.pdbx_signal_software_id                        ? 
# 
_reflns_shell.d_res_high                                    1.28 
_reflns_shell.d_res_low                                     1.30 
_reflns_shell.meanI_over_sigI_all                           ? 
_reflns_shell.meanI_over_sigI_obs                           ? 
_reflns_shell.number_measured_all                           8067 
_reflns_shell.number_measured_obs                           ? 
_reflns_shell.number_possible                               ? 
_reflns_shell.number_unique_all                             ? 
_reflns_shell.number_unique_obs                             1794 
_reflns_shell.percent_possible_obs                          95.5 
_reflns_shell.Rmerge_F_all                                  ? 
_reflns_shell.Rmerge_F_obs                                  ? 
_reflns_shell.meanI_over_sigI_gt                            ? 
_reflns_shell.meanI_over_uI_all                             ? 
_reflns_shell.meanI_over_uI_gt                              ? 
_reflns_shell.number_measured_gt                            ? 
_reflns_shell.number_unique_gt                              ? 
_reflns_shell.percent_possible_gt                           ? 
_reflns_shell.Rmerge_F_gt                                   ? 
_reflns_shell.Rmerge_I_gt                                   ? 
_reflns_shell.pdbx_redundancy                               4.5 
_reflns_shell.pdbx_chi_squared                              ? 
_reflns_shell.pdbx_netI_over_sigmaI_all                     ? 
_reflns_shell.pdbx_netI_over_sigmaI_obs                     3.2 
_reflns_shell.pdbx_Rrim_I_all                               0.467 
_reflns_shell.pdbx_Rpim_I_all                               0.214 
_reflns_shell.pdbx_rejects                                  ? 
_reflns_shell.pdbx_ordinal                                  1 
_reflns_shell.pdbx_diffrn_id                                1 
_reflns_shell.pdbx_CC_half                                  0.878 
_reflns_shell.pdbx_CC_star                                  ? 
_reflns_shell.pdbx_R_split                                  ? 
_reflns_shell.percent_possible_all                          ? 
_reflns_shell.Rmerge_I_all                                  ? 
_reflns_shell.Rmerge_I_obs                                  0.412 
_reflns_shell.pdbx_Rsym_value                               ? 
_reflns_shell.pdbx_percent_possible_ellipsoidal             ? 
_reflns_shell.pdbx_percent_possible_spherical               ? 
_reflns_shell.pdbx_percent_possible_ellipsoidal_anomalous   ? 
_reflns_shell.pdbx_percent_possible_spherical_anomalous     ? 
_reflns_shell.pdbx_redundancy_anomalous                     ? 
_reflns_shell.pdbx_CC_half_anomalous                        ? 
_reflns_shell.pdbx_absDiff_over_sigma_anomalous             ? 
_reflns_shell.pdbx_percent_possible_anomalous               ? 
# 
_refine.aniso_B[1][1]                            0.86 
_refine.aniso_B[1][2]                            -0.00 
_refine.aniso_B[1][3]                            0.00 
_refine.aniso_B[2][2]                            -0.46 
_refine.aniso_B[2][3]                            -0.00 
_refine.aniso_B[3][3]                            -0.40 
_refine.B_iso_max                                ? 
_refine.B_iso_mean                               15.390 
_refine.B_iso_min                                ? 
_refine.correlation_coeff_Fo_to_Fc               0.972 
_refine.correlation_coeff_Fo_to_Fc_free          0.966 
_refine.details                                  'HYDROGENS HAVE BEEN ADDED IN THE RIDING POSITIONS' 
_refine.diff_density_max                         ? 
_refine.diff_density_max_esd                     ? 
_refine.diff_density_min                         ? 
_refine.diff_density_min_esd                     ? 
_refine.diff_density_rms                         ? 
_refine.diff_density_rms_esd                     ? 
_refine.entry_id                                 8K14 
_refine.pdbx_refine_id                           'X-RAY DIFFRACTION' 
_refine.ls_abs_structure_details                 ? 
_refine.ls_abs_structure_Flack                   ? 
_refine.ls_abs_structure_Flack_esd               ? 
_refine.ls_abs_structure_Rogers                  ? 
_refine.ls_abs_structure_Rogers_esd              ? 
_refine.ls_d_res_high                            1.28 
_refine.ls_d_res_low                             45.47 
_refine.ls_extinction_coef                       ? 
_refine.ls_extinction_coef_esd                   ? 
_refine.ls_extinction_expression                 ? 
_refine.ls_extinction_method                     ? 
_refine.ls_goodness_of_fit_all                   ? 
_refine.ls_goodness_of_fit_all_esd               ? 
_refine.ls_goodness_of_fit_obs                   ? 
_refine.ls_goodness_of_fit_obs_esd               ? 
_refine.ls_hydrogen_treatment                    ? 
_refine.ls_matrix_type                           ? 
_refine.ls_number_constraints                    ? 
_refine.ls_number_parameters                     ? 
_refine.ls_number_reflns_all                     ? 
_refine.ls_number_reflns_obs                     36966 
_refine.ls_number_reflns_R_free                  1939 
_refine.ls_number_reflns_R_work                  ? 
_refine.ls_number_restraints                     ? 
_refine.ls_percent_reflns_obs                    99.60 
_refine.ls_percent_reflns_R_free                 5.0 
_refine.ls_R_factor_all                          ? 
_refine.ls_R_factor_obs                          0.16262 
_refine.ls_R_factor_R_free                       0.17361 
_refine.ls_R_factor_R_free_error                 ? 
_refine.ls_R_factor_R_free_error_details         ? 
_refine.ls_R_factor_R_work                       0.16205 
_refine.ls_R_Fsqd_factor_obs                     ? 
_refine.ls_R_I_factor_obs                        ? 
_refine.ls_redundancy_reflns_all                 ? 
_refine.ls_redundancy_reflns_obs                 ? 
_refine.ls_restrained_S_all                      ? 
_refine.ls_restrained_S_obs                      ? 
_refine.ls_shift_over_esd_max                    ? 
_refine.ls_shift_over_esd_mean                   ? 
_refine.ls_structure_factor_coef                 ? 
_refine.ls_weighting_details                     ? 
_refine.ls_weighting_scheme                      ? 
_refine.ls_wR_factor_all                         ? 
_refine.ls_wR_factor_obs                         ? 
_refine.ls_wR_factor_R_free                      ? 
_refine.ls_wR_factor_R_work                      ? 
_refine.occupancy_max                            ? 
_refine.occupancy_min                            ? 
_refine.solvent_model_details                    MASK 
_refine.solvent_model_param_bsol                 ? 
_refine.solvent_model_param_ksol                 ? 
_refine.pdbx_R_complete                          ? 
_refine.ls_R_factor_gt                           ? 
_refine.ls_goodness_of_fit_gt                    ? 
_refine.ls_goodness_of_fit_ref                   ? 
_refine.ls_shift_over_su_max                     ? 
_refine.ls_shift_over_su_max_lt                  ? 
_refine.ls_shift_over_su_mean                    ? 
_refine.ls_shift_over_su_mean_lt                 ? 
_refine.pdbx_ls_sigma_I                          ? 
_refine.pdbx_ls_sigma_F                          ? 
_refine.pdbx_ls_sigma_Fsqd                       ? 
_refine.pdbx_data_cutoff_high_absF               ? 
_refine.pdbx_data_cutoff_high_rms_absF           ? 
_refine.pdbx_data_cutoff_low_absF                ? 
_refine.pdbx_isotropic_thermal_model             ? 
_refine.pdbx_ls_cross_valid_method               THROUGHOUT 
_refine.pdbx_method_to_determine_struct          'MOLECULAR REPLACEMENT' 
_refine.pdbx_starting_model                      ? 
_refine.pdbx_stereochemistry_target_values       'MAXIMUM LIKELIHOOD' 
_refine.pdbx_R_Free_selection_details            RANDOM 
_refine.pdbx_stereochem_target_val_spec_case     ? 
_refine.pdbx_overall_ESU_R                       0.043 
_refine.pdbx_overall_ESU_R_Free                  0.043 
_refine.pdbx_solvent_vdw_probe_radii             1.20 
_refine.pdbx_solvent_ion_probe_radii             0.80 
_refine.pdbx_solvent_shrinkage_radii             0.80 
_refine.pdbx_real_space_R                        ? 
_refine.pdbx_density_correlation                 ? 
_refine.pdbx_pd_number_of_powder_patterns        ? 
_refine.pdbx_pd_number_of_points                 ? 
_refine.pdbx_pd_meas_number_of_points            ? 
_refine.pdbx_pd_proc_ls_prof_R_factor            ? 
_refine.pdbx_pd_proc_ls_prof_wR_factor           ? 
_refine.pdbx_pd_Marquardt_correlation_coeff      ? 
_refine.pdbx_pd_Fsqrd_R_factor                   ? 
_refine.pdbx_pd_ls_matrix_band_width             ? 
_refine.pdbx_overall_phase_error                 ? 
_refine.pdbx_overall_SU_R_free_Cruickshank_DPI   ? 
_refine.pdbx_overall_SU_R_free_Blow_DPI          ? 
_refine.pdbx_overall_SU_R_Blow_DPI               ? 
_refine.pdbx_TLS_residual_ADP_flag               ? 
_refine.pdbx_diffrn_id                           1 
_refine.overall_SU_B                             0.645 
_refine.overall_SU_ML                            0.028 
_refine.overall_SU_R_Cruickshank_DPI             ? 
_refine.overall_SU_R_free                        ? 
_refine.overall_FOM_free_R_set                   ? 
_refine.overall_FOM_work_R_set                   ? 
_refine.pdbx_average_fsc_overall                 ? 
_refine.pdbx_average_fsc_work                    ? 
_refine.pdbx_average_fsc_free                    ? 
# 
_refine_hist.pdbx_refine_id                   'X-RAY DIFFRACTION' 
_refine_hist.cycle_id                         1 
_refine_hist.details                          ? 
_refine_hist.d_res_high                       1.28 
_refine_hist.d_res_low                        45.47 
_refine_hist.number_atoms_solvent             171 
_refine_hist.number_atoms_total               1292 
_refine_hist.number_reflns_all                ? 
_refine_hist.number_reflns_obs                ? 
_refine_hist.number_reflns_R_free             ? 
_refine_hist.number_reflns_R_work             ? 
_refine_hist.R_factor_all                     ? 
_refine_hist.R_factor_obs                     ? 
_refine_hist.R_factor_R_free                  ? 
_refine_hist.R_factor_R_work                  ? 
_refine_hist.pdbx_number_residues_total       ? 
_refine_hist.pdbx_B_iso_mean_ligand           ? 
_refine_hist.pdbx_B_iso_mean_solvent          ? 
_refine_hist.pdbx_number_atoms_protein        1090 
_refine_hist.pdbx_number_atoms_nucleic_acid   0 
_refine_hist.pdbx_number_atoms_ligand         31 
_refine_hist.pdbx_number_atoms_lipid          ? 
_refine_hist.pdbx_number_atoms_carb           ? 
_refine_hist.pdbx_pseudo_atom_details         ? 
# 
loop_
_refine_ls_restr.pdbx_refine_id 
_refine_ls_restr.criterion 
_refine_ls_restr.dev_ideal 
_refine_ls_restr.dev_ideal_target 
_refine_ls_restr.number 
_refine_ls_restr.rejects 
_refine_ls_restr.type 
_refine_ls_restr.weight 
_refine_ls_restr.pdbx_restraint_function 
'X-RAY DIFFRACTION' ? 0.014  0.020  1192 ? r_bond_refined_d             ? ? 
'X-RAY DIFFRACTION' ? 0.002  0.020  1082 ? r_bond_other_d               ? ? 
'X-RAY DIFFRACTION' ? 1.701  2.009  1634 ? r_angle_refined_deg          ? ? 
'X-RAY DIFFRACTION' ? 0.958  3.006  2537 ? r_angle_other_deg            ? ? 
'X-RAY DIFFRACTION' ? 4.962  5.000  138  ? r_dihedral_angle_1_deg       ? ? 
'X-RAY DIFFRACTION' ? 34.545 25.789 57   ? r_dihedral_angle_2_deg       ? ? 
'X-RAY DIFFRACTION' ? 13.805 15.000 206  ? r_dihedral_angle_3_deg       ? ? 
'X-RAY DIFFRACTION' ? 13.569 15.000 4    ? r_dihedral_angle_4_deg       ? ? 
'X-RAY DIFFRACTION' ? 0.098  0.200  170  ? r_chiral_restr               ? ? 
'X-RAY DIFFRACTION' ? 0.009  0.021  1306 ? r_gen_planes_refined         ? ? 
'X-RAY DIFFRACTION' ? 0.002  0.020  222  ? r_gen_planes_other           ? ? 
'X-RAY DIFFRACTION' ? ?      ?      ?    ? r_nbd_refined                ? ? 
'X-RAY DIFFRACTION' ? ?      ?      ?    ? r_nbd_other                  ? ? 
'X-RAY DIFFRACTION' ? ?      ?      ?    ? r_nbtor_refined              ? ? 
'X-RAY DIFFRACTION' ? ?      ?      ?    ? r_nbtor_other                ? ? 
'X-RAY DIFFRACTION' ? ?      ?      ?    ? r_xyhbond_nbd_refined        ? ? 
'X-RAY DIFFRACTION' ? ?      ?      ?    ? r_xyhbond_nbd_other          ? ? 
'X-RAY DIFFRACTION' ? ?      ?      ?    ? r_metal_ion_refined          ? ? 
'X-RAY DIFFRACTION' ? ?      ?      ?    ? r_metal_ion_other            ? ? 
'X-RAY DIFFRACTION' ? ?      ?      ?    ? r_symmetry_vdw_refined       ? ? 
'X-RAY DIFFRACTION' ? ?      ?      ?    ? r_symmetry_vdw_other         ? ? 
'X-RAY DIFFRACTION' ? ?      ?      ?    ? r_symmetry_hbond_refined     ? ? 
'X-RAY DIFFRACTION' ? ?      ?      ?    ? r_symmetry_hbond_other       ? ? 
'X-RAY DIFFRACTION' ? ?      ?      ?    ? r_symmetry_metal_ion_refined ? ? 
'X-RAY DIFFRACTION' ? ?      ?      ?    ? r_symmetry_metal_ion_other   ? ? 
'X-RAY DIFFRACTION' ? 1.029  1.285  543  ? r_mcbond_it                  ? ? 
'X-RAY DIFFRACTION' ? 1.020  1.284  542  ? r_mcbond_other               ? ? 
'X-RAY DIFFRACTION' ? 1.610  1.923  684  ? r_mcangle_it                 ? ? 
'X-RAY DIFFRACTION' ? 1.611  1.925  685  ? r_mcangle_other              ? ? 
'X-RAY DIFFRACTION' ? 1.924  1.534  649  ? r_scbond_it                  ? ? 
'X-RAY DIFFRACTION' ? 1.923  1.534  650  ? r_scbond_other               ? ? 
'X-RAY DIFFRACTION' ? ?      ?      ?    ? r_scangle_it                 ? ? 
'X-RAY DIFFRACTION' ? 2.978  2.215  951  ? r_scangle_other              ? ? 
'X-RAY DIFFRACTION' ? 4.327  15.991 1495 ? r_long_range_B_refined       ? ? 
'X-RAY DIFFRACTION' ? 4.326  15.988 1496 ? r_long_range_B_other         ? ? 
'X-RAY DIFFRACTION' ? ?      ?      ?    ? r_rigid_bond_restr           ? ? 
'X-RAY DIFFRACTION' ? ?      ?      ?    ? r_sphericity_free            ? ? 
'X-RAY DIFFRACTION' ? ?      ?      ?    ? r_sphericity_bonded          ? ? 
# 
_refine_ls_shell.pdbx_refine_id                   'X-RAY DIFFRACTION' 
_refine_ls_shell.d_res_high                       1.280 
_refine_ls_shell.d_res_low                        1.313 
_refine_ls_shell.number_reflns_all                ? 
_refine_ls_shell.number_reflns_obs                ? 
_refine_ls_shell.number_reflns_R_free             126 
_refine_ls_shell.number_reflns_R_work             2574 
_refine_ls_shell.percent_reflns_obs               95.74 
_refine_ls_shell.percent_reflns_R_free            ? 
_refine_ls_shell.R_factor_all                     ? 
_refine_ls_shell.R_factor_obs                     ? 
_refine_ls_shell.R_factor_R_free_error            ? 
_refine_ls_shell.R_factor_R_work                  0.237 
_refine_ls_shell.redundancy_reflns_all            ? 
_refine_ls_shell.redundancy_reflns_obs            ? 
_refine_ls_shell.wR_factor_all                    ? 
_refine_ls_shell.wR_factor_obs                    ? 
_refine_ls_shell.wR_factor_R_free                 ? 
_refine_ls_shell.wR_factor_R_work                 ? 
_refine_ls_shell.pdbx_R_complete                  ? 
_refine_ls_shell.pdbx_total_number_of_bins_used   20 
_refine_ls_shell.pdbx_phase_error                 ? 
_refine_ls_shell.pdbx_fsc_work                    ? 
_refine_ls_shell.pdbx_fsc_free                    ? 
_refine_ls_shell.R_factor_R_free                  0.263 
# 
_struct.entry_id                     8K14 
_struct.title                        'X-ray crystal structure of 18a in BRD4(1)' 
_struct.pdbx_model_details           ? 
_struct.pdbx_formula_weight          ? 
_struct.pdbx_formula_weight_method   ? 
_struct.pdbx_model_type_details      ? 
_struct.pdbx_CASP_flag               N 
# 
_struct_keywords.entry_id        8K14 
_struct_keywords.text            'BRD4(1), Bromodomain, PROTEIN BINDING' 
_struct_keywords.pdbx_keywords   'PROTEIN BINDING' 
# 
loop_
_struct_asym.id 
_struct_asym.pdbx_blank_PDB_chainid_flag 
_struct_asym.pdbx_modified 
_struct_asym.entity_id 
_struct_asym.details 
A N N 1 ? 
B N N 2 ? 
C N N 3 ? 
# 
_struct_ref.id                         1 
_struct_ref.db_name                    UNP 
_struct_ref.db_code                    BRD4_HUMAN 
_struct_ref.pdbx_db_accession          O60885 
_struct_ref.pdbx_db_isoform            ? 
_struct_ref.entity_id                  1 
_struct_ref.pdbx_seq_one_letter_code   
;NPPPPETSNPNKPKRQTNQLQYLLRVVLKTLWKHQFAWPFQQPVDAVKLNLPDYYKIIKTPMDMGTIKKRLENNYYWNAQ
ECIQDFNTMFTNCYIYNKPGDDIVLMAEALEKLFLQKINELPTEE
;
_struct_ref.pdbx_align_begin           44 
# 
_struct_ref_seq.align_id                      1 
_struct_ref_seq.ref_id                        1 
_struct_ref_seq.pdbx_PDB_id_code              8K14 
_struct_ref_seq.pdbx_strand_id                A 
_struct_ref_seq.seq_align_beg                 17 
_struct_ref_seq.pdbx_seq_align_beg_ins_code   ? 
_struct_ref_seq.seq_align_end                 141 
_struct_ref_seq.pdbx_seq_align_end_ins_code   ? 
_struct_ref_seq.pdbx_db_accession             O60885 
_struct_ref_seq.db_align_beg                  44 
_struct_ref_seq.pdbx_db_align_beg_ins_code    ? 
_struct_ref_seq.db_align_end                  168 
_struct_ref_seq.pdbx_db_align_end_ins_code    ? 
_struct_ref_seq.pdbx_auth_seq_align_beg       44 
_struct_ref_seq.pdbx_auth_seq_align_end       168 
# 
loop_
_struct_ref_seq_dif.align_id 
_struct_ref_seq_dif.pdbx_pdb_id_code 
_struct_ref_seq_dif.mon_id 
_struct_ref_seq_dif.pdbx_pdb_strand_id 
_struct_ref_seq_dif.seq_num 
_struct_ref_seq_dif.pdbx_pdb_ins_code 
_struct_ref_seq_dif.pdbx_seq_db_name 
_struct_ref_seq_dif.pdbx_seq_db_accession_code 
_struct_ref_seq_dif.db_mon_id 
_struct_ref_seq_dif.pdbx_seq_db_seq_num 
_struct_ref_seq_dif.details 
_struct_ref_seq_dif.pdbx_auth_seq_num 
_struct_ref_seq_dif.pdbx_ordinal 
1 8K14 MET A 1  ? UNP O60885 ? ? 'expression tag' 28 1  
1 8K14 LYS A 2  ? UNP O60885 ? ? 'expression tag' 29 2  
1 8K14 LYS A 3  ? UNP O60885 ? ? 'expression tag' 30 3  
1 8K14 GLY A 4  ? UNP O60885 ? ? 'expression tag' 31 4  
1 8K14 HIS A 5  ? UNP O60885 ? ? 'expression tag' 32 5  
1 8K14 HIS A 6  ? UNP O60885 ? ? 'expression tag' 33 6  
1 8K14 HIS A 7  ? UNP O60885 ? ? 'expression tag' 34 7  
1 8K14 HIS A 8  ? UNP O60885 ? ? 'expression tag' 35 8  
1 8K14 HIS A 9  ? UNP O60885 ? ? 'expression tag' 36 9  
1 8K14 HIS A 10 ? UNP O60885 ? ? 'expression tag' 37 10 
1 8K14 LEU A 11 ? UNP O60885 ? ? 'expression tag' 38 11 
1 8K14 VAL A 12 ? UNP O60885 ? ? 'expression tag' 39 12 
1 8K14 PRO A 13 ? UNP O60885 ? ? 'expression tag' 40 13 
1 8K14 ARG A 14 ? UNP O60885 ? ? 'expression tag' 41 14 
1 8K14 GLY A 15 ? UNP O60885 ? ? 'expression tag' 42 15 
1 8K14 SER A 16 ? UNP O60885 ? ? 'expression tag' 43 16 
# 
_pdbx_struct_assembly.id                   1 
_pdbx_struct_assembly.details              author_and_software_defined_assembly 
_pdbx_struct_assembly.method_details       PISA 
_pdbx_struct_assembly.oligomeric_details   monomeric 
_pdbx_struct_assembly.oligomeric_count     1 
# 
_pdbx_struct_assembly_gen.assembly_id       1 
_pdbx_struct_assembly_gen.oper_expression   1 
_pdbx_struct_assembly_gen.asym_id_list      A,B,C 
# 
_pdbx_struct_assembly_auth_evidence.id                     1 
_pdbx_struct_assembly_auth_evidence.assembly_id            1 
_pdbx_struct_assembly_auth_evidence.experimental_support   none 
_pdbx_struct_assembly_auth_evidence.details                ? 
# 
_pdbx_struct_oper_list.id                   1 
_pdbx_struct_oper_list.type                 'identity operation' 
_pdbx_struct_oper_list.name                 1_555 
_pdbx_struct_oper_list.symmetry_operation   x,y,z 
_pdbx_struct_oper_list.matrix[1][1]         1.0 
_pdbx_struct_oper_list.matrix[1][2]         0.0 
_pdbx_struct_oper_list.matrix[1][3]         0.0 
_pdbx_struct_oper_list.vector[1]            0.0 
_pdbx_struct_oper_list.matrix[2][1]         0.0 
_pdbx_struct_oper_list.matrix[2][2]         1.0 
_pdbx_struct_oper_list.matrix[2][3]         0.0 
_pdbx_struct_oper_list.vector[2]            0.0 
_pdbx_struct_oper_list.matrix[3][1]         0.0 
_pdbx_struct_oper_list.matrix[3][2]         0.0 
_pdbx_struct_oper_list.matrix[3][3]         1.0 
_pdbx_struct_oper_list.vector[3]            0.0 
# 
loop_
_struct_conf.conf_type_id 
_struct_conf.id 
_struct_conf.pdbx_PDB_helix_id 
_struct_conf.beg_label_comp_id 
_struct_conf.beg_label_asym_id 
_struct_conf.beg_label_seq_id 
_struct_conf.pdbx_beg_PDB_ins_code 
_struct_conf.end_label_comp_id 
_struct_conf.end_label_asym_id 
_struct_conf.end_label_seq_id 
_struct_conf.pdbx_end_PDB_ins_code 
_struct_conf.beg_auth_comp_id 
_struct_conf.beg_auth_asym_id 
_struct_conf.beg_auth_seq_id 
_struct_conf.end_auth_comp_id 
_struct_conf.end_auth_asym_id 
_struct_conf.end_auth_seq_id 
_struct_conf.pdbx_PDB_helix_class 
_struct_conf.details 
_struct_conf.pdbx_PDB_helix_length 
HELX_P HELX_P1 AA1 THR A 33  ? VAL A 42  ? THR A 60  VAL A 69  1 ? 10 
HELX_P HELX_P2 AA2 VAL A 42  ? LYS A 49  ? VAL A 69  LYS A 76  1 ? 8  
HELX_P HELX_P3 AA3 ALA A 53  ? GLN A 57  ? ALA A 80  GLN A 84  5 ? 5  
HELX_P HELX_P4 AA4 ASP A 69  ? ILE A 74  ? ASP A 96  ILE A 101 1 ? 6  
HELX_P HELX_P5 AA5 ASP A 79  ? ASN A 89  ? ASP A 106 ASN A 116 1 ? 11 
HELX_P HELX_P6 AA6 ASN A 94  ? ASN A 113 ? ASN A 121 ASN A 140 1 ? 20 
HELX_P HELX_P7 AA7 ASP A 117 ? GLU A 136 ? ASP A 144 GLU A 163 1 ? 20 
# 
_struct_conf_type.id          HELX_P 
_struct_conf_type.criteria    ? 
_struct_conf_type.reference   ? 
# 
_pdbx_validate_torsion.id              1 
_pdbx_validate_torsion.PDB_model_num   1 
_pdbx_validate_torsion.auth_comp_id    LEU 
_pdbx_validate_torsion.auth_asym_id    A 
_pdbx_validate_torsion.auth_seq_id     94 
_pdbx_validate_torsion.PDB_ins_code    ? 
_pdbx_validate_torsion.label_alt_id    ? 
_pdbx_validate_torsion.phi             -119.47 
_pdbx_validate_torsion.psi             67.81 
# 
_pdbx_entry_details.entry_id                   8K14 
_pdbx_entry_details.nonpolymer_details         ? 
_pdbx_entry_details.sequence_details           ? 
_pdbx_entry_details.compound_details           ? 
_pdbx_entry_details.source_details             ? 
_pdbx_entry_details.has_ligand_of_interest     Y 
_pdbx_entry_details.has_protein_modification   ? 
# 
loop_
_pdbx_unobs_or_zero_occ_residues.id 
_pdbx_unobs_or_zero_occ_residues.PDB_model_num 
_pdbx_unobs_or_zero_occ_residues.polymer_flag 
_pdbx_unobs_or_zero_occ_residues.occupancy_flag 
_pdbx_unobs_or_zero_occ_residues.auth_asym_id 
_pdbx_unobs_or_zero_occ_residues.auth_comp_id 
_pdbx_unobs_or_zero_occ_residues.auth_seq_id 
_pdbx_unobs_or_zero_occ_residues.PDB_ins_code 
_pdbx_unobs_or_zero_occ_residues.label_asym_id 
_pdbx_unobs_or_zero_occ_residues.label_comp_id 
_pdbx_unobs_or_zero_occ_residues.label_seq_id 
1  1 Y 1 A MET 28 ? A MET 1  
2  1 Y 1 A LYS 29 ? A LYS 2  
3  1 Y 1 A LYS 30 ? A LYS 3  
4  1 Y 1 A GLY 31 ? A GLY 4  
5  1 Y 1 A HIS 32 ? A HIS 5  
6  1 Y 1 A HIS 33 ? A HIS 6  
7  1 Y 1 A HIS 34 ? A HIS 7  
8  1 Y 1 A HIS 35 ? A HIS 8  
9  1 Y 1 A HIS 36 ? A HIS 9  
10 1 Y 1 A HIS 37 ? A HIS 10 
# 
loop_
_chem_comp_atom.comp_id 
_chem_comp_atom.atom_id 
_chem_comp_atom.type_symbol 
_chem_comp_atom.pdbx_aromatic_flag 
_chem_comp_atom.pdbx_stereo_config 
_chem_comp_atom.pdbx_ordinal 
ALA N    N N N 1   
ALA CA   C N S 2   
ALA C    C N N 3   
ALA O    O N N 4   
ALA CB   C N N 5   
ALA OXT  O N N 6   
ALA H    H N N 7   
ALA H2   H N N 8   
ALA HA   H N N 9   
ALA HB1  H N N 10  
ALA HB2  H N N 11  
ALA HB3  H N N 12  
ALA HXT  H N N 13  
ARG N    N N N 14  
ARG CA   C N S 15  
ARG C    C N N 16  
ARG O    O N N 17  
ARG CB   C N N 18  
ARG CG   C N N 19  
ARG CD   C N N 20  
ARG NE   N N N 21  
ARG CZ   C N N 22  
ARG NH1  N N N 23  
ARG NH2  N N N 24  
ARG OXT  O N N 25  
ARG H    H N N 26  
ARG H2   H N N 27  
ARG HA   H N N 28  
ARG HB2  H N N 29  
ARG HB3  H N N 30  
ARG HG2  H N N 31  
ARG HG3  H N N 32  
ARG HD2  H N N 33  
ARG HD3  H N N 34  
ARG HE   H N N 35  
ARG HH11 H N N 36  
ARG HH12 H N N 37  
ARG HH21 H N N 38  
ARG HH22 H N N 39  
ARG HXT  H N N 40  
ASN N    N N N 41  
ASN CA   C N S 42  
ASN C    C N N 43  
ASN O    O N N 44  
ASN CB   C N N 45  
ASN CG   C N N 46  
ASN OD1  O N N 47  
ASN ND2  N N N 48  
ASN OXT  O N N 49  
ASN H    H N N 50  
ASN H2   H N N 51  
ASN HA   H N N 52  
ASN HB2  H N N 53  
ASN HB3  H N N 54  
ASN HD21 H N N 55  
ASN HD22 H N N 56  
ASN HXT  H N N 57  
ASP N    N N N 58  
ASP CA   C N S 59  
ASP C    C N N 60  
ASP O    O N N 61  
ASP CB   C N N 62  
ASP CG   C N N 63  
ASP OD1  O N N 64  
ASP OD2  O N N 65  
ASP OXT  O N N 66  
ASP H    H N N 67  
ASP H2   H N N 68  
ASP HA   H N N 69  
ASP HB2  H N N 70  
ASP HB3  H N N 71  
ASP HD2  H N N 72  
ASP HXT  H N N 73  
CYS N    N N N 74  
CYS CA   C N R 75  
CYS C    C N N 76  
CYS O    O N N 77  
CYS CB   C N N 78  
CYS SG   S N N 79  
CYS OXT  O N N 80  
CYS H    H N N 81  
CYS H2   H N N 82  
CYS HA   H N N 83  
CYS HB2  H N N 84  
CYS HB3  H N N 85  
CYS HG   H N N 86  
CYS HXT  H N N 87  
GLN N    N N N 88  
GLN CA   C N S 89  
GLN C    C N N 90  
GLN O    O N N 91  
GLN CB   C N N 92  
GLN CG   C N N 93  
GLN CD   C N N 94  
GLN OE1  O N N 95  
GLN NE2  N N N 96  
GLN OXT  O N N 97  
GLN H    H N N 98  
GLN H2   H N N 99  
GLN HA   H N N 100 
GLN HB2  H N N 101 
GLN HB3  H N N 102 
GLN HG2  H N N 103 
GLN HG3  H N N 104 
GLN HE21 H N N 105 
GLN HE22 H N N 106 
GLN HXT  H N N 107 
GLU N    N N N 108 
GLU CA   C N S 109 
GLU C    C N N 110 
GLU O    O N N 111 
GLU CB   C N N 112 
GLU CG   C N N 113 
GLU CD   C N N 114 
GLU OE1  O N N 115 
GLU OE2  O N N 116 
GLU OXT  O N N 117 
GLU H    H N N 118 
GLU H2   H N N 119 
GLU HA   H N N 120 
GLU HB2  H N N 121 
GLU HB3  H N N 122 
GLU HG2  H N N 123 
GLU HG3  H N N 124 
GLU HE2  H N N 125 
GLU HXT  H N N 126 
GLY N    N N N 127 
GLY CA   C N N 128 
GLY C    C N N 129 
GLY O    O N N 130 
GLY OXT  O N N 131 
GLY H    H N N 132 
GLY H2   H N N 133 
GLY HA2  H N N 134 
GLY HA3  H N N 135 
GLY HXT  H N N 136 
HIS N    N N N 137 
HIS CA   C N S 138 
HIS C    C N N 139 
HIS O    O N N 140 
HIS CB   C N N 141 
HIS CG   C Y N 142 
HIS ND1  N Y N 143 
HIS CD2  C Y N 144 
HIS CE1  C Y N 145 
HIS NE2  N Y N 146 
HIS OXT  O N N 147 
HIS H    H N N 148 
HIS H2   H N N 149 
HIS HA   H N N 150 
HIS HB2  H N N 151 
HIS HB3  H N N 152 
HIS HD1  H N N 153 
HIS HD2  H N N 154 
HIS HE1  H N N 155 
HIS HE2  H N N 156 
HIS HXT  H N N 157 
HOH O    O N N 158 
HOH H1   H N N 159 
HOH H2   H N N 160 
ILE N    N N N 161 
ILE CA   C N S 162 
ILE C    C N N 163 
ILE O    O N N 164 
ILE CB   C N S 165 
ILE CG1  C N N 166 
ILE CG2  C N N 167 
ILE CD1  C N N 168 
ILE OXT  O N N 169 
ILE H    H N N 170 
ILE H2   H N N 171 
ILE HA   H N N 172 
ILE HB   H N N 173 
ILE HG12 H N N 174 
ILE HG13 H N N 175 
ILE HG21 H N N 176 
ILE HG22 H N N 177 
ILE HG23 H N N 178 
ILE HD11 H N N 179 
ILE HD12 H N N 180 
ILE HD13 H N N 181 
ILE HXT  H N N 182 
LEU N    N N N 183 
LEU CA   C N S 184 
LEU C    C N N 185 
LEU O    O N N 186 
LEU CB   C N N 187 
LEU CG   C N N 188 
LEU CD1  C N N 189 
LEU CD2  C N N 190 
LEU OXT  O N N 191 
LEU H    H N N 192 
LEU H2   H N N 193 
LEU HA   H N N 194 
LEU HB2  H N N 195 
LEU HB3  H N N 196 
LEU HG   H N N 197 
LEU HD11 H N N 198 
LEU HD12 H N N 199 
LEU HD13 H N N 200 
LEU HD21 H N N 201 
LEU HD22 H N N 202 
LEU HD23 H N N 203 
LEU HXT  H N N 204 
LYS N    N N N 205 
LYS CA   C N S 206 
LYS C    C N N 207 
LYS O    O N N 208 
LYS CB   C N N 209 
LYS CG   C N N 210 
LYS CD   C N N 211 
LYS CE   C N N 212 
LYS NZ   N N N 213 
LYS OXT  O N N 214 
LYS H    H N N 215 
LYS H2   H N N 216 
LYS HA   H N N 217 
LYS HB2  H N N 218 
LYS HB3  H N N 219 
LYS HG2  H N N 220 
LYS HG3  H N N 221 
LYS HD2  H N N 222 
LYS HD3  H N N 223 
LYS HE2  H N N 224 
LYS HE3  H N N 225 
LYS HZ1  H N N 226 
LYS HZ2  H N N 227 
LYS HZ3  H N N 228 
LYS HXT  H N N 229 
MET N    N N N 230 
MET CA   C N S 231 
MET C    C N N 232 
MET O    O N N 233 
MET CB   C N N 234 
MET CG   C N N 235 
MET SD   S N N 236 
MET CE   C N N 237 
MET OXT  O N N 238 
MET H    H N N 239 
MET H2   H N N 240 
MET HA   H N N 241 
MET HB2  H N N 242 
MET HB3  H N N 243 
MET HG2  H N N 244 
MET HG3  H N N 245 
MET HE1  H N N 246 
MET HE2  H N N 247 
MET HE3  H N N 248 
MET HXT  H N N 249 
PHE N    N N N 250 
PHE CA   C N S 251 
PHE C    C N N 252 
PHE O    O N N 253 
PHE CB   C N N 254 
PHE CG   C Y N 255 
PHE CD1  C Y N 256 
PHE CD2  C Y N 257 
PHE CE1  C Y N 258 
PHE CE2  C Y N 259 
PHE CZ   C Y N 260 
PHE OXT  O N N 261 
PHE H    H N N 262 
PHE H2   H N N 263 
PHE HA   H N N 264 
PHE HB2  H N N 265 
PHE HB3  H N N 266 
PHE HD1  H N N 267 
PHE HD2  H N N 268 
PHE HE1  H N N 269 
PHE HE2  H N N 270 
PHE HZ   H N N 271 
PHE HXT  H N N 272 
PRO N    N N N 273 
PRO CA   C N S 274 
PRO C    C N N 275 
PRO O    O N N 276 
PRO CB   C N N 277 
PRO CG   C N N 278 
PRO CD   C N N 279 
PRO OXT  O N N 280 
PRO H    H N N 281 
PRO HA   H N N 282 
PRO HB2  H N N 283 
PRO HB3  H N N 284 
PRO HG2  H N N 285 
PRO HG3  H N N 286 
PRO HD2  H N N 287 
PRO HD3  H N N 288 
PRO HXT  H N N 289 
SER N    N N N 290 
SER CA   C N S 291 
SER C    C N N 292 
SER O    O N N 293 
SER CB   C N N 294 
SER OG   O N N 295 
SER OXT  O N N 296 
SER H    H N N 297 
SER H2   H N N 298 
SER HA   H N N 299 
SER HB2  H N N 300 
SER HB3  H N N 301 
SER HG   H N N 302 
SER HXT  H N N 303 
THR N    N N N 304 
THR CA   C N S 305 
THR C    C N N 306 
THR O    O N N 307 
THR CB   C N R 308 
THR OG1  O N N 309 
THR CG2  C N N 310 
THR OXT  O N N 311 
THR H    H N N 312 
THR H2   H N N 313 
THR HA   H N N 314 
THR HB   H N N 315 
THR HG1  H N N 316 
THR HG21 H N N 317 
THR HG22 H N N 318 
THR HG23 H N N 319 
THR HXT  H N N 320 
TRP N    N N N 321 
TRP CA   C N S 322 
TRP C    C N N 323 
TRP O    O N N 324 
TRP CB   C N N 325 
TRP CG   C Y N 326 
TRP CD1  C Y N 327 
TRP CD2  C Y N 328 
TRP NE1  N Y N 329 
TRP CE2  C Y N 330 
TRP CE3  C Y N 331 
TRP CZ2  C Y N 332 
TRP CZ3  C Y N 333 
TRP CH2  C Y N 334 
TRP OXT  O N N 335 
TRP H    H N N 336 
TRP H2   H N N 337 
TRP HA   H N N 338 
TRP HB2  H N N 339 
TRP HB3  H N N 340 
TRP HD1  H N N 341 
TRP HE1  H N N 342 
TRP HE3  H N N 343 
TRP HZ2  H N N 344 
TRP HZ3  H N N 345 
TRP HH2  H N N 346 
TRP HXT  H N N 347 
TYR N    N N N 348 
TYR CA   C N S 349 
TYR C    C N N 350 
TYR O    O N N 351 
TYR CB   C N N 352 
TYR CG   C Y N 353 
TYR CD1  C Y N 354 
TYR CD2  C Y N 355 
TYR CE1  C Y N 356 
TYR CE2  C Y N 357 
TYR CZ   C Y N 358 
TYR OH   O N N 359 
TYR OXT  O N N 360 
TYR H    H N N 361 
TYR H2   H N N 362 
TYR HA   H N N 363 
TYR HB2  H N N 364 
TYR HB3  H N N 365 
TYR HD1  H N N 366 
TYR HD2  H N N 367 
TYR HE1  H N N 368 
TYR HE2  H N N 369 
TYR HH   H N N 370 
TYR HXT  H N N 371 
VAL N    N N N 372 
VAL CA   C N S 373 
VAL C    C N N 374 
VAL O    O N N 375 
VAL CB   C N N 376 
VAL CG1  C N N 377 
VAL CG2  C N N 378 
VAL OXT  O N N 379 
VAL H    H N N 380 
VAL H2   H N N 381 
VAL HA   H N N 382 
VAL HB   H N N 383 
VAL HG11 H N N 384 
VAL HG12 H N N 385 
VAL HG13 H N N 386 
VAL HG21 H N N 387 
VAL HG22 H N N 388 
VAL HG23 H N N 389 
VAL HXT  H N N 390 
VFI CBE  C N N 391 
VFI CAD  C Y N 392 
VFI OAC  O Y N 393 
VFI NAB  N Y N 394 
VFI CAA  C Y N 395 
VFI CBD  C N N 396 
VFI CAE  C Y N 397 
VFI CAF  C Y N 398 
VFI CAG  C Y N 399 
VFI CAK  C Y N 400 
VFI OAP  O N N 401 
VFI CAQ  C N N 402 
VFI CAJ  C Y N 403 
VFI CAI  C Y N 404 
VFI CAO  C Y N 405 
VFI CAH  C Y N 406 
VFI NAL  N Y N 407 
VFI CAM  C Y N 408 
VFI CAN  C Y N 409 
VFI NAR  N Y N 410 
VFI CAS  C Y N 411 
VFI CAU  C N N 412 
VFI NAT  N Y N 413 
VFI CAV  C N R 414 
VFI CBC  C N N 415 
VFI CAW  C Y N 416 
VFI CAX  C Y N 417 
VFI CAY  C Y N 418 
VFI CAZ  C Y N 419 
VFI CBA  C Y N 420 
VFI CBB  C Y N 421 
VFI H1   H N N 422 
VFI H2   H N N 423 
VFI H3   H N N 424 
VFI H4   H N N 425 
VFI H5   H N N 426 
VFI H6   H N N 427 
VFI H7   H N N 428 
VFI H8   H N N 429 
VFI H9   H N N 430 
VFI H10  H N N 431 
VFI H11  H N N 432 
VFI H12  H N N 433 
VFI H13  H N N 434 
VFI H14  H N N 435 
VFI H15  H N N 436 
VFI H16  H N N 437 
VFI H17  H N N 438 
VFI H18  H N N 439 
VFI H19  H N N 440 
VFI H20  H N N 441 
VFI H21  H N N 442 
VFI H22  H N N 443 
VFI H23  H N N 444 
VFI H24  H N N 445 
# 
loop_
_chem_comp_bond.comp_id 
_chem_comp_bond.atom_id_1 
_chem_comp_bond.atom_id_2 
_chem_comp_bond.value_order 
_chem_comp_bond.pdbx_aromatic_flag 
_chem_comp_bond.pdbx_stereo_config 
_chem_comp_bond.pdbx_ordinal 
ALA N   CA   sing N N 1   
ALA N   H    sing N N 2   
ALA N   H2   sing N N 3   
ALA CA  C    sing N N 4   
ALA CA  CB   sing N N 5   
ALA CA  HA   sing N N 6   
ALA C   O    doub N N 7   
ALA C   OXT  sing N N 8   
ALA CB  HB1  sing N N 9   
ALA CB  HB2  sing N N 10  
ALA CB  HB3  sing N N 11  
ALA OXT HXT  sing N N 12  
ARG N   CA   sing N N 13  
ARG N   H    sing N N 14  
ARG N   H2   sing N N 15  
ARG CA  C    sing N N 16  
ARG CA  CB   sing N N 17  
ARG CA  HA   sing N N 18  
ARG C   O    doub N N 19  
ARG C   OXT  sing N N 20  
ARG CB  CG   sing N N 21  
ARG CB  HB2  sing N N 22  
ARG CB  HB3  sing N N 23  
ARG CG  CD   sing N N 24  
ARG CG  HG2  sing N N 25  
ARG CG  HG3  sing N N 26  
ARG CD  NE   sing N N 27  
ARG CD  HD2  sing N N 28  
ARG CD  HD3  sing N N 29  
ARG NE  CZ   sing N N 30  
ARG NE  HE   sing N N 31  
ARG CZ  NH1  sing N N 32  
ARG CZ  NH2  doub N N 33  
ARG NH1 HH11 sing N N 34  
ARG NH1 HH12 sing N N 35  
ARG NH2 HH21 sing N N 36  
ARG NH2 HH22 sing N N 37  
ARG OXT HXT  sing N N 38  
ASN N   CA   sing N N 39  
ASN N   H    sing N N 40  
ASN N   H2   sing N N 41  
ASN CA  C    sing N N 42  
ASN CA  CB   sing N N 43  
ASN CA  HA   sing N N 44  
ASN C   O    doub N N 45  
ASN C   OXT  sing N N 46  
ASN CB  CG   sing N N 47  
ASN CB  HB2  sing N N 48  
ASN CB  HB3  sing N N 49  
ASN CG  OD1  doub N N 50  
ASN CG  ND2  sing N N 51  
ASN ND2 HD21 sing N N 52  
ASN ND2 HD22 sing N N 53  
ASN OXT HXT  sing N N 54  
ASP N   CA   sing N N 55  
ASP N   H    sing N N 56  
ASP N   H2   sing N N 57  
ASP CA  C    sing N N 58  
ASP CA  CB   sing N N 59  
ASP CA  HA   sing N N 60  
ASP C   O    doub N N 61  
ASP C   OXT  sing N N 62  
ASP CB  CG   sing N N 63  
ASP CB  HB2  sing N N 64  
ASP CB  HB3  sing N N 65  
ASP CG  OD1  doub N N 66  
ASP CG  OD2  sing N N 67  
ASP OD2 HD2  sing N N 68  
ASP OXT HXT  sing N N 69  
CYS N   CA   sing N N 70  
CYS N   H    sing N N 71  
CYS N   H2   sing N N 72  
CYS CA  C    sing N N 73  
CYS CA  CB   sing N N 74  
CYS CA  HA   sing N N 75  
CYS C   O    doub N N 76  
CYS C   OXT  sing N N 77  
CYS CB  SG   sing N N 78  
CYS CB  HB2  sing N N 79  
CYS CB  HB3  sing N N 80  
CYS SG  HG   sing N N 81  
CYS OXT HXT  sing N N 82  
GLN N   CA   sing N N 83  
GLN N   H    sing N N 84  
GLN N   H2   sing N N 85  
GLN CA  C    sing N N 86  
GLN CA  CB   sing N N 87  
GLN CA  HA   sing N N 88  
GLN C   O    doub N N 89  
GLN C   OXT  sing N N 90  
GLN CB  CG   sing N N 91  
GLN CB  HB2  sing N N 92  
GLN CB  HB3  sing N N 93  
GLN CG  CD   sing N N 94  
GLN CG  HG2  sing N N 95  
GLN CG  HG3  sing N N 96  
GLN CD  OE1  doub N N 97  
GLN CD  NE2  sing N N 98  
GLN NE2 HE21 sing N N 99  
GLN NE2 HE22 sing N N 100 
GLN OXT HXT  sing N N 101 
GLU N   CA   sing N N 102 
GLU N   H    sing N N 103 
GLU N   H2   sing N N 104 
GLU CA  C    sing N N 105 
GLU CA  CB   sing N N 106 
GLU CA  HA   sing N N 107 
GLU C   O    doub N N 108 
GLU C   OXT  sing N N 109 
GLU CB  CG   sing N N 110 
GLU CB  HB2  sing N N 111 
GLU CB  HB3  sing N N 112 
GLU CG  CD   sing N N 113 
GLU CG  HG2  sing N N 114 
GLU CG  HG3  sing N N 115 
GLU CD  OE1  doub N N 116 
GLU CD  OE2  sing N N 117 
GLU OE2 HE2  sing N N 118 
GLU OXT HXT  sing N N 119 
GLY N   CA   sing N N 120 
GLY N   H    sing N N 121 
GLY N   H2   sing N N 122 
GLY CA  C    sing N N 123 
GLY CA  HA2  sing N N 124 
GLY CA  HA3  sing N N 125 
GLY C   O    doub N N 126 
GLY C   OXT  sing N N 127 
GLY OXT HXT  sing N N 128 
HIS N   CA   sing N N 129 
HIS N   H    sing N N 130 
HIS N   H2   sing N N 131 
HIS CA  C    sing N N 132 
HIS CA  CB   sing N N 133 
HIS CA  HA   sing N N 134 
HIS C   O    doub N N 135 
HIS C   OXT  sing N N 136 
HIS CB  CG   sing N N 137 
HIS CB  HB2  sing N N 138 
HIS CB  HB3  sing N N 139 
HIS CG  ND1  sing Y N 140 
HIS CG  CD2  doub Y N 141 
HIS ND1 CE1  doub Y N 142 
HIS ND1 HD1  sing N N 143 
HIS CD2 NE2  sing Y N 144 
HIS CD2 HD2  sing N N 145 
HIS CE1 NE2  sing Y N 146 
HIS CE1 HE1  sing N N 147 
HIS NE2 HE2  sing N N 148 
HIS OXT HXT  sing N N 149 
HOH O   H1   sing N N 150 
HOH O   H2   sing N N 151 
ILE N   CA   sing N N 152 
ILE N   H    sing N N 153 
ILE N   H2   sing N N 154 
ILE CA  C    sing N N 155 
ILE CA  CB   sing N N 156 
ILE CA  HA   sing N N 157 
ILE C   O    doub N N 158 
ILE C   OXT  sing N N 159 
ILE CB  CG1  sing N N 160 
ILE CB  CG2  sing N N 161 
ILE CB  HB   sing N N 162 
ILE CG1 CD1  sing N N 163 
ILE CG1 HG12 sing N N 164 
ILE CG1 HG13 sing N N 165 
ILE CG2 HG21 sing N N 166 
ILE CG2 HG22 sing N N 167 
ILE CG2 HG23 sing N N 168 
ILE CD1 HD11 sing N N 169 
ILE CD1 HD12 sing N N 170 
ILE CD1 HD13 sing N N 171 
ILE OXT HXT  sing N N 172 
LEU N   CA   sing N N 173 
LEU N   H    sing N N 174 
LEU N   H2   sing N N 175 
LEU CA  C    sing N N 176 
LEU CA  CB   sing N N 177 
LEU CA  HA   sing N N 178 
LEU C   O    doub N N 179 
LEU C   OXT  sing N N 180 
LEU CB  CG   sing N N 181 
LEU CB  HB2  sing N N 182 
LEU CB  HB3  sing N N 183 
LEU CG  CD1  sing N N 184 
LEU CG  CD2  sing N N 185 
LEU CG  HG   sing N N 186 
LEU CD1 HD11 sing N N 187 
LEU CD1 HD12 sing N N 188 
LEU CD1 HD13 sing N N 189 
LEU CD2 HD21 sing N N 190 
LEU CD2 HD22 sing N N 191 
LEU CD2 HD23 sing N N 192 
LEU OXT HXT  sing N N 193 
LYS N   CA   sing N N 194 
LYS N   H    sing N N 195 
LYS N   H2   sing N N 196 
LYS CA  C    sing N N 197 
LYS CA  CB   sing N N 198 
LYS CA  HA   sing N N 199 
LYS C   O    doub N N 200 
LYS C   OXT  sing N N 201 
LYS CB  CG   sing N N 202 
LYS CB  HB2  sing N N 203 
LYS CB  HB3  sing N N 204 
LYS CG  CD   sing N N 205 
LYS CG  HG2  sing N N 206 
LYS CG  HG3  sing N N 207 
LYS CD  CE   sing N N 208 
LYS CD  HD2  sing N N 209 
LYS CD  HD3  sing N N 210 
LYS CE  NZ   sing N N 211 
LYS CE  HE2  sing N N 212 
LYS CE  HE3  sing N N 213 
LYS NZ  HZ1  sing N N 214 
LYS NZ  HZ2  sing N N 215 
LYS NZ  HZ3  sing N N 216 
LYS OXT HXT  sing N N 217 
MET N   CA   sing N N 218 
MET N   H    sing N N 219 
MET N   H2   sing N N 220 
MET CA  C    sing N N 221 
MET CA  CB   sing N N 222 
MET CA  HA   sing N N 223 
MET C   O    doub N N 224 
MET C   OXT  sing N N 225 
MET CB  CG   sing N N 226 
MET CB  HB2  sing N N 227 
MET CB  HB3  sing N N 228 
MET CG  SD   sing N N 229 
MET CG  HG2  sing N N 230 
MET CG  HG3  sing N N 231 
MET SD  CE   sing N N 232 
MET CE  HE1  sing N N 233 
MET CE  HE2  sing N N 234 
MET CE  HE3  sing N N 235 
MET OXT HXT  sing N N 236 
PHE N   CA   sing N N 237 
PHE N   H    sing N N 238 
PHE N   H2   sing N N 239 
PHE CA  C    sing N N 240 
PHE CA  CB   sing N N 241 
PHE CA  HA   sing N N 242 
PHE C   O    doub N N 243 
PHE C   OXT  sing N N 244 
PHE CB  CG   sing N N 245 
PHE CB  HB2  sing N N 246 
PHE CB  HB3  sing N N 247 
PHE CG  CD1  doub Y N 248 
PHE CG  CD2  sing Y N 249 
PHE CD1 CE1  sing Y N 250 
PHE CD1 HD1  sing N N 251 
PHE CD2 CE2  doub Y N 252 
PHE CD2 HD2  sing N N 253 
PHE CE1 CZ   doub Y N 254 
PHE CE1 HE1  sing N N 255 
PHE CE2 CZ   sing Y N 256 
PHE CE2 HE2  sing N N 257 
PHE CZ  HZ   sing N N 258 
PHE OXT HXT  sing N N 259 
PRO N   CA   sing N N 260 
PRO N   CD   sing N N 261 
PRO N   H    sing N N 262 
PRO CA  C    sing N N 263 
PRO CA  CB   sing N N 264 
PRO CA  HA   sing N N 265 
PRO C   O    doub N N 266 
PRO C   OXT  sing N N 267 
PRO CB  CG   sing N N 268 
PRO CB  HB2  sing N N 269 
PRO CB  HB3  sing N N 270 
PRO CG  CD   sing N N 271 
PRO CG  HG2  sing N N 272 
PRO CG  HG3  sing N N 273 
PRO CD  HD2  sing N N 274 
PRO CD  HD3  sing N N 275 
PRO OXT HXT  sing N N 276 
SER N   CA   sing N N 277 
SER N   H    sing N N 278 
SER N   H2   sing N N 279 
SER CA  C    sing N N 280 
SER CA  CB   sing N N 281 
SER CA  HA   sing N N 282 
SER C   O    doub N N 283 
SER C   OXT  sing N N 284 
SER CB  OG   sing N N 285 
SER CB  HB2  sing N N 286 
SER CB  HB3  sing N N 287 
SER OG  HG   sing N N 288 
SER OXT HXT  sing N N 289 
THR N   CA   sing N N 290 
THR N   H    sing N N 291 
THR N   H2   sing N N 292 
THR CA  C    sing N N 293 
THR CA  CB   sing N N 294 
THR CA  HA   sing N N 295 
THR C   O    doub N N 296 
THR C   OXT  sing N N 297 
THR CB  OG1  sing N N 298 
THR CB  CG2  sing N N 299 
THR CB  HB   sing N N 300 
THR OG1 HG1  sing N N 301 
THR CG2 HG21 sing N N 302 
THR CG2 HG22 sing N N 303 
THR CG2 HG23 sing N N 304 
THR OXT HXT  sing N N 305 
TRP N   CA   sing N N 306 
TRP N   H    sing N N 307 
TRP N   H2   sing N N 308 
TRP CA  C    sing N N 309 
TRP CA  CB   sing N N 310 
TRP CA  HA   sing N N 311 
TRP C   O    doub N N 312 
TRP C   OXT  sing N N 313 
TRP CB  CG   sing N N 314 
TRP CB  HB2  sing N N 315 
TRP CB  HB3  sing N N 316 
TRP CG  CD1  doub Y N 317 
TRP CG  CD2  sing Y N 318 
TRP CD1 NE1  sing Y N 319 
TRP CD1 HD1  sing N N 320 
TRP CD2 CE2  doub Y N 321 
TRP CD2 CE3  sing Y N 322 
TRP NE1 CE2  sing Y N 323 
TRP NE1 HE1  sing N N 324 
TRP CE2 CZ2  sing Y N 325 
TRP CE3 CZ3  doub Y N 326 
TRP CE3 HE3  sing N N 327 
TRP CZ2 CH2  doub Y N 328 
TRP CZ2 HZ2  sing N N 329 
TRP CZ3 CH2  sing Y N 330 
TRP CZ3 HZ3  sing N N 331 
TRP CH2 HH2  sing N N 332 
TRP OXT HXT  sing N N 333 
TYR N   CA   sing N N 334 
TYR N   H    sing N N 335 
TYR N   H2   sing N N 336 
TYR CA  C    sing N N 337 
TYR CA  CB   sing N N 338 
TYR CA  HA   sing N N 339 
TYR C   O    doub N N 340 
TYR C   OXT  sing N N 341 
TYR CB  CG   sing N N 342 
TYR CB  HB2  sing N N 343 
TYR CB  HB3  sing N N 344 
TYR CG  CD1  doub Y N 345 
TYR CG  CD2  sing Y N 346 
TYR CD1 CE1  sing Y N 347 
TYR CD1 HD1  sing N N 348 
TYR CD2 CE2  doub Y N 349 
TYR CD2 HD2  sing N N 350 
TYR CE1 CZ   doub Y N 351 
TYR CE1 HE1  sing N N 352 
TYR CE2 CZ   sing Y N 353 
TYR CE2 HE2  sing N N 354 
TYR CZ  OH   sing N N 355 
TYR OH  HH   sing N N 356 
TYR OXT HXT  sing N N 357 
VAL N   CA   sing N N 358 
VAL N   H    sing N N 359 
VAL N   H2   sing N N 360 
VAL CA  C    sing N N 361 
VAL CA  CB   sing N N 362 
VAL CA  HA   sing N N 363 
VAL C   O    doub N N 364 
VAL C   OXT  sing N N 365 
VAL CB  CG1  sing N N 366 
VAL CB  CG2  sing N N 367 
VAL CB  HB   sing N N 368 
VAL CG1 HG11 sing N N 369 
VAL CG1 HG12 sing N N 370 
VAL CG1 HG13 sing N N 371 
VAL CG2 HG21 sing N N 372 
VAL CG2 HG22 sing N N 373 
VAL CG2 HG23 sing N N 374 
VAL OXT HXT  sing N N 375 
VFI CAY CAX  doub Y N 376 
VFI CAY CAZ  sing Y N 377 
VFI CAX CAW  sing Y N 378 
VFI CAZ CBA  doub Y N 379 
VFI CBC CAV  sing N N 380 
VFI CAQ OAP  sing N N 381 
VFI CAW CAV  sing N N 382 
VFI CAW CBB  doub Y N 383 
VFI CBA CBB  sing Y N 384 
VFI CAV NAT  sing N N 385 
VFI OAP CAK  sing N N 386 
VFI CAU CAS  sing N N 387 
VFI NAT CAS  sing Y N 388 
VFI NAT CAO  sing Y N 389 
VFI CAJ CAK  doub Y N 390 
VFI CAJ CAI  sing Y N 391 
VFI CAK CAF  sing Y N 392 
VFI CBE CAD  sing N N 393 
VFI CAS NAR  doub Y N 394 
VFI CAO CAI  doub Y N 395 
VFI CAO CAN  sing Y N 396 
VFI CAD OAC  sing Y N 397 
VFI CAD CAE  doub Y N 398 
VFI CAI CAH  sing Y N 399 
VFI OAC NAB  sing Y N 400 
VFI CAF CAE  sing N N 401 
VFI CAF CAG  doub Y N 402 
VFI CAE CAA  sing Y N 403 
VFI NAR CAN  sing Y N 404 
VFI CAN CAM  doub Y N 405 
VFI NAB CAA  doub Y N 406 
VFI CAA CBD  sing N N 407 
VFI CAH CAG  sing Y N 408 
VFI CAH NAL  doub Y N 409 
VFI CAM NAL  sing Y N 410 
VFI CBE H1   sing N N 411 
VFI CBE H2   sing N N 412 
VFI CBE H3   sing N N 413 
VFI CBD H4   sing N N 414 
VFI CBD H5   sing N N 415 
VFI CBD H6   sing N N 416 
VFI CAG H7   sing N N 417 
VFI CAQ H8   sing N N 418 
VFI CAQ H9   sing N N 419 
VFI CAQ H10  sing N N 420 
VFI CAJ H11  sing N N 421 
VFI CAM H12  sing N N 422 
VFI CAU H13  sing N N 423 
VFI CAU H14  sing N N 424 
VFI CAU H15  sing N N 425 
VFI CAV H16  sing N N 426 
VFI CBC H17  sing N N 427 
VFI CBC H18  sing N N 428 
VFI CBC H19  sing N N 429 
VFI CAX H20  sing N N 430 
VFI CAY H21  sing N N 431 
VFI CAZ H22  sing N N 432 
VFI CBA H23  sing N N 433 
VFI CBB H24  sing N N 434 
# 
_pdbx_audit_support.funding_organization   'National Natural Science Foundation of China (NSFC)' 
_pdbx_audit_support.country                China 
_pdbx_audit_support.grant_number           81773195 
_pdbx_audit_support.ordinal                1 
# 
_pdbx_entity_instance_feature.ordinal        1 
_pdbx_entity_instance_feature.comp_id        VFI 
_pdbx_entity_instance_feature.asym_id        ? 
_pdbx_entity_instance_feature.seq_num        ? 
_pdbx_entity_instance_feature.auth_comp_id   VFI 
_pdbx_entity_instance_feature.auth_asym_id   ? 
_pdbx_entity_instance_feature.auth_seq_num   ? 
_pdbx_entity_instance_feature.feature_type   'SUBJECT OF INVESTIGATION' 
_pdbx_entity_instance_feature.details        ? 
# 
_pdbx_initial_refinement_model.id               1 
_pdbx_initial_refinement_model.entity_id_list   ? 
_pdbx_initial_refinement_model.type             'experimental model' 
_pdbx_initial_refinement_model.source_name      PDB 
_pdbx_initial_refinement_model.accession_code   5Z1S 
_pdbx_initial_refinement_model.details          ? 
# 
_atom_sites.entry_id                    8K14 
_atom_sites.Cartn_transf_matrix[1][1]   ? 
_atom_sites.Cartn_transf_matrix[1][2]   ? 
_atom_sites.Cartn_transf_matrix[1][3]   ? 
_atom_sites.Cartn_transf_matrix[2][1]   ? 
_atom_sites.Cartn_transf_matrix[2][2]   ? 
_atom_sites.Cartn_transf_matrix[2][3]   ? 
_atom_sites.Cartn_transf_matrix[3][1]   ? 
_atom_sites.Cartn_transf_matrix[3][2]   ? 
_atom_sites.Cartn_transf_matrix[3][3]   ? 
_atom_sites.Cartn_transf_vector[1]      ? 
_atom_sites.Cartn_transf_vector[2]      ? 
_atom_sites.Cartn_transf_vector[3]      ? 
_atom_sites.fract_transf_matrix[1][1]   0.01101092 
_atom_sites.fract_transf_matrix[1][2]   0.00297804 
_atom_sites.fract_transf_matrix[1][3]   -0.02341104 
_atom_sites.fract_transf_matrix[2][1]   0.01880371 
_atom_sites.fract_transf_matrix[2][2]   -0.01225212 
_atom_sites.fract_transf_matrix[2][3]   0.00728541 
_atom_sites.fract_transf_matrix[3][1]   -0.00474455 
_atom_sites.fract_transf_matrix[3][2]   -0.00931295 
_atom_sites.fract_transf_matrix[3][3]   -0.00341617 
_atom_sites.fract_transf_vector[1]      -0.206153 
_atom_sites.fract_transf_vector[2]      -0.137237 
_atom_sites.fract_transf_vector[3]      0.143645 
_atom_sites.solution_primary            ? 
_atom_sites.solution_secondary          ? 
_atom_sites.solution_hydrogens          ? 
_atom_sites.special_details             ? 
# 
loop_
_atom_type.symbol 
C 
N 
O 
S 
# 
loop_
_atom_site.group_PDB 
_atom_site.id 
_atom_site.type_symbol 
_atom_site.label_atom_id 
_atom_site.label_alt_id 
_atom_site.label_comp_id 
_atom_site.label_asym_id 
_atom_site.label_entity_id 
_atom_site.label_seq_id 
_atom_site.pdbx_PDB_ins_code 
_atom_site.Cartn_x 
_atom_site.Cartn_y 
_atom_site.Cartn_z 
_atom_site.occupancy 
_atom_site.B_iso_or_equiv 
_atom_site.pdbx_formal_charge 
_atom_site.auth_seq_id 
_atom_site.auth_comp_id 
_atom_site.auth_asym_id 
_atom_site.auth_atom_id 
_atom_site.pdbx_PDB_model_num 
ATOM   1    N N   . LEU A 1 11  ? -17.125 27.522  -7.816  1.00 46.62 ? 38  LEU A N   1 
ATOM   2    C CA  . LEU A 1 11  ? -17.921 27.168  -6.594  1.00 45.36 ? 38  LEU A CA  1 
ATOM   3    C C   . LEU A 1 11  ? -17.299 25.988  -5.836  1.00 43.19 ? 38  LEU A C   1 
ATOM   4    O O   . LEU A 1 11  ? -17.002 26.091  -4.646  1.00 47.31 ? 38  LEU A O   1 
ATOM   5    C CB  . LEU A 1 11  ? -19.399 26.859  -6.948  1.00 45.80 ? 38  LEU A CB  1 
ATOM   6    C CG  . LEU A 1 11  ? -20.445 27.983  -6.805  1.00 46.34 ? 38  LEU A CG  1 
ATOM   7    C CD1 . LEU A 1 11  ? -20.012 29.324  -7.394  1.00 45.55 ? 38  LEU A CD1 1 
ATOM   8    C CD2 . LEU A 1 11  ? -21.767 27.535  -7.417  1.00 43.79 ? 38  LEU A CD2 1 
ATOM   9    N N   . VAL A 1 12  ? -17.136 24.873  -6.543  1.00 39.76 ? 39  VAL A N   1 
ATOM   10   C CA  . VAL A 1 12  ? -16.597 23.621  -5.993  1.00 37.67 ? 39  VAL A CA  1 
ATOM   11   C C   . VAL A 1 12  ? -15.648 23.067  -7.044  1.00 33.55 ? 39  VAL A C   1 
ATOM   12   O O   . VAL A 1 12  ? -15.919 23.202  -8.234  1.00 31.03 ? 39  VAL A O   1 
ATOM   13   C CB  . VAL A 1 12  ? -17.708 22.554  -5.773  1.00 38.75 ? 39  VAL A CB  1 
ATOM   14   C CG1 . VAL A 1 12  ? -17.177 21.316  -5.048  1.00 41.10 ? 39  VAL A CG1 1 
ATOM   15   C CG2 . VAL A 1 12  ? -18.866 23.130  -4.990  1.00 40.19 ? 39  VAL A CG2 1 
ATOM   16   N N   . PRO A 1 13  ? -14.546 22.411  -6.622  1.00 32.29 ? 40  PRO A N   1 
ATOM   17   C CA  . PRO A 1 13  ? -13.752 21.683  -7.611  1.00 31.48 ? 40  PRO A CA  1 
ATOM   18   C C   . PRO A 1 13  ? -14.579 20.559  -8.235  1.00 29.15 ? 40  PRO A C   1 
ATOM   19   O O   . PRO A 1 13  ? -15.432 19.989  -7.569  1.00 31.57 ? 40  PRO A O   1 
ATOM   20   C CB  . PRO A 1 13  ? -12.584 21.121  -6.782  1.00 31.71 ? 40  PRO A CB  1 
ATOM   21   C CG  . PRO A 1 13  ? -12.508 22.007  -5.584  1.00 33.31 ? 40  PRO A CG  1 
ATOM   22   C CD  . PRO A 1 13  ? -13.943 22.329  -5.276  1.00 32.95 ? 40  PRO A CD  1 
ATOM   23   N N   . ARG A 1 14  ? -14.364 20.312  -9.516  1.00 29.00 ? 41  ARG A N   1 
ATOM   24   C CA  . ARG A 1 14  ? -15.120 19.311  -10.276 1.00 30.16 ? 41  ARG A CA  1 
ATOM   25   C C   . ARG A 1 14  ? -14.196 18.125  -10.487 1.00 27.31 ? 41  ARG A C   1 
ATOM   26   O O   . ARG A 1 14  ? -13.216 18.250  -11.211 1.00 31.11 ? 41  ARG A O   1 
ATOM   27   C CB  . ARG A 1 14  ? -15.573 19.889  -11.624 1.00 34.91 ? 41  ARG A CB  1 
ATOM   28   C CG  . ARG A 1 14  ? -17.033 20.317  -11.654 1.00 39.31 ? 41  ARG A CG  1 
ATOM   29   C CD  . ARG A 1 14  ? -17.358 21.417  -10.657 1.00 42.05 ? 41  ARG A CD  1 
ATOM   30   N NE  . ARG A 1 14  ? -17.495 22.735  -11.294 1.00 47.12 ? 41  ARG A NE  1 
ATOM   31   C CZ  . ARG A 1 14  ? -16.527 23.646  -11.447 1.00 49.74 ? 41  ARG A CZ  1 
ATOM   32   N NH1 . ARG A 1 14  ? -16.817 24.808  -12.032 1.00 51.04 ? 41  ARG A NH1 1 
ATOM   33   N NH2 . ARG A 1 14  ? -15.276 23.427  -11.032 1.00 52.49 ? 41  ARG A NH2 1 
ATOM   34   N N   . GLY A 1 15  ? -14.514 16.985  -9.868  1.00 20.10 ? 42  GLY A N   1 
ATOM   35   C CA  . GLY A 1 15  ? -13.683 15.782  -9.975  1.00 17.50 ? 42  GLY A CA  1 
ATOM   36   C C   . GLY A 1 15  ? -14.186 14.679  -9.054  1.00 16.69 ? 42  GLY A C   1 
ATOM   37   O O   . GLY A 1 15  ? -14.465 14.920  -7.891  1.00 16.83 ? 42  GLY A O   1 
ATOM   38   N N   . SER A 1 16  ? -14.343 13.482  -9.592  1.00 15.73 ? 43  SER A N   1 
ATOM   39   C CA  . SER A 1 16  ? -14.729 12.311  -8.812  1.00 15.02 ? 43  SER A CA  1 
ATOM   40   C C   . SER A 1 16  ? -13.490 11.498  -8.422  1.00 14.41 ? 43  SER A C   1 
ATOM   41   O O   . SER A 1 16  ? -12.409 11.673  -9.004  1.00 15.24 ? 43  SER A O   1 
ATOM   42   C CB  . SER A 1 16  ? -15.675 11.446  -9.605  1.00 16.30 ? 43  SER A CB  1 
ATOM   43   O OG  . SER A 1 16  ? -15.215 11.171  -10.904 1.00 17.87 ? 43  SER A OG  1 
ATOM   44   N N   . ASN A 1 17  ? -13.657 10.632  -7.432  1.00 12.68 ? 44  ASN A N   1 
ATOM   45   C CA  . ASN A 1 17  ? -12.602 9.633   -7.156  1.00 12.03 ? 44  ASN A CA  1 
ATOM   46   C C   . ASN A 1 17  ? -12.587 8.607   -8.271  1.00 12.03 ? 44  ASN A C   1 
ATOM   47   O O   . ASN A 1 17  ? -13.642 8.240   -8.787  1.00 13.04 ? 44  ASN A O   1 
ATOM   48   C CB  . ASN A 1 17  ? -12.882 8.902   -5.864  1.00 12.46 ? 44  ASN A CB  1 
ATOM   49   C CG  . ASN A 1 17  ? -12.744 9.781   -4.641  1.00 12.64 ? 44  ASN A CG  1 
ATOM   50   O OD1 . ASN A 1 17  ? -11.851 10.591  -4.556  1.00 15.03 ? 44  ASN A OD1 1 
ATOM   51   N ND2 . ASN A 1 17  ? -13.619 9.602   -3.700  1.00 13.22 ? 44  ASN A ND2 1 
ATOM   52   N N   . PRO A 1 18  ? -11.423 8.051   -8.596  1.00 10.74 ? 45  PRO A N   1 
ATOM   53   C CA  . PRO A 1 18  ? -11.394 6.878   -9.450  1.00 10.50 ? 45  PRO A CA  1 
ATOM   54   C C   . PRO A 1 18  ? -11.899 5.673   -8.683  1.00 10.49 ? 45  PRO A C   1 
ATOM   55   O O   . PRO A 1 18  ? -11.882 5.665   -7.438  1.00 11.23 ? 45  PRO A O   1 
ATOM   56   C CB  . PRO A 1 18  ? -9.900  6.695   -9.744  1.00 10.43 ? 45  PRO A CB  1 
ATOM   57   C CG  . PRO A 1 18  ? -9.234  7.215   -8.514  1.00 10.63 ? 45  PRO A CG  1 
ATOM   58   C CD  . PRO A 1 18  ? -10.106 8.318   -7.989  1.00 10.72 ? 45  PRO A CD  1 
ATOM   59   N N   . PRO A 1 19  ? -12.297 4.612   -9.378  1.00 10.95 ? 46  PRO A N   1 
ATOM   60   C CA  . PRO A 1 19  ? -12.558 3.360   -8.676  1.00 11.31 ? 46  PRO A CA  1 
ATOM   61   C C   . PRO A 1 19  ? -11.275 2.891   -7.965  1.00 11.17 ? 46  PRO A C   1 
ATOM   62   O O   . PRO A 1 19  ? -10.178 3.213   -8.438  1.00 11.07 ? 46  PRO A O   1 
ATOM   63   C CB  . PRO A 1 19  ? -12.976 2.395   -9.814  1.00 12.19 ? 46  PRO A CB  1 
ATOM   64   C CG  . PRO A 1 19  ? -12.309 2.956   -10.993 1.00 12.74 ? 46  PRO A CG  1 
ATOM   65   C CD  . PRO A 1 19  ? -12.362 4.439   -10.832 1.00 12.16 ? 46  PRO A CD  1 
ATOM   66   N N   . PRO A 1 20  ? -11.391 2.131   -6.882  1.00 11.08 ? 47  PRO A N   1 
ATOM   67   C CA  . PRO A 1 20  ? -10.213 1.619   -6.207  1.00 11.97 ? 47  PRO A CA  1 
ATOM   68   C C   . PRO A 1 20  ? -9.468  0.597   -7.065  1.00 11.04 ? 47  PRO A C   1 
ATOM   69   O O   . PRO A 1 20  ? -10.023 0.034   -8.041  1.00 11.08 ? 47  PRO A O   1 
ATOM   70   C CB  . PRO A 1 20  ? -10.805 0.980   -4.948  1.00 12.76 ? 47  PRO A CB  1 
ATOM   71   C CG  . PRO A 1 20  ? -12.203 0.617   -5.350  1.00 13.73 ? 47  PRO A CG  1 
ATOM   72   C CD  . PRO A 1 20  ? -12.663 1.659   -6.295  1.00 12.59 ? 47  PRO A CD  1 
ATOM   73   N N   . PRO A 1 21  ? -8.225  0.295   -6.742  1.00 10.52 ? 48  PRO A N   1 
ATOM   74   C CA  . PRO A 1 21  ? -7.533  -0.711  -7.516  1.00 10.56 ? 48  PRO A CA  1 
ATOM   75   C C   . PRO A 1 21  ? -8.192  -2.060  -7.456  1.00 10.86 ? 48  PRO A C   1 
ATOM   76   O O   . PRO A 1 21  ? -8.837  -2.424  -6.478  1.00 11.13 ? 48  PRO A O   1 
ATOM   77   C CB  . PRO A 1 21  ? -6.146  -0.779  -6.865  1.00 10.33 ? 48  PRO A CB  1 
ATOM   78   C CG  . PRO A 1 21  ? -5.993  0.510   -6.106  1.00 10.71 ? 48  PRO A CG  1 
ATOM   79   C CD  . PRO A 1 21  ? -7.383  0.843   -5.654  1.00 10.59 ? 48  PRO A CD  1 
ATOM   80   N N   . GLU A 1 22  ? -7.998  -2.817  -8.520  1.00 10.92 ? 49  GLU A N   1 
ATOM   81   C CA  . GLU A 1 22  ? -8.528  -4.170  -8.591  1.00 11.53 ? 49  GLU A CA  1 
ATOM   82   C C   . GLU A 1 22  ? -7.890  -5.015  -7.484  1.00 10.91 ? 49  GLU A C   1 
ATOM   83   O O   . GLU A 1 22  ? -6.685  -4.834  -7.184  1.00 11.33 ? 49  GLU A O   1 
ATOM   84   C CB  . GLU A 1 22  ? -8.295  -4.780  -9.979  1.00 13.34 ? 49  GLU A CB  1 
ATOM   85   C CG  . GLU A 1 22  ? -9.012  -3.969  -11.108 1.00 15.72 ? 49  GLU A CG  1 
ATOM   86   C CD  . GLU A 1 22  ? -8.835  -4.500  -12.521 1.00 18.79 ? 49  GLU A CD  1 
ATOM   87   O OE1 . GLU A 1 22  ? -8.765  -3.717  -13.512 1.00 17.03 ? 49  GLU A OE1 1 
ATOM   88   O OE2 . GLU A 1 22  ? -8.851  -5.746  -12.653 1.00 23.43 ? 49  GLU A OE2 1 
ATOM   89   N N   . THR A 1 23  ? -8.664  -5.899  -6.870  1.00 10.81 ? 50  THR A N   1 
ATOM   90   C CA  . THR A 1 23  ? -8.163  -6.739  -5.791  1.00 11.83 ? 50  THR A CA  1 
ATOM   91   C C   . THR A 1 23  ? -8.348  -8.224  -6.002  1.00 12.67 ? 50  THR A C   1 
ATOM   92   O O   . THR A 1 23  ? -7.847  -9.003  -5.211  1.00 13.16 ? 50  THR A O   1 
ATOM   93   C CB  . THR A 1 23  ? -8.811  -6.367  -4.448  1.00 12.63 ? 50  THR A CB  1 
ATOM   94   O OG1 . THR A 1 23  ? -10.227 -6.371  -4.595  1.00 15.98 ? 50  THR A OG1 1 
ATOM   95   C CG2 . THR A 1 23  ? -8.356  -5.003  -3.985  1.00 12.96 ? 50  THR A CG2 1 
ATOM   96   N N   . SER A 1 24  ? -9.042  -8.600  -7.048  1.00 13.67 ? 51  SER A N   1 
ATOM   97   C CA  . SER A 1 24  ? -9.177  -10.002 -7.390  1.00 16.51 ? 51  SER A CA  1 
ATOM   98   C C   . SER A 1 24  ? -9.150  -10.096 -8.889  1.00 17.58 ? 51  SER A C   1 
ATOM   99   O O   . SER A 1 24  ? -9.437  -9.139  -9.620  1.00 19.81 ? 51  SER A O   1 
ATOM   100  C CB  . SER A 1 24  ? -10.459 -10.569 -6.801  1.00 19.66 ? 51  SER A CB  1 
ATOM   101  O OG  . SER A 1 24  ? -11.557 -9.935  -7.404  1.00 23.31 ? 51  SER A OG  1 
ATOM   102  N N   . ASN A 1 25  ? -8.737  -11.249 -9.359  1.00 15.99 ? 52  ASN A N   1 
ATOM   103  C CA  . ASN A 1 25  ? -8.825  -11.542 -10.750 1.00 17.72 ? 52  ASN A CA  1 
ATOM   104  C C   . ASN A 1 25  ? -8.880  -13.064 -10.921 1.00 18.18 ? 52  ASN A C   1 
ATOM   105  O O   . ASN A 1 25  ? -7.883  -13.742 -10.698 1.00 17.32 ? 52  ASN A O   1 
ATOM   106  C CB  . ASN A 1 25  ? -7.651  -10.974 -11.510 1.00 17.65 ? 52  ASN A CB  1 
ATOM   107  C CG  . ASN A 1 25  ? -7.880  -11.040 -12.995 1.00 20.96 ? 52  ASN A CG  1 
ATOM   108  O OD1 . ASN A 1 25  ? -8.520  -11.979 -13.487 1.00 24.03 ? 52  ASN A OD1 1 
ATOM   109  N ND2 . ASN A 1 25  ? -7.446  -10.035 -13.704 1.00 21.40 ? 52  ASN A ND2 1 
ATOM   110  N N   . PRO A 1 26  ? -10.057 -13.594 -11.307 1.00 22.67 ? 53  PRO A N   1 
ATOM   111  C CA  . PRO A 1 26  ? -10.216 -15.018 -11.562 1.00 23.01 ? 53  PRO A CA  1 
ATOM   112  C C   . PRO A 1 26  ? -9.272  -15.641 -12.588 1.00 21.10 ? 53  PRO A C   1 
ATOM   113  O O   . PRO A 1 26  ? -9.072  -16.863 -12.523 1.00 23.92 ? 53  PRO A O   1 
ATOM   114  C CB  . PRO A 1 26  ? -11.650 -15.110 -12.090 1.00 25.27 ? 53  PRO A CB  1 
ATOM   115  C CG  . PRO A 1 26  ? -12.370 -14.024 -11.396 1.00 26.66 ? 53  PRO A CG  1 
ATOM   116  C CD  . PRO A 1 26  ? -11.367 -12.910 -11.238 1.00 24.71 ? 53  PRO A CD  1 
ATOM   117  N N   . ASN A 1 27  ? -8.749  -14.878 -13.541 1.00 18.32 ? 54  ASN A N   1 
ATOM   118  C CA  . ASN A 1 27  ? -7.853  -15.457 -14.538 1.00 19.69 ? 54  ASN A CA  1 
ATOM   119  C C   . ASN A 1 27  ? -6.448  -15.739 -14.066 1.00 19.40 ? 54  ASN A C   1 
ATOM   120  O O   . ASN A 1 27  ? -5.741  -16.579 -14.645 1.00 22.46 ? 54  ASN A O   1 
ATOM   121  C CB  . ASN A 1 27  ? -7.766  -14.574 -15.763 1.00 22.05 ? 54  ASN A CB  1 
ATOM   122  C CG  . ASN A 1 27  ? -8.960  -14.710 -16.629 1.00 25.16 ? 54  ASN A CG  1 
ATOM   123  O OD1 . ASN A 1 27  ? -9.756  -15.645 -16.466 1.00 27.75 ? 54  ASN A OD1 1 
ATOM   124  N ND2 . ASN A 1 27  ? -9.107  -13.793 -17.566 1.00 23.54 ? 54  ASN A ND2 1 
ATOM   125  N N   . LYS A 1 28  ? -6.031  -15.061 -13.012 1.00 17.52 ? 55  LYS A N   1 
ATOM   126  C CA  . LYS A 1 28  ? -4.670  -15.194 -12.540 1.00 19.69 ? 55  LYS A CA  1 
ATOM   127  C C   . LYS A 1 28  ? -4.570  -16.471 -11.713 1.00 17.87 ? 55  LYS A C   1 
ATOM   128  O O   . LYS A 1 28  ? -5.379  -16.696 -10.829 1.00 16.86 ? 55  LYS A O   1 
ATOM   129  C CB  . LYS A 1 28  ? -4.282  -13.977 -11.691 1.00 21.35 ? 55  LYS A CB  1 
ATOM   130  C CG  . LYS A 1 28  ? -4.279  -12.698 -12.516 1.00 25.00 ? 55  LYS A CG  1 
ATOM   131  C CD  . LYS A 1 28  ? -3.158  -11.740 -12.196 1.00 28.54 ? 55  LYS A CD  1 
ATOM   132  C CE  . LYS A 1 28  ? -3.466  -11.004 -10.923 1.00 27.39 ? 55  LYS A CE  1 
ATOM   133  N NZ  . LYS A 1 28  ? -2.309  -10.123 -10.539 1.00 27.93 ? 55  LYS A NZ  1 
ATOM   134  N N   . PRO A 1 29  ? -3.544  -17.305 -11.961 1.00 18.22 ? 56  PRO A N   1 
ATOM   135  C CA  . PRO A 1 29  ? -3.379  -18.462 -11.101 1.00 16.40 ? 56  PRO A CA  1 
ATOM   136  C C   . PRO A 1 29  ? -3.029  -18.074 -9.671  1.00 14.39 ? 56  PRO A C   1 
ATOM   137  O O   . PRO A 1 29  ? -2.536  -16.956 -9.408  1.00 16.07 ? 56  PRO A O   1 
ATOM   138  C CB  . PRO A 1 29  ? -2.214  -19.230 -11.730 1.00 18.24 ? 56  PRO A CB  1 
ATOM   139  C CG  . PRO A 1 29  ? -1.501  -18.235 -12.486 1.00 20.92 ? 56  PRO A CG  1 
ATOM   140  C CD  . PRO A 1 29  ? -2.489  -17.217 -12.971 1.00 19.63 ? 56  PRO A CD  1 
ATOM   141  N N   . LYS A 1 30  ? -3.321  -18.955 -8.754  1.00 12.93 ? 57  LYS A N   1 
ATOM   142  C CA  . LYS A 1 30  ? -3.216  -18.682 -7.342  1.00 13.61 ? 57  LYS A CA  1 
ATOM   143  C C   . LYS A 1 30  ? -2.260  -19.613 -6.659  1.00 12.82 ? 57  LYS A C   1 
ATOM   144  O O   . LYS A 1 30  ? -2.244  -20.827 -6.934  1.00 12.41 ? 57  LYS A O   1 
ATOM   145  C CB  . LYS A 1 30  ? -4.579  -18.844 -6.664  1.00 15.74 ? 57  LYS A CB  1 
ATOM   146  C CG  . LYS A 1 30  ? -5.615  -17.839 -7.126  1.00 18.97 ? 57  LYS A CG  1 
ATOM   147  C CD  . LYS A 1 30  ? -6.958  -18.150 -6.467  1.00 22.43 ? 57  LYS A CD  1 
ATOM   148  C CE  . LYS A 1 30  ? -8.104  -17.387 -7.100  1.00 26.06 ? 57  LYS A CE  1 
ATOM   149  N NZ  . LYS A 1 30  ? -7.902  -15.932 -6.996  1.00 27.12 ? 57  LYS A NZ  1 
ATOM   150  N N   . ARG A 1 31  ? -1.484  -19.101 -5.727  1.00 11.38 ? 58  ARG A N   1 
ATOM   151  C CA  . ARG A 1 31  ? -0.665  -19.936 -4.869  1.00 10.84 ? 58  ARG A CA  1 
ATOM   152  C C   . ARG A 1 31  ? -0.460  -19.298 -3.524  1.00 12.17 ? 58  ARG A C   1 
ATOM   153  O O   . ARG A 1 31  ? -0.511  -18.077 -3.421  1.00 13.66 ? 58  ARG A O   1 
ATOM   154  C CB  . ARG A 1 31  ? 0.723   -20.240 -5.489  1.00 10.01 ? 58  ARG A CB  1 
ATOM   155  C CG  . ARG A 1 31  ? 1.651   -19.051 -5.666  1.00 9.07  ? 58  ARG A CG  1 
ATOM   156  C CD  . ARG A 1 31  ? 2.957   -19.535 -6.257  1.00 8.77  ? 58  ARG A CD  1 
ATOM   157  N NE  . ARG A 1 31  ? 3.887   -18.448 -6.504  1.00 8.82  ? 58  ARG A NE  1 
ATOM   158  C CZ  . ARG A 1 31  ? 5.109   -18.620 -6.968  1.00 8.80  ? 58  ARG A CZ  1 
ATOM   159  N NH1 . ARG A 1 31  ? 5.548   -19.837 -7.306  1.00 9.44  ? 58  ARG A NH1 1 
ATOM   160  N NH2 . ARG A 1 31  ? 5.914   -17.583 -7.183  1.00 9.25  ? 58  ARG A NH2 1 
ATOM   161  N N   . GLN A 1 32  ? -0.164  -20.136 -2.540  1.00 13.31 ? 59  GLN A N   1 
ATOM   162  C CA  . GLN A 1 32  ? 0.304   -19.706 -1.229  1.00 16.02 ? 59  GLN A CA  1 
ATOM   163  C C   . GLN A 1 32  ? 1.774   -20.041 -1.151  1.00 15.57 ? 59  GLN A C   1 
ATOM   164  O O   . GLN A 1 32  ? 2.199   -21.116 -1.624  1.00 17.94 ? 59  GLN A O   1 
ATOM   165  C CB  . GLN A 1 32  ? -0.467  -20.436 -0.126  1.00 19.29 ? 59  GLN A CB  1 
ATOM   166  C CG  . GLN A 1 32  ? -1.946  -20.098 -0.110  1.00 23.85 ? 59  GLN A CG  1 
ATOM   167  C CD  . GLN A 1 32  ? -2.681  -20.848 0.978   1.00 29.36 ? 59  GLN A CD  1 
ATOM   168  O OE1 . GLN A 1 32  ? -2.247  -20.864 2.139   1.00 35.48 ? 59  GLN A OE1 1 
ATOM   169  N NE2 . GLN A 1 32  ? -3.782  -21.498 0.610   1.00 35.26 ? 59  GLN A NE2 1 
ATOM   170  N N   . THR A 1 33  ? 2.586   -19.116 -0.658  1.00 13.20 ? 60  THR A N   1 
ATOM   171  C CA  . THR A 1 33  ? 4.022   -19.340 -0.533  1.00 12.43 ? 60  THR A CA  1 
ATOM   172  C C   . THR A 1 33  ? 4.469   -18.824 0.801   1.00 12.21 ? 60  THR A C   1 
ATOM   173  O O   . THR A 1 33  ? 3.767   -18.013 1.426   1.00 11.93 ? 60  THR A O   1 
ATOM   174  C CB  . THR A 1 33  ? 4.819   -18.612 -1.615  1.00 11.96 ? 60  THR A CB  1 
ATOM   175  O OG1 . THR A 1 33  ? 4.687   -17.179 -1.435  1.00 12.23 ? 60  THR A OG1 1 
ATOM   176  C CG2 . THR A 1 33  ? 4.366   -19.015 -3.041  1.00 12.65 ? 60  THR A CG2 1 
ATOM   177  N N   A ASN A 1 34  ? 5.644   -19.270 1.215   0.50 11.84 ? 61  ASN A N   1 
ATOM   178  N N   B ASN A 1 34  ? 5.635   -19.248 1.256   0.50 13.03 ? 61  ASN A N   1 
ATOM   179  C CA  A ASN A 1 34  ? 6.240   -18.813 2.458   0.50 11.63 ? 61  ASN A CA  1 
ATOM   180  C CA  B ASN A 1 34  ? 6.085   -18.784 2.562   0.50 13.54 ? 61  ASN A CA  1 
ATOM   181  C C   A ASN A 1 34  ? 6.254   -17.289 2.522   0.50 11.19 ? 61  ASN A C   1 
ATOM   182  C C   B ASN A 1 34  ? 6.364   -17.261 2.585   0.50 12.33 ? 61  ASN A C   1 
ATOM   183  O O   A ASN A 1 34  ? 5.772   -16.675 3.507   0.50 10.81 ? 61  ASN A O   1 
ATOM   184  O O   B ASN A 1 34  ? 6.156   -16.600 3.619   0.50 11.68 ? 61  ASN A O   1 
ATOM   185  C CB  A ASN A 1 34  ? 7.666   -19.350 2.610   0.50 11.89 ? 61  ASN A CB  1 
ATOM   186  C CB  B ASN A 1 34  ? 7.220   -19.651 3.133   0.50 15.53 ? 61  ASN A CB  1 
ATOM   187  C CG  A ASN A 1 34  ? 7.728   -20.860 2.622   0.50 13.03 ? 61  ASN A CG  1 
ATOM   188  C CG  B ASN A 1 34  ? 8.566   -19.354 2.542   0.50 17.32 ? 61  ASN A CG  1 
ATOM   189  O OD1 A ASN A 1 34  ? 6.804   -21.538 3.089   0.50 15.54 ? 61  ASN A OD1 1 
ATOM   190  O OD1 B ASN A 1 34  ? 9.497   -19.025 3.281   0.50 20.71 ? 61  ASN A OD1 1 
ATOM   191  N ND2 A ASN A 1 34  ? 8.820   -21.396 2.108   0.50 14.91 ? 61  ASN A ND2 1 
ATOM   192  N ND2 B ASN A 1 34  ? 8.712   -19.530 1.235   0.50 18.06 ? 61  ASN A ND2 1 
ATOM   193  N N   . GLN A 1 35  ? 6.795   -16.690 1.467   1.00 10.95 ? 62  GLN A N   1 
ATOM   194  C CA  . GLN A 1 35  ? 6.975   -15.241 1.422   1.00 11.10 ? 62  GLN A CA  1 
ATOM   195  C C   . GLN A 1 35  ? 5.663   -14.484 1.384   1.00 10.79 ? 62  GLN A C   1 
ATOM   196  O O   . GLN A 1 35  ? 5.535   -13.446 2.066   1.00 11.00 ? 62  GLN A O   1 
ATOM   197  C CB  . GLN A 1 35  ? 7.887   -14.817 0.295   1.00 11.52 ? 62  GLN A CB  1 
ATOM   198  C CG  . GLN A 1 35  ? 9.301   -15.304 0.501   1.00 12.49 ? 62  GLN A CG  1 
ATOM   199  C CD  . GLN A 1 35  ? 10.269  -14.831 -0.525  1.00 14.19 ? 62  GLN A CD  1 
ATOM   200  O OE1 . GLN A 1 35  ? 9.882   -14.234 -1.547  1.00 16.02 ? 62  GLN A OE1 1 
ATOM   201  N NE2 . GLN A 1 35  ? 11.550  -15.055 -0.275  1.00 14.25 ? 62  GLN A NE2 1 
ATOM   202  N N   . LEU A 1 36  ? 4.679   -14.943 0.619   1.00 11.11 ? 63  LEU A N   1 
ATOM   203  C CA  . LEU A 1 36  ? 3.375   -14.283 0.625   1.00 11.76 ? 63  LEU A CA  1 
ATOM   204  C C   . LEU A 1 36  ? 2.722   -14.384 1.991   1.00 12.31 ? 63  LEU A C   1 
ATOM   205  O O   . LEU A 1 36  ? 2.086   -13.431 2.465   1.00 11.65 ? 63  LEU A O   1 
ATOM   206  C CB  . LEU A 1 36  ? 2.442   -14.840 -0.442  1.00 11.95 ? 63  LEU A CB  1 
ATOM   207  C CG  . LEU A 1 36  ? 2.816   -14.459 -1.854  1.00 12.94 ? 63  LEU A CG  1 
ATOM   208  C CD1 . LEU A 1 36  ? 2.037   -15.309 -2.855  1.00 13.47 ? 63  LEU A CD1 1 
ATOM   209  C CD2 . LEU A 1 36  ? 2.637   -12.979 -2.122  1.00 13.33 ? 63  LEU A CD2 1 
ATOM   210  N N   . GLN A 1 37  ? 2.823   -15.537 2.637   1.00 12.29 ? 64  GLN A N   1 
ATOM   211  C CA  . GLN A 1 37  ? 2.259   -15.695 3.970   1.00 13.57 ? 64  GLN A CA  1 
ATOM   212  C C   . GLN A 1 37  ? 2.915   -14.699 4.924   1.00 12.69 ? 64  GLN A C   1 
ATOM   213  O O   . GLN A 1 37  ? 2.210   -14.057 5.741   1.00 13.17 ? 64  GLN A O   1 
ATOM   214  C CB  . GLN A 1 37  ? 2.484   -17.115 4.499   1.00 15.88 ? 64  GLN A CB  1 
ATOM   215  C CG  . GLN A 1 37  ? 1.833   -17.364 5.858   1.00 20.08 ? 64  GLN A CG  1 
ATOM   216  C CD  . GLN A 1 37  ? 2.216   -18.712 6.465   1.00 25.76 ? 64  GLN A CD  1 
ATOM   217  O OE1 . GLN A 1 37  ? 3.369   -19.159 6.368   1.00 31.95 ? 64  GLN A OE1 1 
ATOM   218  N NE2 . GLN A 1 37  ? 1.246   -19.366 7.097   1.00 31.64 ? 64  GLN A NE2 1 
ATOM   219  N N   . TYR A 1 38  ? 4.223   -14.568 4.863   1.00 11.23 ? 65  TYR A N   1 
ATOM   220  C CA  . TYR A 1 38  ? 4.946   -13.610 5.696   1.00 11.92 ? 65  TYR A CA  1 
ATOM   221  C C   . TYR A 1 38  ? 4.498   -12.169 5.413   1.00 11.65 ? 65  TYR A C   1 
ATOM   222  O O   . TYR A 1 38  ? 4.333   -11.361 6.337   1.00 12.10 ? 65  TYR A O   1 
ATOM   223  C CB  . TYR A 1 38  ? 6.431   -13.780 5.451   1.00 12.47 ? 65  TYR A CB  1 
ATOM   224  C CG  . TYR A 1 38  ? 7.349   -12.840 6.206   1.00 12.49 ? 65  TYR A CG  1 
ATOM   225  C CD1 . TYR A 1 38  ? 7.773   -13.127 7.506   1.00 13.47 ? 65  TYR A CD1 1 
ATOM   226  C CD2 . TYR A 1 38  ? 7.840   -11.688 5.611   1.00 12.81 ? 65  TYR A CD2 1 
ATOM   227  C CE1 . TYR A 1 38  ? 8.612   -12.271 8.200   1.00 13.55 ? 65  TYR A CE1 1 
ATOM   228  C CE2 . TYR A 1 38  ? 8.710   -10.848 6.273   1.00 13.69 ? 65  TYR A CE2 1 
ATOM   229  C CZ  . TYR A 1 38  ? 9.079   -11.144 7.588   1.00 13.94 ? 65  TYR A CZ  1 
ATOM   230  O OH  . TYR A 1 38  ? 9.919   -10.322 8.261   1.00 14.43 ? 65  TYR A OH  1 
ATOM   231  N N   . LEU A 1 39  ? 4.322   -11.825 4.145   1.00 11.15 ? 66  LEU A N   1 
ATOM   232  C CA  . LEU A 1 39  ? 3.888   -10.489 3.784   1.00 11.50 ? 66  LEU A CA  1 
ATOM   233  C C   . LEU A 1 39  ? 2.545   -10.158 4.384   1.00 12.06 ? 66  LEU A C   1 
ATOM   234  O O   . LEU A 1 39  ? 2.327   -9.001  4.749   1.00 12.86 ? 66  LEU A O   1 
ATOM   235  C CB  . LEU A 1 39  ? 3.864   -10.314 2.265   1.00 11.95 ? 66  LEU A CB  1 
ATOM   236  C CG  . LEU A 1 39  ? 5.254   -10.098 1.688   1.00 12.80 ? 66  LEU A CG  1 
ATOM   237  C CD1 . LEU A 1 39  ? 5.270   -10.444 0.211   1.00 14.19 ? 66  LEU A CD1 1 
ATOM   238  C CD2 . LEU A 1 39  ? 5.721   -8.675  1.906   1.00 14.33 ? 66  LEU A CD2 1 
ATOM   239  N N   . LEU A 1 40  ? 1.632   -11.103 4.487   1.00 11.51 ? 67  LEU A N   1 
ATOM   240  C CA  . LEU A 1 40  ? 0.332   -10.850 5.126   1.00 13.05 ? 67  LEU A CA  1 
ATOM   241  C C   . LEU A 1 40  ? 0.428   -10.871 6.648   1.00 14.60 ? 67  LEU A C   1 
ATOM   242  O O   . LEU A 1 40  ? -0.016  -9.916  7.339   1.00 15.23 ? 67  LEU A O   1 
ATOM   243  C CB  . LEU A 1 40  ? -0.712  -11.844 4.659   1.00 14.40 ? 67  LEU A CB  1 
ATOM   244  C CG  . LEU A 1 40  ? -2.127  -11.708 5.245   1.00 15.20 ? 67  LEU A CG  1 
ATOM   245  C CD1 . LEU A 1 40  ? -2.683  -10.312 4.963   1.00 15.35 ? 67  LEU A CD1 1 
ATOM   246  C CD2 . LEU A 1 40  ? -3.088  -12.771 4.706   1.00 16.10 ? 67  LEU A CD2 1 
ATOM   247  N N   . ARG A 1 41  ? 0.992   -11.940 7.190   1.00 14.74 ? 68  ARG A N   1 
ATOM   248  C CA  . ARG A 1 41  ? 0.917   -12.216 8.642   1.00 16.32 ? 68  ARG A CA  1 
ATOM   249  C C   . ARG A 1 41  ? 1.917   -11.466 9.462   1.00 15.93 ? 68  ARG A C   1 
ATOM   250  O O   . ARG A 1 41  ? 1.700   -11.326 10.666  1.00 18.28 ? 68  ARG A O   1 
ATOM   251  C CB  . ARG A 1 41  ? 1.061   -13.718 8.919   1.00 19.52 ? 68  ARG A CB  1 
ATOM   252  C CG  . ARG A 1 41  ? -0.015  -14.568 8.256   1.00 22.86 ? 68  ARG A CG  1 
ATOM   253  C CD  . ARG A 1 41  ? -1.432  -14.109 8.599   1.00 28.60 ? 68  ARG A CD  1 
ATOM   254  N NE  . ARG A 1 41  ? -2.460  -14.928 7.961   1.00 33.20 ? 68  ARG A NE  1 
ATOM   255  C CZ  . ARG A 1 41  ? -3.752  -14.604 7.865   1.00 36.77 ? 68  ARG A CZ  1 
ATOM   256  N NH1 . ARG A 1 41  ? -4.588  -15.437 7.249   1.00 40.23 ? 68  ARG A NH1 1 
ATOM   257  N NH2 . ARG A 1 41  ? -4.224  -13.460 8.367   1.00 38.85 ? 68  ARG A NH2 1 
ATOM   258  N N   . VAL A 1 42  ? 3.029   -11.049 8.889   1.00 15.01 ? 69  VAL A N   1 
ATOM   259  C CA  . VAL A 1 42  ? 4.065   -10.287 9.560   1.00 15.00 ? 69  VAL A CA  1 
ATOM   260  C C   . VAL A 1 42  ? 4.133   -8.850  9.052   1.00 14.90 ? 69  VAL A C   1 
ATOM   261  O O   . VAL A 1 42  ? 3.985   -7.903  9.828   1.00 15.91 ? 69  VAL A O   1 
ATOM   262  C CB  . VAL A 1 42  ? 5.454   -10.965 9.476   1.00 15.30 ? 69  VAL A CB  1 
ATOM   263  C CG1 . VAL A 1 42  ? 6.516   -10.095 10.157  1.00 15.46 ? 69  VAL A CG1 1 
ATOM   264  C CG2 . VAL A 1 42  ? 5.425   -12.333 10.155  1.00 15.71 ? 69  VAL A CG2 1 
ATOM   265  N N   . VAL A 1 43  ? 4.358   -8.642  7.759   1.00 13.11 ? 70  VAL A N   1 
ATOM   266  C CA  . VAL A 1 43  ? 4.640   -7.295  7.247   1.00 13.05 ? 70  VAL A CA  1 
ATOM   267  C C   . VAL A 1 43  ? 3.384   -6.450  7.274   1.00 13.47 ? 70  VAL A C   1 
ATOM   268  O O   . VAL A 1 43  ? 3.369   -5.411  7.948   1.00 13.50 ? 70  VAL A O   1 
ATOM   269  C CB  . VAL A 1 43  ? 5.246   -7.345  5.828   1.00 12.89 ? 70  VAL A CB  1 
ATOM   270  C CG1 . VAL A 1 43  ? 5.557   -5.925  5.340   1.00 13.42 ? 70  VAL A CG1 1 
ATOM   271  C CG2 . VAL A 1 43  ? 6.521   -8.196  5.804   1.00 13.76 ? 70  VAL A CG2 1 
ATOM   272  N N   . LEU A 1 44  ? 2.328   -6.888  6.615   1.00 12.30 ? 71  LEU A N   1 
ATOM   273  C CA  . LEU A 1 44  ? 1.104   -6.097  6.584   1.00 13.39 ? 71  LEU A CA  1 
ATOM   274  C C   . LEU A 1 44  ? 0.529   -5.984  7.985   1.00 14.25 ? 71  LEU A C   1 
ATOM   275  O O   . LEU A 1 44  ? 0.128   -4.887  8.401   1.00 14.82 ? 71  LEU A O   1 
ATOM   276  C CB  . LEU A 1 44  ? 0.107   -6.691  5.611   1.00 14.11 ? 71  LEU A CB  1 
ATOM   277  C CG  . LEU A 1 44  ? -1.257  -5.994  5.386   1.00 16.57 ? 71  LEU A CG  1 
ATOM   278  C CD1 . LEU A 1 44  ? -2.262  -6.148  6.493   1.00 18.11 ? 71  LEU A CD1 1 
ATOM   279  C CD2 . LEU A 1 44  ? -1.111  -4.552  4.997   1.00 17.71 ? 71  LEU A CD2 1 
ATOM   280  N N   . LYS A 1 45  ? 0.462   -7.081  8.728   1.00 14.99 ? 72  LYS A N   1 
ATOM   281  C CA  . LYS A 1 45  ? -0.067  -7.048  10.104  1.00 17.08 ? 72  LYS A CA  1 
ATOM   282  C C   . LYS A 1 45  ? 0.637   -6.002  10.973  1.00 16.56 ? 72  LYS A C   1 
ATOM   283  O O   . LYS A 1 45  ? -0.046  -5.235  11.701  1.00 16.53 ? 72  LYS A O   1 
ATOM   284  C CB  . LYS A 1 45  ? 0.071   -8.419  10.756  1.00 19.66 ? 72  LYS A CB  1 
ATOM   285  C CG  . LYS A 1 45  ? -0.679  -8.498  12.074  1.00 22.45 ? 72  LYS A CG  1 
ATOM   286  C CD  . LYS A 1 45  ? -0.758  -9.915  12.592  1.00 26.08 ? 72  LYS A CD  1 
ATOM   287  C CE  . LYS A 1 45  ? -1.204  -9.913  14.041  1.00 28.80 ? 72  LYS A CE  1 
ATOM   288  N NZ  . LYS A 1 45  ? -1.706  -11.244 14.473  1.00 30.65 ? 72  LYS A NZ  1 
ATOM   289  N N   . THR A 1 46  ? 1.955   -5.949  10.941  1.00 15.32 ? 73  THR A N   1 
ATOM   290  C CA  . THR A 1 46  ? 2.756   -5.051  11.772  1.00 16.21 ? 73  THR A CA  1 
ATOM   291  C C   . THR A 1 46  ? 2.440   -3.613  11.381  1.00 15.86 ? 73  THR A C   1 
ATOM   292  O O   . THR A 1 46  ? 2.262   -2.756  12.243  1.00 15.42 ? 73  THR A O   1 
ATOM   293  C CB  . THR A 1 46  ? 4.263   -5.346  11.620  1.00 18.38 ? 73  THR A CB  1 
ATOM   294  O OG1 . THR A 1 46  ? 4.518   -6.657  12.125  1.00 21.02 ? 73  THR A OG1 1 
ATOM   295  C CG2 . THR A 1 46  ? 5.150   -4.367  12.360  1.00 20.26 ? 73  THR A CG2 1 
ATOM   296  N N   . LEU A 1 47  ? 2.362   -3.330  10.091  1.00 14.34 ? 74  LEU A N   1 
ATOM   297  C CA  . LEU A 1 47  ? 2.105   -1.965  9.653   1.00 13.95 ? 74  LEU A CA  1 
ATOM   298  C C   . LEU A 1 47  ? 0.673   -1.596  9.924   1.00 12.53 ? 74  LEU A C   1 
ATOM   299  O O   . LEU A 1 47  ? 0.413   -0.475  10.339  1.00 12.36 ? 74  LEU A O   1 
ATOM   300  C CB  . LEU A 1 47  ? 2.445   -1.787  8.161   1.00 14.80 ? 74  LEU A CB  1 
ATOM   301  C CG  . LEU A 1 47  ? 3.892   -1.265  7.880   1.00 18.07 ? 74  LEU A CG  1 
ATOM   302  C CD1 . LEU A 1 47  ? 4.993   -2.232  8.263   1.00 19.49 ? 74  LEU A CD1 1 
ATOM   303  C CD2 . LEU A 1 47  ? 4.009   -0.875  6.404   1.00 18.25 ? 74  LEU A CD2 1 
ATOM   304  N N   . TRP A 1 48  ? -0.267  -2.498  9.734   1.00 12.44 ? 75  TRP A N   1 
ATOM   305  C CA  . TRP A 1 48  ? -1.677  -2.205  9.862   1.00 12.86 ? 75  TRP A CA  1 
ATOM   306  C C   . TRP A 1 48  ? -2.045  -1.769  11.281  1.00 13.61 ? 75  TRP A C   1 
ATOM   307  O O   . TRP A 1 48  ? -2.945  -0.937  11.461  1.00 14.91 ? 75  TRP A O   1 
ATOM   308  C CB  . TRP A 1 48  ? -2.521  -3.434  9.520   1.00 13.23 ? 75  TRP A CB  1 
ATOM   309  C CG  . TRP A 1 48  ? -3.949  -3.182  9.408   1.00 13.38 ? 75  TRP A CG  1 
ATOM   310  C CD1 . TRP A 1 48  ? -4.887  -3.250  10.392  1.00 14.32 ? 75  TRP A CD1 1 
ATOM   311  C CD2 . TRP A 1 48  ? -4.655  -2.816  8.230   1.00 12.46 ? 75  TRP A CD2 1 
ATOM   312  N NE1 . TRP A 1 48  ? -6.117  -2.978  9.896   1.00 14.97 ? 75  TRP A NE1 1 
ATOM   313  C CE2 . TRP A 1 48  ? -6.013  -2.687  8.565   1.00 13.58 ? 75  TRP A CE2 1 
ATOM   314  C CE3 . TRP A 1 48  ? -4.268  -2.570  6.907   1.00 12.39 ? 75  TRP A CE3 1 
ATOM   315  C CZ2 . TRP A 1 48  ? -6.977  -2.337  7.661   1.00 13.18 ? 75  TRP A CZ2 1 
ATOM   316  C CZ3 . TRP A 1 48  ? -5.231  -2.216  6.010   1.00 12.57 ? 75  TRP A CZ3 1 
ATOM   317  C CH2 . TRP A 1 48  ? -6.571  -2.118  6.362   1.00 13.32 ? 75  TRP A CH2 1 
ATOM   318  N N   . LYS A 1 49  ? -1.373  -2.367  12.262  1.00 13.99 ? 76  LYS A N   1 
ATOM   319  C CA  . LYS A 1 49  ? -1.640  -2.094  13.687  1.00 16.64 ? 76  LYS A CA  1 
ATOM   320  C C   . LYS A 1 49  ? -0.921  -0.879  14.213  1.00 15.98 ? 76  LYS A C   1 
ATOM   321  O O   . LYS A 1 49  ? -1.155  -0.469  15.363  1.00 16.54 ? 76  LYS A O   1 
ATOM   322  C CB  . LYS A 1 49  ? -1.243  -3.311  14.532  1.00 19.18 ? 76  LYS A CB  1 
ATOM   323  C CG  . LYS A 1 49  ? -2.093  -4.546  14.282  1.00 23.97 ? 76  LYS A CG  1 
ATOM   324  C CD  . LYS A 1 49  ? -3.451  -4.432  14.965  1.00 28.65 ? 76  LYS A CD  1 
ATOM   325  C CE  . LYS A 1 49  ? -4.562  -3.878  14.080  1.00 30.22 ? 76  LYS A CE  1 
ATOM   326  N NZ  . LYS A 1 49  ? -5.464  -4.954  13.582  1.00 33.37 ? 76  LYS A NZ  1 
ATOM   327  N N   . HIS A 1 50  ? -0.035  -0.289  13.441  1.00 13.25 ? 77  HIS A N   1 
ATOM   328  C CA  . HIS A 1 50  ? 0.718   0.864   13.884  1.00 13.44 ? 77  HIS A CA  1 
ATOM   329  C C   . HIS A 1 50  ? -0.180  2.076   14.106  1.00 12.63 ? 77  HIS A C   1 
ATOM   330  O O   . HIS A 1 50  ? -1.151  2.276   13.435  1.00 12.03 ? 77  HIS A O   1 
ATOM   331  C CB  . HIS A 1 50  ? 1.770   1.163   12.837  1.00 14.07 ? 77  HIS A CB  1 
ATOM   332  C CG  . HIS A 1 50  ? 2.833   2.077   13.307  1.00 14.03 ? 77  HIS A CG  1 
ATOM   333  N ND1 . HIS A 1 50  ? 2.695   3.454   13.353  1.00 14.18 ? 77  HIS A ND1 1 
ATOM   334  C CD2 . HIS A 1 50  ? 4.066   1.806   13.779  1.00 15.83 ? 77  HIS A CD2 1 
ATOM   335  C CE1 . HIS A 1 50  ? 3.818   3.973   13.795  1.00 15.04 ? 77  HIS A CE1 1 
ATOM   336  N NE2 . HIS A 1 50  ? 4.668   2.996   14.079  1.00 17.16 ? 77  HIS A NE2 1 
ATOM   337  N N   . GLN A 1 51  ? 0.207   2.903   15.085  1.00 13.26 ? 78  GLN A N   1 
ATOM   338  C CA  . GLN A 1 51  ? -0.481  4.175   15.332  1.00 12.94 ? 78  GLN A CA  1 
ATOM   339  C C   . GLN A 1 51  ? -0.746  5.031   14.077  1.00 11.53 ? 78  GLN A C   1 
ATOM   340  O O   . GLN A 1 51  ? -1.763  5.638   13.966  1.00 11.50 ? 78  GLN A O   1 
ATOM   341  C CB  . GLN A 1 51  ? 0.346   5.017   16.290  1.00 13.99 ? 78  GLN A CB  1 
ATOM   342  C CG  . GLN A 1 51  ? -0.320  6.313   16.795  1.00 15.20 ? 78  GLN A CG  1 
ATOM   343  C CD  . GLN A 1 51  ? -1.544  6.081   17.648  1.00 16.72 ? 78  GLN A CD  1 
ATOM   344  O OE1 . GLN A 1 51  ? -1.650  5.064   18.323  1.00 18.28 ? 78  GLN A OE1 1 
ATOM   345  N NE2 . GLN A 1 51  ? -2.464  7.006   17.637  1.00 21.27 ? 78  GLN A NE2 1 
ATOM   346  N N   . PHE A 1 52  ? 0.192   4.997   13.149  1.00 11.52 ? 79  PHE A N   1 
ATOM   347  C CA  . PHE A 1 52  ? 0.118   5.850   11.947  1.00 11.76 ? 79  PHE A CA  1 
ATOM   348  C C   . PHE A 1 52  ? -0.421  5.140   10.723  1.00 10.95 ? 79  PHE A C   1 
ATOM   349  O O   . PHE A 1 52  ? -0.443  5.736   9.619   1.00 11.59 ? 79  PHE A O   1 
ATOM   350  C CB  . PHE A 1 52  ? 1.492   6.375   11.614  1.00 11.96 ? 79  PHE A CB  1 
ATOM   351  C CG  . PHE A 1 52  ? 2.149   7.159   12.707  1.00 12.57 ? 79  PHE A CG  1 
ATOM   352  C CD1 . PHE A 1 52  ? 1.401   7.804   13.706  1.00 13.39 ? 79  PHE A CD1 1 
ATOM   353  C CD2 . PHE A 1 52  ? 3.509   7.280   12.728  1.00 13.04 ? 79  PHE A CD2 1 
ATOM   354  C CE1 . PHE A 1 52  ? 2.036   8.527   14.706  1.00 14.65 ? 79  PHE A CE1 1 
ATOM   355  C CE2 . PHE A 1 52  ? 4.153   7.994   13.740  1.00 14.55 ? 79  PHE A CE2 1 
ATOM   356  C CZ  . PHE A 1 52  ? 3.397   8.602   14.719  1.00 14.47 ? 79  PHE A CZ  1 
ATOM   357  N N   . ALA A 1 53  ? -0.963  3.945   10.873  1.00 10.56 ? 80  ALA A N   1 
ATOM   358  C CA  . ALA A 1 53  ? -1.465  3.206   9.714   1.00 10.91 ? 80  ALA A CA  1 
ATOM   359  C C   . ALA A 1 53  ? -2.697  3.815   9.105   1.00 10.64 ? 80  ALA A C   1 
ATOM   360  O O   . ALA A 1 53  ? -2.940  3.668   7.913   1.00 10.28 ? 80  ALA A O   1 
ATOM   361  C CB  . ALA A 1 53  ? -1.780  1.775   10.107  1.00 12.05 ? 80  ALA A CB  1 
ATOM   362  N N   . TRP A 1 54  ? -3.522  4.504   9.887   1.00 10.06 ? 81  TRP A N   1 
ATOM   363  C CA  . TRP A 1 54  ? -4.874  4.770   9.485   1.00 10.31 ? 81  TRP A CA  1 
ATOM   364  C C   . TRP A 1 54  ? -5.063  5.573   8.185   1.00 9.32  ? 81  TRP A C   1 
ATOM   365  O O   . TRP A 1 54  ? -5.938  5.241   7.418   1.00 9.99  ? 81  TRP A O   1 
ATOM   366  C CB  . TRP A 1 54  ? -5.738  5.284   10.669  1.00 11.24 ? 81  TRP A CB  1 
ATOM   367  C CG  . TRP A 1 54  ? -5.305  6.630   11.186  1.00 10.89 ? 81  TRP A CG  1 
ATOM   368  C CD1 . TRP A 1 54  ? -4.405  6.894   12.171  1.00 11.58 ? 81  TRP A CD1 1 
ATOM   369  C CD2 . TRP A 1 54  ? -5.728  7.888   10.692  1.00 10.57 ? 81  TRP A CD2 1 
ATOM   370  N NE1 . TRP A 1 54  ? -4.242  8.221   12.332  1.00 11.63 ? 81  TRP A NE1 1 
ATOM   371  C CE2 . TRP A 1 54  ? -5.059  8.884   11.444  1.00 10.49 ? 81  TRP A CE2 1 
ATOM   372  C CE3 . TRP A 1 54  ? -6.619  8.278   9.704   1.00 9.98  ? 81  TRP A CE3 1 
ATOM   373  C CZ2 . TRP A 1 54  ? -5.280  10.247  11.220  1.00 11.10 ? 81  TRP A CZ2 1 
ATOM   374  C CZ3 . TRP A 1 54  ? -6.844  9.622   9.505   1.00 11.05 ? 81  TRP A CZ3 1 
ATOM   375  C CH2 . TRP A 1 54  ? -6.170  10.591  10.261  1.00 10.90 ? 81  TRP A CH2 1 
ATOM   376  N N   . PRO A 1 55  ? -4.189  6.592   7.907   1.00 9.14  ? 82  PRO A N   1 
ATOM   377  C CA  . PRO A 1 55  ? -4.372  7.268   6.608   1.00 8.98  ? 82  PRO A CA  1 
ATOM   378  C C   . PRO A 1 55  ? -4.059  6.394   5.398   1.00 9.00  ? 82  PRO A C   1 
ATOM   379  O O   . PRO A 1 55  ? -4.395  6.785   4.284   1.00 10.09 ? 82  PRO A O   1 
ATOM   380  C CB  . PRO A 1 55  ? -3.413  8.468   6.678   1.00 9.01  ? 82  PRO A CB  1 
ATOM   381  C CG  . PRO A 1 55  ? -3.165  8.660   8.167   1.00 9.42  ? 82  PRO A CG  1 
ATOM   382  C CD  . PRO A 1 55  ? -3.162  7.264   8.704   1.00 9.32  ? 82  PRO A CD  1 
ATOM   383  N N   . PHE A 1 56  ? -3.380  5.270   5.639   1.00 8.77  ? 83  PHE A N   1 
ATOM   384  C CA  . PHE A 1 56  ? -2.904  4.372   4.598   1.00 9.11  ? 83  PHE A CA  1 
ATOM   385  C C   . PHE A 1 56  ? -3.749  3.111   4.508   1.00 9.14  ? 83  PHE A C   1 
ATOM   386  O O   . PHE A 1 56  ? -3.426  2.222   3.696   1.00 9.87  ? 83  PHE A O   1 
ATOM   387  C CB  . PHE A 1 56  ? -1.446  4.020   4.860   1.00 9.23  ? 83  PHE A CB  1 
ATOM   388  C CG  . PHE A 1 56  ? -0.554  5.212   4.973   1.00 9.60  ? 83  PHE A CG  1 
ATOM   389  C CD1 . PHE A 1 56  ? 0.031   5.775   3.830   1.00 10.72 ? 83  PHE A CD1 1 
ATOM   390  C CD2 . PHE A 1 56  ? -0.336  5.853   6.207   1.00 9.52  ? 83  PHE A CD2 1 
ATOM   391  C CE1 . PHE A 1 56  ? 0.879   6.881   3.947   1.00 11.17 ? 83  PHE A CE1 1 
ATOM   392  C CE2 . PHE A 1 56  ? 0.472   6.970   6.306   1.00 10.91 ? 83  PHE A CE2 1 
ATOM   393  C CZ  . PHE A 1 56  ? 1.080   7.494   5.187   1.00 11.26 ? 83  PHE A CZ  1 
ATOM   394  N N   . GLN A 1 57  ? -4.839  3.005   5.252   1.00 9.44  ? 84  GLN A N   1 
ATOM   395  C CA  . GLN A 1 57  ? -5.640  1.763   5.302   1.00 9.80  ? 84  GLN A CA  1 
ATOM   396  C C   . GLN A 1 57  ? -6.721  1.705   4.243   1.00 9.55  ? 84  GLN A C   1 
ATOM   397  O O   . GLN A 1 57  ? -7.442  0.712   4.147   1.00 10.36 ? 84  GLN A O   1 
ATOM   398  C CB  . GLN A 1 57  ? -6.265  1.603   6.721   1.00 10.94 ? 84  GLN A CB  1 
ATOM   399  C CG  . GLN A 1 57  ? -5.278  1.140   7.783   1.00 11.00 ? 84  GLN A CG  1 
ATOM   400  C CD  . GLN A 1 57  ? -5.848  1.130   9.176   1.00 12.07 ? 84  GLN A CD  1 
ATOM   401  O OE1 . GLN A 1 57  ? -6.835  1.799   9.431   1.00 13.27 ? 84  GLN A OE1 1 
ATOM   402  N NE2 . GLN A 1 57  ? -5.254  0.351   10.074  1.00 13.51 ? 84  GLN A NE2 1 
ATOM   403  N N   . GLN A 1 58  ? -6.821  2.724   3.394   1.00 9.54  ? 85  GLN A N   1 
ATOM   404  C CA  . GLN A 1 58  ? -7.843  2.767   2.351   1.00 9.75  ? 85  GLN A CA  1 
ATOM   405  C C   . GLN A 1 58  ? -7.356  3.746   1.294   1.00 9.58  ? 85  GLN A C   1 
ATOM   406  O O   . GLN A 1 58  ? -6.492  4.581   1.586   1.00 9.46  ? 85  GLN A O   1 
ATOM   407  C CB  . GLN A 1 58  ? -9.224  3.202   2.912   1.00 10.27 ? 85  GLN A CB  1 
ATOM   408  C CG  . GLN A 1 58  ? -9.235  4.587   3.574   1.00 10.38 ? 85  GLN A CG  1 
ATOM   409  C CD  . GLN A 1 58  ? -8.565  4.617   4.918   1.00 11.43 ? 85  GLN A CD  1 
ATOM   410  O OE1 . GLN A 1 58  ? -8.869  3.774   5.775   1.00 12.69 ? 85  GLN A OE1 1 
ATOM   411  N NE2 . GLN A 1 58  ? -7.657  5.574   5.132   1.00 12.10 ? 85  GLN A NE2 1 
ATOM   412  N N   . PRO A 1 59  ? -7.920  3.684   0.085   1.00 9.63  ? 86  PRO A N   1 
ATOM   413  C CA  . PRO A 1 59  ? -7.559  4.678   -0.936  1.00 10.42 ? 86  PRO A CA  1 
ATOM   414  C C   . PRO A 1 59  ? -7.748  6.102   -0.490  1.00 10.13 ? 86  PRO A C   1 
ATOM   415  O O   . PRO A 1 59  ? -8.659  6.396   0.303   1.00 10.54 ? 86  PRO A O   1 
ATOM   416  C CB  . PRO A 1 59  ? -8.502  4.346   -2.088  1.00 10.82 ? 86  PRO A CB  1 
ATOM   417  C CG  . PRO A 1 59  ? -8.827  2.908   -1.936  1.00 10.98 ? 86  PRO A CG  1 
ATOM   418  C CD  . PRO A 1 59  ? -8.858  2.667   -0.445  1.00 10.81 ? 86  PRO A CD  1 
ATOM   419  N N   . VAL A 1 60  ? -6.926  7.005   -1.002  1.00 10.08 ? 87  VAL A N   1 
ATOM   420  C CA  . VAL A 1 60  ? -7.079  8.420   -0.743  1.00 10.49 ? 87  VAL A CA  1 
ATOM   421  C C   . VAL A 1 60  ? -8.422  8.861   -1.337  1.00 10.80 ? 87  VAL A C   1 
ATOM   422  O O   . VAL A 1 60  ? -8.678  8.721   -2.534  1.00 11.24 ? 87  VAL A O   1 
ATOM   423  C CB  . VAL A 1 60  ? -5.904  9.232   -1.316  1.00 11.18 ? 87  VAL A CB  1 
ATOM   424  C CG1 . VAL A 1 60  ? -6.165  10.731  -1.278  1.00 11.62 ? 87  VAL A CG1 1 
ATOM   425  C CG2 . VAL A 1 60  ? -4.625  8.881   -0.595  1.00 11.27 ? 87  VAL A CG2 1 
ATOM   426  N N   . ASP A 1 61  ? -9.281  9.374   -0.461  1.00 11.24 ? 88  ASP A N   1 
ATOM   427  C CA  . ASP A 1 61  ? -10.590 9.878   -0.879  1.00 11.76 ? 88  ASP A CA  1 
ATOM   428  C C   . ASP A 1 61  ? -10.420 11.355  -1.160  1.00 12.38 ? 88  ASP A C   1 
ATOM   429  O O   . ASP A 1 61  ? -10.540 12.209  -0.275  1.00 12.51 ? 88  ASP A O   1 
ATOM   430  C CB  . ASP A 1 61  ? -11.657 9.577   0.163   1.00 13.09 ? 88  ASP A CB  1 
ATOM   431  C CG  . ASP A 1 61  ? -13.052 9.989   -0.287  1.00 14.37 ? 88  ASP A CG  1 
ATOM   432  O OD1 . ASP A 1 61  ? -13.195 10.846  -1.160  1.00 13.76 ? 88  ASP A OD1 1 
ATOM   433  O OD2 . ASP A 1 61  ? -14.010 9.432   0.287   1.00 19.53 ? 88  ASP A OD2 1 
ATOM   434  N N   . ALA A 1 62  ? -10.110 11.666  -2.409  1.00 12.01 ? 89  ALA A N   1 
ATOM   435  C CA  . ALA A 1 62  ? -9.808  13.037  -2.816  1.00 12.92 ? 89  ALA A CA  1 
ATOM   436  C C   . ALA A 1 62  ? -11.021 13.951  -2.737  1.00 13.12 ? 89  ALA A C   1 
ATOM   437  O O   . ALA A 1 62  ? -10.856 15.144  -2.519  1.00 14.61 ? 89  ALA A O   1 
ATOM   438  C CB  . ALA A 1 62  ? -9.248  13.050  -4.229  1.00 14.01 ? 89  ALA A CB  1 
ATOM   439  N N   . VAL A 1 63  ? -12.195 13.373  -2.923  1.00 13.08 ? 90  VAL A N   1 
ATOM   440  C CA  . VAL A 1 63  ? -13.427 14.148  -2.795  1.00 14.44 ? 90  VAL A CA  1 
ATOM   441  C C   . VAL A 1 63  ? -13.630 14.548  -1.339  1.00 15.08 ? 90  VAL A C   1 
ATOM   442  O O   . VAL A 1 63  ? -13.743 15.742  -1.058  1.00 16.08 ? 90  VAL A O   1 
ATOM   443  C CB  . VAL A 1 63  ? -14.627 13.387  -3.379  1.00 14.93 ? 90  VAL A CB  1 
ATOM   444  C CG1 . VAL A 1 63  ? -15.927 14.157  -3.143  1.00 15.91 ? 90  VAL A CG1 1 
ATOM   445  C CG2 . VAL A 1 63  ? -14.416 13.163  -4.867  1.00 15.80 ? 90  VAL A CG2 1 
ATOM   446  N N   . LYS A 1 64  ? -13.632 13.584  -0.418  1.00 15.47 ? 91  LYS A N   1 
ATOM   447  C CA  . LYS A 1 64  ? -13.891 13.870  0.993   1.00 18.41 ? 91  LYS A CA  1 
ATOM   448  C C   . LYS A 1 64  ? -12.808 14.777  1.586   1.00 17.55 ? 91  LYS A C   1 
ATOM   449  O O   . LYS A 1 64  ? -13.101 15.701  2.370   1.00 18.23 ? 91  LYS A O   1 
ATOM   450  C CB  . LYS A 1 64  ? -13.966 12.589  1.803   1.00 22.49 ? 91  LYS A CB  1 
ATOM   451  C CG  . LYS A 1 64  ? -14.544 12.775  3.199   1.00 27.64 ? 91  LYS A CG  1 
ATOM   452  C CD  . LYS A 1 64  ? -15.859 12.020  3.413   1.00 33.43 ? 91  LYS A CD  1 
ATOM   453  C CE  . LYS A 1 64  ? -15.793 10.875  4.428   1.00 37.46 ? 91  LYS A CE  1 
ATOM   454  N NZ  . LYS A 1 64  ? -14.443 10.342  4.781   1.00 39.94 ? 91  LYS A NZ  1 
ATOM   455  N N   . LEU A 1 65  ? -11.541 14.531  1.228   1.00 15.92 ? 92  LEU A N   1 
ATOM   456  C CA  . LEU A 1 65  ? -10.425 15.298  1.756   1.00 15.27 ? 92  LEU A CA  1 
ATOM   457  C C   . LEU A 1 65  ? -10.179 16.615  1.067   1.00 15.83 ? 92  LEU A C   1 
ATOM   458  O O   . LEU A 1 65  ? -9.254  17.328  1.454   1.00 16.52 ? 92  LEU A O   1 
ATOM   459  C CB  . LEU A 1 65  ? -9.154  14.425  1.735   1.00 15.68 ? 92  LEU A CB  1 
ATOM   460  C CG  . LEU A 1 65  ? -9.219  13.154  2.576   1.00 15.94 ? 92  LEU A CG  1 
ATOM   461  C CD1 . LEU A 1 65  ? -8.003  12.302  2.280   1.00 16.49 ? 92  LEU A CD1 1 
ATOM   462  C CD2 . LEU A 1 65  ? -9.269  13.460  4.059   1.00 17.36 ? 92  LEU A CD2 1 
ATOM   463  N N   . ASN A 1 66  ? -10.970 16.950  0.035   1.00 15.81 ? 93  ASN A N   1 
ATOM   464  C CA  . ASN A 1 66  ? -10.799 18.189  -0.740  1.00 17.33 ? 93  ASN A CA  1 
ATOM   465  C C   . ASN A 1 66  ? -9.389  18.300  -1.305  1.00 17.79 ? 93  ASN A C   1 
ATOM   466  O O   . ASN A 1 66  ? -8.684  19.281  -1.113  1.00 17.75 ? 93  ASN A O   1 
ATOM   467  C CB  . ASN A 1 66  ? -11.171 19.425  0.108   1.00 20.76 ? 93  ASN A CB  1 
ATOM   468  C CG  . ASN A 1 66  ? -11.217 20.722  -0.710  1.00 24.26 ? 93  ASN A CG  1 
ATOM   469  O OD1 . ASN A 1 66  ? -11.436 20.729  -1.925  1.00 28.42 ? 93  ASN A OD1 1 
ATOM   470  N ND2 . ASN A 1 66  ? -11.003 21.842  -0.021  1.00 28.25 ? 93  ASN A ND2 1 
ATOM   471  N N   . LEU A 1 67  ? -8.981  17.252  -2.021  1.00 16.31 ? 94  LEU A N   1 
ATOM   472  C CA  . LEU A 1 67  ? -7.680  17.191  -2.693  1.00 16.31 ? 94  LEU A CA  1 
ATOM   473  C C   . LEU A 1 67  ? -7.935  17.028  -4.176  1.00 16.85 ? 94  LEU A C   1 
ATOM   474  O O   . LEU A 1 67  ? -7.653  15.984  -4.772  1.00 15.15 ? 94  LEU A O   1 
ATOM   475  C CB  . LEU A 1 67  ? -6.845  16.016  -2.167  1.00 15.64 ? 94  LEU A CB  1 
ATOM   476  C CG  . LEU A 1 67  ? -6.649  15.903  -0.657  1.00 17.48 ? 94  LEU A CG  1 
ATOM   477  C CD1 . LEU A 1 67  ? -5.968  14.577  -0.321  1.00 18.93 ? 94  LEU A CD1 1 
ATOM   478  C CD2 . LEU A 1 67  ? -5.889  17.104  -0.142  1.00 18.80 ? 94  LEU A CD2 1 
ATOM   479  N N   . PRO A 1 68  ? -8.490  18.061  -4.810  1.00 17.82 ? 95  PRO A N   1 
ATOM   480  C CA  . PRO A 1 68  ? -8.865  17.892  -6.213  1.00 18.19 ? 95  PRO A CA  1 
ATOM   481  C C   . PRO A 1 68  ? -7.722  17.616  -7.179  1.00 16.89 ? 95  PRO A C   1 
ATOM   482  O O   . PRO A 1 68  ? -7.977  17.091  -8.280  1.00 17.97 ? 95  PRO A O   1 
ATOM   483  C CB  . PRO A 1 68  ? -9.487  19.257  -6.559  1.00 20.53 ? 95  PRO A CB  1 
ATOM   484  C CG  . PRO A 1 68  ? -8.892  20.194  -5.605  1.00 20.37 ? 95  PRO A CG  1 
ATOM   485  C CD  . PRO A 1 68  ? -8.796  19.424  -4.326  1.00 20.09 ? 95  PRO A CD  1 
ATOM   486  N N   . ASP A 1 69  ? -6.487  17.938  -6.793  1.00 14.99 ? 96  ASP A N   1 
ATOM   487  C CA  . ASP A 1 69  ? -5.358  17.671  -7.648  1.00 14.68 ? 96  ASP A CA  1 
ATOM   488  C C   . ASP A 1 69  ? -4.686  16.303  -7.398  1.00 12.41 ? 96  ASP A C   1 
ATOM   489  O O   . ASP A 1 69  ? -3.745  15.994  -8.111  1.00 12.53 ? 96  ASP A O   1 
ATOM   490  C CB  . ASP A 1 69  ? -4.277  18.781  -7.546  1.00 17.85 ? 96  ASP A CB  1 
ATOM   491  C CG  . ASP A 1 69  ? -4.647  20.086  -8.261  1.00 21.21 ? 96  ASP A CG  1 
ATOM   492  O OD1 . ASP A 1 69  ? -5.303  20.047  -9.323  1.00 24.95 ? 96  ASP A OD1 1 
ATOM   493  O OD2 . ASP A 1 69  ? -4.186  21.154  -7.772  1.00 24.03 ? 96  ASP A OD2 1 
ATOM   494  N N   . TYR A 1 70  ? -5.180  15.486  -6.464  1.00 11.17 ? 97  TYR A N   1 
ATOM   495  C CA  . TYR A 1 70  ? -4.448  14.275  -6.053  1.00 10.23 ? 97  TYR A CA  1 
ATOM   496  C C   . TYR A 1 70  ? -4.336  13.315  -7.244  1.00 9.60  ? 97  TYR A C   1 
ATOM   497  O O   . TYR A 1 70  ? -3.236  12.912  -7.644  1.00 9.12  ? 97  TYR A O   1 
ATOM   498  C CB  . TYR A 1 70  ? -5.122  13.625  -4.850  1.00 9.79  ? 97  TYR A CB  1 
ATOM   499  C CG  . TYR A 1 70  ? -4.334  12.394  -4.394  1.00 9.68  ? 97  TYR A CG  1 
ATOM   500  C CD1 . TYR A 1 70  ? -3.246  12.533  -3.532  1.00 9.49  ? 97  TYR A CD1 1 
ATOM   501  C CD2 . TYR A 1 70  ? -4.629  11.106  -4.887  1.00 10.00 ? 97  TYR A CD2 1 
ATOM   502  C CE1 . TYR A 1 70  ? -2.492  11.443  -3.146  1.00 9.48  ? 97  TYR A CE1 1 
ATOM   503  C CE2 . TYR A 1 70  ? -3.874  10.009  -4.523  1.00 9.93  ? 97  TYR A CE2 1 
ATOM   504  C CZ  . TYR A 1 70  ? -2.824  10.193  -3.653  1.00 9.75  ? 97  TYR A CZ  1 
ATOM   505  O OH  . TYR A 1 70  ? -2.063  9.091   -3.311  1.00 10.00 ? 97  TYR A OH  1 
ATOM   506  N N   . TYR A 1 71  ? -5.464  12.966  -7.867  1.00 10.08 ? 98  TYR A N   1 
ATOM   507  C CA  . TYR A 1 71  ? -5.460  12.016  -8.971  1.00 9.87  ? 98  TYR A CA  1 
ATOM   508  C C   . TYR A 1 71  ? -5.110  12.684  -10.301 1.00 10.12 ? 98  TYR A C   1 
ATOM   509  O O   . TYR A 1 71  ? -4.963  11.993  -11.296 1.00 10.89 ? 98  TYR A O   1 
ATOM   510  C CB  . TYR A 1 71  ? -6.786  11.236  -9.032  1.00 10.00 ? 98  TYR A CB  1 
ATOM   511  C CG  . TYR A 1 71  ? -6.938  10.315  -7.844  1.00 9.94  ? 98  TYR A CG  1 
ATOM   512  C CD1 . TYR A 1 71  ? -6.135  9.188   -7.726  1.00 10.12 ? 98  TYR A CD1 1 
ATOM   513  C CD2 . TYR A 1 71  ? -7.849  10.583  -6.815  1.00 10.04 ? 98  TYR A CD2 1 
ATOM   514  C CE1 . TYR A 1 71  ? -6.245  8.341   -6.653  1.00 10.42 ? 98  TYR A CE1 1 
ATOM   515  C CE2 . TYR A 1 71  ? -7.965  9.746   -5.724  1.00 9.84  ? 98  TYR A CE2 1 
ATOM   516  C CZ  . TYR A 1 71  ? -7.149  8.625   -5.644  1.00 10.40 ? 98  TYR A CZ  1 
ATOM   517  O OH  . TYR A 1 71  ? -7.227  7.777   -4.567  1.00 11.10 ? 98  TYR A OH  1 
ATOM   518  N N   . LYS A 1 72  ? -4.886  13.989  -10.281 1.00 10.85 ? 99  LYS A N   1 
ATOM   519  C CA  . LYS A 1 72  ? -4.263  14.668  -11.421 1.00 11.97 ? 99  LYS A CA  1 
ATOM   520  C C   . LYS A 1 72  ? -2.800  14.330  -11.537 1.00 11.27 ? 99  LYS A C   1 
ATOM   521  O O   . LYS A 1 72  ? -2.249  14.348  -12.642 1.00 12.14 ? 99  LYS A O   1 
ATOM   522  C CB  . LYS A 1 72  ? -4.444  16.184  -11.358 1.00 14.97 ? 99  LYS A CB  1 
ATOM   523  C CG  . LYS A 1 72  ? -5.910  16.595  -11.435 1.00 18.51 ? 99  LYS A CG  1 
ATOM   524  C CD  . LYS A 1 72  ? -6.114  18.040  -11.855 1.00 23.05 ? 99  LYS A CD  1 
ATOM   525  C CE  . LYS A 1 72  ? -7.575  18.440  -11.719 1.00 28.08 ? 99  LYS A CE  1 
ATOM   526  N NZ  . LYS A 1 72  ? -7.767  19.267  -10.493 1.00 32.21 ? 99  LYS A NZ  1 
ATOM   527  N N   . ILE A 1 73  ? -2.152  13.967  -10.423 1.00 10.05 ? 100 ILE A N   1 
ATOM   528  C CA  . ILE A 1 73  ? -0.743  13.624  -10.486 1.00 11.26 ? 100 ILE A CA  1 
ATOM   529  C C   . ILE A 1 73  ? -0.434  12.203  -10.073 1.00 10.67 ? 100 ILE A C   1 
ATOM   530  O O   . ILE A 1 73  ? 0.617   11.705  -10.514 1.00 12.66 ? 100 ILE A O   1 
ATOM   531  C CB  . ILE A 1 73  ? 0.164   14.618  -9.760  1.00 13.07 ? 100 ILE A CB  1 
ATOM   532  C CG1 . ILE A 1 73  ? 0.079   14.521  -8.263  1.00 14.48 ? 100 ILE A CG1 1 
ATOM   533  C CG2 . ILE A 1 73  ? 0.014   16.060  -10.295 1.00 13.07 ? 100 ILE A CG2 1 
ATOM   534  C CD1 . ILE A 1 73  ? 1.244   15.229  -7.595  1.00 15.97 ? 100 ILE A CD1 1 
ATOM   535  N N   . ILE A 1 74  ? -1.256  11.550  -9.249  1.00 9.32  ? 101 ILE A N   1 
ATOM   536  C CA  . ILE A 1 74  ? -1.008  10.183  -8.769  1.00 9.14  ? 101 ILE A CA  1 
ATOM   537  C C   . ILE A 1 74  ? -1.805  9.238   -9.652  1.00 9.51  ? 101 ILE A C   1 
ATOM   538  O O   . ILE A 1 74  ? -3.030  9.116   -9.522  1.00 10.27 ? 101 ILE A O   1 
ATOM   539  C CB  . ILE A 1 74  ? -1.355  10.022  -7.272  1.00 9.40  ? 101 ILE A CB  1 
ATOM   540  C CG1 . ILE A 1 74  ? -0.507  10.977  -6.400  1.00 9.48  ? 101 ILE A CG1 1 
ATOM   541  C CG2 . ILE A 1 74  ? -1.200  8.571   -6.848  1.00 9.71  ? 101 ILE A CG2 1 
ATOM   542  C CD1 . ILE A 1 74  ? 0.993   10.828  -6.534  1.00 10.40 ? 101 ILE A CD1 1 
ATOM   543  N N   . LYS A 1 75  ? -1.120  8.601   -10.587 1.00 9.02  ? 102 LYS A N   1 
ATOM   544  C CA  . LYS A 1 75  ? -1.736  7.725   -11.574 1.00 9.48  ? 102 LYS A CA  1 
ATOM   545  C C   . LYS A 1 75  ? -1.633  6.279   -11.246 1.00 9.75  ? 102 LYS A C   1 
ATOM   546  O O   . LYS A 1 75  ? -2.306  5.465   -11.887 1.00 9.42  ? 102 LYS A O   1 
ATOM   547  C CB  . LYS A 1 75  ? -1.134  7.998   -12.955 1.00 9.73  ? 102 LYS A CB  1 
ATOM   548  C CG  . LYS A 1 75  ? -1.293  9.432   -13.408 1.00 9.97  ? 102 LYS A CG  1 
ATOM   549  C CD  . LYS A 1 75  ? -2.709  9.985   -13.387 1.00 9.82  ? 102 LYS A CD  1 
ATOM   550  C CE  . LYS A 1 75  ? -2.764  11.367  -14.006 1.00 10.64 ? 102 LYS A CE  1 
ATOM   551  N NZ  . LYS A 1 75  ? -4.122  11.911  -13.998 1.00 10.98 ? 102 LYS A NZ  1 
ATOM   552  N N   . THR A 1 76  ? -0.858  5.901   -10.222 1.00 9.03  ? 103 THR A N   1 
ATOM   553  C CA  . THR A 1 76  ? -0.801  4.511   -9.728  1.00 9.36  ? 103 THR A CA  1 
ATOM   554  C C   . THR A 1 76  ? -1.069  4.573   -8.220  1.00 9.10  ? 103 THR A C   1 
ATOM   555  O O   . THR A 1 76  ? -0.204  4.264   -7.408  1.00 8.75  ? 103 THR A O   1 
ATOM   556  C CB  . THR A 1 76  ? 0.553   3.828   -10.014 1.00 10.68 ? 103 THR A CB  1 
ATOM   557  O OG1 . THR A 1 76  ? 0.945   4.069   -11.373 1.00 12.10 ? 103 THR A OG1 1 
ATOM   558  C CG2 . THR A 1 76  ? 0.459   2.339   -9.791  1.00 10.51 ? 103 THR A CG2 1 
ATOM   559  N N   . PRO A 1 77  ? -2.293  4.919   -7.823  1.00 9.10  ? 104 PRO A N   1 
ATOM   560  C CA  . PRO A 1 77  ? -2.593  4.921   -6.395  1.00 8.91  ? 104 PRO A CA  1 
ATOM   561  C C   . PRO A 1 77  ? -2.478  3.546   -5.802  1.00 8.48  ? 104 PRO A C   1 
ATOM   562  O O   . PRO A 1 77  ? -2.685  2.526   -6.468  1.00 8.78  ? 104 PRO A O   1 
ATOM   563  C CB  . PRO A 1 77  ? -4.028  5.391   -6.332  1.00 9.09  ? 104 PRO A CB  1 
ATOM   564  C CG  . PRO A 1 77  ? -4.600  5.078   -7.674  1.00 9.48  ? 104 PRO A CG  1 
ATOM   565  C CD  . PRO A 1 77  ? -3.478  5.231   -8.635  1.00 9.29  ? 104 PRO A CD  1 
ATOM   566  N N   . MET A 1 78  ? -2.133  3.493   -4.512  1.00 7.93  ? 105 MET A N   1 
ATOM   567  C CA  . MET A 1 78  ? -2.058  2.233   -3.793  1.00 8.14  ? 105 MET A CA  1 
ATOM   568  C C   . MET A 1 78  ? -2.176  2.513   -2.305  1.00 8.11  ? 105 MET A C   1 
ATOM   569  O O   . MET A 1 78  ? -1.774  3.600   -1.847  1.00 9.07  ? 105 MET A O   1 
ATOM   570  C CB  . MET A 1 78  ? -0.736  1.531   -4.123  1.00 8.58  ? 105 MET A CB  1 
ATOM   571  C CG  . MET A 1 78  ? -0.618  0.093   -3.636  1.00 9.17  ? 105 MET A CG  1 
ATOM   572  S SD  . MET A 1 78  ? -2.008  -1.004  -3.942  1.00 9.63  ? 105 MET A SD  1 
ATOM   573  C CE  . MET A 1 78  ? -2.132  -0.924  -5.712  1.00 9.82  ? 105 MET A CE  1 
ATOM   574  N N   . ASP A 1 79  ? -2.690  1.541   -1.561  1.00 8.56  ? 106 ASP A N   1 
ATOM   575  C CA  . ASP A 1 79  ? -2.942  1.715   -0.124  1.00 8.31  ? 106 ASP A CA  1 
ATOM   576  C C   . ASP A 1 79  ? -2.907  0.333   0.490   1.00 8.20  ? 106 ASP A C   1 
ATOM   577  O O   . ASP A 1 79  ? -3.025  -0.686  -0.202  1.00 8.38  ? 106 ASP A O   1 
ATOM   578  C CB  . ASP A 1 79  ? -4.308  2.376   0.094   1.00 8.85  ? 106 ASP A CB  1 
ATOM   579  C CG  . ASP A 1 79  ? -5.412  1.501   -0.396  1.00 9.19  ? 106 ASP A CG  1 
ATOM   580  O OD1 . ASP A 1 79  ? -5.674  1.473   -1.641  1.00 9.56  ? 106 ASP A OD1 1 
ATOM   581  O OD2 . ASP A 1 79  ? -5.978  0.761   0.449   1.00 9.56  ? 106 ASP A OD2 1 
ATOM   582  N N   . MET A 1 80  ? -2.822  0.283   1.801   1.00 8.58  ? 107 MET A N   1 
ATOM   583  C CA  . MET A 1 80  ? -2.754  -1.006  2.508   1.00 8.72  ? 107 MET A CA  1 
ATOM   584  C C   . MET A 1 80  ? -4.054  -1.778  2.532   1.00 9.13  ? 107 MET A C   1 
ATOM   585  O O   . MET A 1 80  ? -3.994  -2.996  2.661   1.00 9.87  ? 107 MET A O   1 
ATOM   586  C CB  . MET A 1 80  ? -2.242  -0.860  3.952   1.00 9.82  ? 107 MET A CB  1 
ATOM   587  C CG  . MET A 1 80  ? -0.828  -0.309  4.041   1.00 10.48 ? 107 MET A CG  1 
ATOM   588  S SD  . MET A 1 80  ? -0.008  -0.647  5.604   1.00 11.75 ? 107 MET A SD  1 
ATOM   589  C CE  . MET A 1 80  ? -1.011  0.307   6.712   1.00 11.77 ? 107 MET A CE  1 
ATOM   590  N N   . GLY A 1 81  ? -5.212  -1.129  2.433   1.00 9.23  ? 108 GLY A N   1 
ATOM   591  C CA  . GLY A 1 81  ? -6.438  -1.866  2.342   1.00 9.75  ? 108 GLY A CA  1 
ATOM   592  C C   . GLY A 1 81  ? -6.482  -2.712  1.071   1.00 9.62  ? 108 GLY A C   1 
ATOM   593  O O   . GLY A 1 81  ? -6.893  -3.865  1.082   1.00 10.38 ? 108 GLY A O   1 
ATOM   594  N N   . THR A 1 82  ? -6.081  -2.092  -0.028  1.00 9.11  ? 109 THR A N   1 
ATOM   595  C CA  . THR A 1 82  ? -5.918  -2.794  -1.307  1.00 9.01  ? 109 THR A CA  1 
ATOM   596  C C   . THR A 1 82  ? -4.910  -3.933  -1.218  1.00 8.77  ? 109 THR A C   1 
ATOM   597  O O   . THR A 1 82  ? -5.192  -5.058  -1.682  1.00 8.96  ? 109 THR A O   1 
ATOM   598  C CB  . THR A 1 82  ? -5.507  -1.791  -2.386  1.00 9.13  ? 109 THR A CB  1 
ATOM   599  O OG1 . THR A 1 82  ? -6.573  -0.844  -2.574  1.00 9.63  ? 109 THR A OG1 1 
ATOM   600  C CG2 . THR A 1 82  ? -5.238  -2.467  -3.692  1.00 9.66  ? 109 THR A CG2 1 
ATOM   601  N N   . ILE A 1 83  ? -3.771  -3.670  -0.614  1.00 8.64  ? 110 ILE A N   1 
ATOM   602  C CA  . ILE A 1 83  ? -2.735  -4.704  -0.512  1.00 9.06  ? 110 ILE A CA  1 
ATOM   603  C C   . ILE A 1 83  ? -3.267  -5.869  0.317   1.00 9.50  ? 110 ILE A C   1 
ATOM   604  O O   . ILE A 1 83  ? -3.069  -7.036  -0.041  1.00 9.92  ? 110 ILE A O   1 
ATOM   605  C CB  . ILE A 1 83  ? -1.454  -4.134  0.100   1.00 9.06  ? 110 ILE A CB  1 
ATOM   606  C CG1 . ILE A 1 83  ? -0.814  -3.118  -0.843  1.00 8.92  ? 110 ILE A CG1 1 
ATOM   607  C CG2 . ILE A 1 83  ? -0.460  -5.258  0.411   1.00 9.58  ? 110 ILE A CG2 1 
ATOM   608  C CD1 . ILE A 1 83  ? 0.279   -2.270  -0.259  1.00 9.08  ? 110 ILE A CD1 1 
ATOM   609  N N   . LYS A 1 84  ? -3.917  -5.567  1.435   1.00 9.65  ? 111 LYS A N   1 
ATOM   610  C CA  . LYS A 1 84  ? -4.517  -6.612  2.278   1.00 10.79 ? 111 LYS A CA  1 
ATOM   611  C C   . LYS A 1 84  ? -5.482  -7.471  1.489   1.00 10.81 ? 111 LYS A C   1 
ATOM   612  O O   . LYS A 1 84  ? -5.390  -8.710  1.531   1.00 11.27 ? 111 LYS A O   1 
ATOM   613  C CB  . LYS A 1 84  ? -5.220  -5.953  3.469   1.00 12.37 ? 111 LYS A CB  1 
ATOM   614  C CG  . LYS A 1 84  ? -5.787  -6.939  4.490   1.00 14.51 ? 111 LYS A CG  1 
ATOM   615  C CD  . LYS A 1 84  ? -6.323  -6.166  5.708   1.00 16.81 ? 111 LYS A CD  1 
ATOM   616  C CE  . LYS A 1 84  ? -6.802  -7.059  6.831   1.00 20.52 ? 111 LYS A CE  1 
ATOM   617  N NZ  . LYS A 1 84  ? -8.116  -7.642  6.530   1.00 22.98 ? 111 LYS A NZ  1 
ATOM   618  N N   . LYS A 1 85  ? -6.392  -6.860  0.763   1.00 10.67 ? 112 LYS A N   1 
ATOM   619  C CA  . LYS A 1 85  ? -7.343  -7.609  -0.046  1.00 11.61 ? 112 LYS A CA  1 
ATOM   620  C C   . LYS A 1 85  ? -6.630  -8.415  -1.142  1.00 11.25 ? 112 LYS A C   1 
ATOM   621  O O   . LYS A 1 85  ? -6.987  -9.553  -1.417  1.00 11.62 ? 112 LYS A O   1 
ATOM   622  C CB  . LYS A 1 85  ? -8.396  -6.696  -0.657  1.00 13.12 ? 112 LYS A CB  1 
ATOM   623  C CG  . LYS A 1 85  ? -9.367  -6.131  0.360   1.00 15.74 ? 112 LYS A CG  1 
ATOM   624  C CD  . LYS A 1 85  ? -10.332 -5.162  -0.284  1.00 19.21 ? 112 LYS A CD  1 
ATOM   625  C CE  . LYS A 1 85  ? -11.306 -4.578  0.735   1.00 23.93 ? 112 LYS A CE  1 
ATOM   626  N NZ  . LYS A 1 85  ? -12.046 -3.421  0.155   1.00 28.04 ? 112 LYS A NZ  1 
ATOM   627  N N   . ARG A 1 86  ? -5.627  -7.843  -1.784  1.00 10.35 ? 113 ARG A N   1 
ATOM   628  C CA  . ARG A 1 86  ? -4.897  -8.579  -2.822  1.00 9.82  ? 113 ARG A CA  1 
ATOM   629  C C   . ARG A 1 86  ? -4.251  -9.808  -2.202  1.00 10.57 ? 113 ARG A C   1 
ATOM   630  O O   . ARG A 1 86  ? -4.299  -10.910 -2.805  1.00 10.61 ? 113 ARG A O   1 
ATOM   631  C CB  . ARG A 1 86  ? -3.856  -7.678  -3.465  1.00 9.01  ? 113 ARG A CB  1 
ATOM   632  C CG  . ARG A 1 86  ? -4.436  -6.697  -4.450  1.00 9.19  ? 113 ARG A CG  1 
ATOM   633  C CD  . ARG A 1 86  ? -3.430  -5.719  -5.051  1.00 8.76  ? 113 ARG A CD  1 
ATOM   634  N NE  . ARG A 1 86  ? -4.053  -4.957  -6.112  1.00 8.95  ? 113 ARG A NE  1 
ATOM   635  C CZ  . ARG A 1 86  ? -3.440  -4.348  -7.113  1.00 8.88  ? 113 ARG A CZ  1 
ATOM   636  N NH1 . ARG A 1 86  ? -2.127  -4.240  -7.171  1.00 10.29 ? 113 ARG A NH1 1 
ATOM   637  N NH2 . ARG A 1 86  ? -4.180  -3.831  -8.078  1.00 9.53  ? 113 ARG A NH2 1 
ATOM   638  N N   . LEU A 1 87  ? -3.612  -9.691  -1.058  1.00 9.91  ? 114 LEU A N   1 
ATOM   639  C CA  . LEU A 1 87  ? -3.055  -10.863 -0.376  1.00 11.13 ? 114 LEU A CA  1 
ATOM   640  C C   . LEU A 1 87  ? -4.128  -11.878 -0.043  1.00 11.77 ? 114 LEU A C   1 
ATOM   641  O O   . LEU A 1 87  ? -3.966  -13.083 -0.329  1.00 12.58 ? 114 LEU A O   1 
ATOM   642  C CB  . LEU A 1 87  ? -2.277  -10.465 0.875   1.00 10.64 ? 114 LEU A CB  1 
ATOM   643  C CG  . LEU A 1 87  ? -0.936  -9.812  0.604   1.00 11.17 ? 114 LEU A CG  1 
ATOM   644  C CD1 . LEU A 1 87  ? -0.429  -8.983  1.765   1.00 11.18 ? 114 LEU A CD1 1 
ATOM   645  C CD2 . LEU A 1 87  ? 0.112   -10.829 0.192   1.00 11.27 ? 114 LEU A CD2 1 
ATOM   646  N N   . GLU A 1 88  ? -5.244  -11.430 0.491   1.00 12.23 ? 115 GLU A N   1 
ATOM   647  C CA  . GLU A 1 88  ? -6.313  -12.343 0.883   1.00 13.53 ? 115 GLU A CA  1 
ATOM   648  C C   . GLU A 1 88  ? -6.911  -13.049 -0.300  1.00 13.93 ? 115 GLU A C   1 
ATOM   649  O O   . GLU A 1 88  ? -7.403  -14.196 -0.142  1.00 14.87 ? 115 GLU A O   1 
ATOM   650  C CB  . GLU A 1 88  ? -7.408  -11.570 1.612   1.00 14.36 ? 115 GLU A CB  1 
ATOM   651  C CG  . GLU A 1 88  ? -6.963  -11.126 2.991   1.00 15.43 ? 115 GLU A CG  1 
ATOM   652  C CD  . GLU A 1 88  ? -7.866  -10.092 3.651   1.00 16.69 ? 115 GLU A CD  1 
ATOM   653  O OE1 . GLU A 1 88  ? -8.714  -9.451  2.971   1.00 20.08 ? 115 GLU A OE1 1 
ATOM   654  O OE2 . GLU A 1 88  ? -7.648  -9.897  4.867   1.00 20.82 ? 115 GLU A OE2 1 
ATOM   655  N N   . ASN A 1 89  ? -6.915  -12.429 -1.468  1.00 13.14 ? 116 ASN A N   1 
ATOM   656  C CA  . ASN A 1 89  ? -7.490  -12.983 -2.687  1.00 13.80 ? 116 ASN A CA  1 
ATOM   657  C C   . ASN A 1 89  ? -6.469  -13.657 -3.590  1.00 13.61 ? 116 ASN A C   1 
ATOM   658  O O   . ASN A 1 89  ? -6.804  -13.986 -4.737  1.00 13.75 ? 116 ASN A O   1 
ATOM   659  C CB  . ASN A 1 89  ? -8.230  -11.895 -3.465  1.00 14.96 ? 116 ASN A CB  1 
ATOM   660  C CG  . ASN A 1 89  ? -9.389  -11.325 -2.710  1.00 16.93 ? 116 ASN A CG  1 
ATOM   661  O OD1 . ASN A 1 89  ? -9.971  -11.973 -1.868  1.00 22.76 ? 116 ASN A OD1 1 
ATOM   662  N ND2 . ASN A 1 89  ? -9.734  -10.092 -3.021  1.00 17.90 ? 116 ASN A ND2 1 
ATOM   663  N N   . ASN A 1 90  ? -5.246  -13.850 -3.099  1.00 12.67 ? 117 ASN A N   1 
ATOM   664  C CA  . ASN A 1 90  ? -4.204  -14.520 -3.871  1.00 13.40 ? 117 ASN A CA  1 
ATOM   665  C C   . ASN A 1 90  ? -3.966  -13.838 -5.207  1.00 13.03 ? 117 ASN A C   1 
ATOM   666  O O   . ASN A 1 90  ? -3.669  -14.473 -6.223  1.00 13.28 ? 117 ASN A O   1 
ATOM   667  C CB  . ASN A 1 90  ? -4.542  -16.026 -4.036  1.00 16.63 ? 117 ASN A CB  1 
ATOM   668  C CG  . ASN A 1 90  ? -4.913  -16.692 -2.708  1.00 18.65 ? 117 ASN A CG  1 
ATOM   669  O OD1 . ASN A 1 90  ? -4.080  -16.859 -1.830  1.00 22.10 ? 117 ASN A OD1 1 
ATOM   670  N ND2 . ASN A 1 90  ? -6.181  -17.040 -2.561  1.00 21.53 ? 117 ASN A ND2 1 
ATOM   671  N N   . TYR A 1 91  ? -4.005  -12.493 -5.194  1.00 11.10 ? 118 TYR A N   1 
ATOM   672  C CA  . TYR A 1 91  ? -3.798  -11.684 -6.372  1.00 10.89 ? 118 TYR A CA  1 
ATOM   673  C C   . TYR A 1 91  ? -2.340  -11.701 -6.811  1.00 10.43 ? 118 TYR A C   1 
ATOM   674  O O   . TYR A 1 91  ? -2.062  -11.601 -8.010  1.00 11.99 ? 118 TYR A O   1 
ATOM   675  C CB  . TYR A 1 91  ? -4.256  -10.256 -6.090  1.00 10.48 ? 118 TYR A CB  1 
ATOM   676  C CG  . TYR A 1 91  ? -4.318  -9.299  -7.234  1.00 10.38 ? 118 TYR A CG  1 
ATOM   677  C CD1 . TYR A 1 91  ? -5.506  -9.176  -7.970  1.00 11.66 ? 118 TYR A CD1 1 
ATOM   678  C CD2 . TYR A 1 91  ? -3.291  -8.408  -7.512  1.00 11.04 ? 118 TYR A CD2 1 
ATOM   679  C CE1 . TYR A 1 91  ? -5.650  -8.245  -8.950  1.00 12.46 ? 118 TYR A CE1 1 
ATOM   680  C CE2 . TYR A 1 91  ? -3.435  -7.485  -8.531  1.00 11.75 ? 118 TYR A CE2 1 
ATOM   681  C CZ  . TYR A 1 91  ? -4.628  -7.414  -9.232  1.00 12.00 ? 118 TYR A CZ  1 
ATOM   682  O OH  . TYR A 1 91  ? -4.833  -6.468  -10.233 1.00 14.76 ? 118 TYR A OH  1 
ATOM   683  N N   . TYR A 1 92  ? -1.427  -11.787 -5.859  1.00 10.01 ? 119 TYR A N   1 
ATOM   684  C CA  . TYR A 1 92  ? -0.015  -11.788 -6.188  1.00 9.82  ? 119 TYR A CA  1 
ATOM   685  C C   . TYR A 1 92  ? 0.506   -13.226 -6.308  1.00 10.25 ? 119 TYR A C   1 
ATOM   686  O O   . TYR A 1 92  ? 0.249   -14.053 -5.435  1.00 10.81 ? 119 TYR A O   1 
ATOM   687  C CB  . TYR A 1 92  ? 0.767   -11.156 -5.079  1.00 9.86  ? 119 TYR A CB  1 
ATOM   688  C CG  . TYR A 1 92  ? 0.356   -9.758  -4.647  1.00 9.11  ? 119 TYR A CG  1 
ATOM   689  C CD1 . TYR A 1 92  ? 0.462   -8.704  -5.520  1.00 9.50  ? 119 TYR A CD1 1 
ATOM   690  C CD2 . TYR A 1 92  ? -0.109  -9.516  -3.345  1.00 9.82  ? 119 TYR A CD2 1 
ATOM   691  C CE1 . TYR A 1 92  ? 0.150   -7.396  -5.115  1.00 9.86  ? 119 TYR A CE1 1 
ATOM   692  C CE2 . TYR A 1 92  ? -0.428  -8.212  -2.950  1.00 9.80  ? 119 TYR A CE2 1 
ATOM   693  C CZ  . TYR A 1 92  ? -0.270  -7.172  -3.835  1.00 9.43  ? 119 TYR A CZ  1 
ATOM   694  O OH  . TYR A 1 92  ? -0.558  -5.914  -3.330  1.00 9.77  ? 119 TYR A OH  1 
ATOM   695  N N   . TRP A 1 93  ? 1.307   -13.460 -7.325  1.00 9.69  ? 120 TRP A N   1 
ATOM   696  C CA  . TRP A 1 93  ? 2.036   -14.753 -7.462  1.00 10.00 ? 120 TRP A CA  1 
ATOM   697  C C   . TRP A 1 93  ? 3.413   -14.676 -6.849  1.00 9.60  ? 120 TRP A C   1 
ATOM   698  O O   . TRP A 1 93  ? 3.844   -15.621 -6.186  1.00 9.50  ? 120 TRP A O   1 
ATOM   699  C CB  . TRP A 1 93  ? 2.082   -15.098 -8.944  1.00 10.13 ? 120 TRP A CB  1 
ATOM   700  C CG  . TRP A 1 93  ? 2.679   -16.457 -9.305  1.00 9.50  ? 120 TRP A CG  1 
ATOM   701  C CD1 . TRP A 1 93  ? 3.936   -16.673 -9.755  1.00 9.27  ? 120 TRP A CD1 1 
ATOM   702  C CD2 . TRP A 1 93  ? 2.002   -17.721 -9.321  1.00 9.40  ? 120 TRP A CD2 1 
ATOM   703  N NE1 . TRP A 1 93  ? 4.102   -18.015 -10.024 1.00 9.30  ? 120 TRP A NE1 1 
ATOM   704  C CE2 . TRP A 1 93  ? 2.931   -18.671 -9.782  1.00 9.23  ? 120 TRP A CE2 1 
ATOM   705  C CE3 . TRP A 1 93  ? 0.714   -18.146 -8.999  1.00 9.59  ? 120 TRP A CE3 1 
ATOM   706  C CZ2 . TRP A 1 93  ? 2.589   -20.020 -9.958  1.00 9.45  ? 120 TRP A CZ2 1 
ATOM   707  C CZ3 . TRP A 1 93  ? 0.389   -19.472 -9.137  1.00 10.04 ? 120 TRP A CZ3 1 
ATOM   708  C CH2 . TRP A 1 93  ? 1.321   -20.405 -9.614  1.00 9.40  ? 120 TRP A CH2 1 
ATOM   709  N N   . ASN A 1 94  ? 4.110   -13.557 -7.078  1.00 10.20 ? 121 ASN A N   1 
ATOM   710  C CA  . ASN A 1 94  ? 5.462   -13.331 -6.581  1.00 10.35 ? 121 ASN A CA  1 
ATOM   711  C C   . ASN A 1 94  ? 5.438   -12.309 -5.460  1.00 10.67 ? 121 ASN A C   1 
ATOM   712  O O   . ASN A 1 94  ? 4.718   -11.297 -5.540  1.00 10.75 ? 121 ASN A O   1 
ATOM   713  C CB  . ASN A 1 94  ? 6.398   -12.809 -7.680  1.00 10.88 ? 121 ASN A CB  1 
ATOM   714  C CG  . ASN A 1 94  ? 6.746   -13.837 -8.743  1.00 11.58 ? 121 ASN A CG  1 
ATOM   715  O OD1 . ASN A 1 94  ? 7.083   -13.463 -9.878  1.00 13.98 ? 121 ASN A OD1 1 
ATOM   716  N ND2 . ASN A 1 94  ? 6.738   -15.061 -8.398  1.00 10.10 ? 121 ASN A ND2 1 
ATOM   717  N N   . ALA A 1 95  ? 6.223   -12.538 -4.437  1.00 11.20 ? 122 ALA A N   1 
ATOM   718  C CA  . ALA A 1 95  ? 6.317   -11.626 -3.308  1.00 11.54 ? 122 ALA A CA  1 
ATOM   719  C C   . ALA A 1 95  ? 6.704   -10.235 -3.785  1.00 11.07 ? 122 ALA A C   1 
ATOM   720  O O   . ALA A 1 95  ? 6.224   -9.230  -3.225  1.00 11.11 ? 122 ALA A O   1 
ATOM   721  C CB  . ALA A 1 95  ? 7.370   -12.155 -2.343  1.00 13.73 ? 122 ALA A CB  1 
ATOM   722  N N   . GLN A 1 96  ? 7.545   -10.113 -4.767  1.00 11.11 ? 123 GLN A N   1 
ATOM   723  C CA  . GLN A 1 96  ? 7.970   -8.825  -5.213  1.00 11.89 ? 123 GLN A CA  1 
ATOM   724  C C   . GLN A 1 96  ? 6.797   -7.985  -5.731  1.00 10.65 ? 123 GLN A C   1 
ATOM   725  O O   . GLN A 1 96  ? 6.876   -6.741  -5.683  1.00 10.26 ? 123 GLN A O   1 
ATOM   726  C CB  . GLN A 1 96  ? 9.073   -8.899  -6.267  1.00 15.09 ? 123 GLN A CB  1 
ATOM   727  C CG  . GLN A 1 96  ? 9.664   -7.557  -6.648  1.00 19.42 ? 123 GLN A CG  1 
ATOM   728  C CD  . GLN A 1 96  ? 10.264  -6.789  -5.454  1.00 21.98 ? 123 GLN A CD  1 
ATOM   729  O OE1 . GLN A 1 96  ? 10.841  -7.360  -4.494  1.00 22.17 ? 123 GLN A OE1 1 
ATOM   730  N NE2 . GLN A 1 96  ? 10.072  -5.473  -5.491  1.00 23.43 ? 123 GLN A NE2 1 
ATOM   731  N N   . GLU A 1 97  ? 5.756   -8.597  -6.274  1.00 10.00 ? 124 GLU A N   1 
ATOM   732  C CA  . GLU A 1 97  ? 4.603   -7.800  -6.733  1.00 10.01 ? 124 GLU A CA  1 
ATOM   733  C C   . GLU A 1 97  ? 3.987   -7.059  -5.532  1.00 9.83  ? 124 GLU A C   1 
ATOM   734  O O   . GLU A 1 97  ? 3.510   -5.925  -5.674  1.00 10.33 ? 124 GLU A O   1 
ATOM   735  C CB  . GLU A 1 97  ? 3.549   -8.695  -7.362  1.00 10.63 ? 124 GLU A CB  1 
ATOM   736  C CG  . GLU A 1 97  ? 3.994   -9.416  -8.613  1.00 11.63 ? 124 GLU A CG  1 
ATOM   737  C CD  . GLU A 1 97  ? 2.925   -10.374 -9.098  1.00 14.25 ? 124 GLU A CD  1 
ATOM   738  O OE1 . GLU A 1 97  ? 2.839   -11.522 -8.659  1.00 13.94 ? 124 GLU A OE1 1 
ATOM   739  O OE2 . GLU A 1 97  ? 2.158   -9.979  -10.017 1.00 20.49 ? 124 GLU A OE2 1 
ATOM   740  N N   . CYS A 1 98  ? 3.910   -7.714  -4.377  1.00 8.92  ? 125 CYS A N   1 
ATOM   741  C CA  . CYS A 1 98  ? 3.359   -7.089  -3.181  1.00 8.87  ? 125 CYS A CA  1 
ATOM   742  C C   . CYS A 1 98  ? 4.300   -6.029  -2.650  1.00 8.61  ? 125 CYS A C   1 
ATOM   743  O O   . CYS A 1 98  ? 3.869   -4.923  -2.293  1.00 8.82  ? 125 CYS A O   1 
ATOM   744  C CB  . CYS A 1 98  ? 3.082   -8.186  -2.164  1.00 9.56  ? 125 CYS A CB  1 
ATOM   745  S SG  . CYS A 1 98  ? 2.543   -7.595  -0.574  1.00 11.48 ? 125 CYS A SG  1 
ATOM   746  N N   . ILE A 1 99  ? 5.581   -6.338  -2.557  1.00 8.76  ? 126 ILE A N   1 
ATOM   747  C CA  . ILE A 1 99  ? 6.561   -5.359  -2.113  1.00 9.12  ? 126 ILE A CA  1 
ATOM   748  C C   . ILE A 1 99  ? 6.500   -4.114  -3.001  1.00 9.29  ? 126 ILE A C   1 
ATOM   749  O O   . ILE A 1 99  ? 6.587   -2.978  -2.471  1.00 9.77  ? 126 ILE A O   1 
ATOM   750  C CB  . ILE A 1 99  ? 7.974   -6.019  -2.072  1.00 9.60  ? 126 ILE A CB  1 
ATOM   751  C CG1 . ILE A 1 99  ? 7.998   -7.083  -0.962  1.00 10.69 ? 126 ILE A CG1 1 
ATOM   752  C CG2 . ILE A 1 99  ? 9.055   -4.980  -1.916  1.00 9.99  ? 126 ILE A CG2 1 
ATOM   753  C CD1 . ILE A 1 99  ? 9.172   -8.047  -1.075  1.00 11.63 ? 126 ILE A CD1 1 
ATOM   754  N N   . GLN A 1 100 ? 6.384   -4.279  -4.298  1.00 9.10  ? 127 GLN A N   1 
ATOM   755  C CA  . GLN A 1 100 ? 6.253   -3.156  -5.211  1.00 9.96  ? 127 GLN A CA  1 
ATOM   756  C C   . GLN A 1 100 ? 5.024   -2.309  -4.863  1.00 8.79  ? 127 GLN A C   1 
ATOM   757  O O   . GLN A 1 100 ? 5.120   -1.073  -4.931  1.00 8.96  ? 127 GLN A O   1 
ATOM   758  C CB  . GLN A 1 100 ? 6.147   -3.650  -6.646  1.00 11.67 ? 127 GLN A CB  1 
ATOM   759  C CG  . GLN A 1 100 ? 5.946   -2.563  -7.697  1.00 15.40 ? 127 GLN A CG  1 
ATOM   760  C CD  . GLN A 1 100 ? 5.946   -3.079  -9.118  1.00 18.27 ? 127 GLN A CD  1 
ATOM   761  O OE1 . GLN A 1 100 ? 6.867   -3.816  -9.507  1.00 23.85 ? 127 GLN A OE1 1 
ATOM   762  N NE2 . GLN A 1 100 ? 4.978   -2.641  -9.932  1.00 21.85 ? 127 GLN A NE2 1 
ATOM   763  N N   . ASP A 1 101 ? 3.914   -2.912  -4.504  1.00 8.03  ? 128 ASP A N   1 
ATOM   764  C CA  . ASP A 1 101 ? 2.740   -2.136  -4.107  1.00 8.20  ? 128 ASP A CA  1 
ATOM   765  C C   . ASP A 1 101 ? 2.988   -1.317  -2.853  1.00 8.39  ? 128 ASP A C   1 
ATOM   766  O O   . ASP A 1 101 ? 2.595   -0.147  -2.792  1.00 8.05  ? 128 ASP A O   1 
ATOM   767  C CB  . ASP A 1 101 ? 1.499   -3.018  -3.970  1.00 8.51  ? 128 ASP A CB  1 
ATOM   768  C CG  . ASP A 1 101 ? 0.824   -3.329  -5.300  1.00 9.20  ? 128 ASP A CG  1 
ATOM   769  O OD1 . ASP A 1 101 ? 1.122   -2.690  -6.319  1.00 10.56 ? 128 ASP A OD1 1 
ATOM   770  O OD2 . ASP A 1 101 ? -0.042  -4.220  -5.241  1.00 9.71  ? 128 ASP A OD2 1 
ATOM   771  N N   . PHE A 1 102 ? 3.640   -1.885  -1.838  1.00 7.46  ? 129 PHE A N   1 
ATOM   772  C CA  . PHE A 1 102 ? 4.014   -1.070  -0.677  1.00 7.93  ? 129 PHE A CA  1 
ATOM   773  C C   . PHE A 1 102 ? 4.912   0.082   -1.098  1.00 8.00  ? 129 PHE A C   1 
ATOM   774  O O   . PHE A 1 102 ? 4.709   1.239   -0.664  1.00 8.71  ? 129 PHE A O   1 
ATOM   775  C CB  . PHE A 1 102 ? 4.757   -1.924  0.362   1.00 8.89  ? 129 PHE A CB  1 
ATOM   776  C CG  . PHE A 1 102 ? 3.874   -2.719  1.283   1.00 9.73  ? 129 PHE A CG  1 
ATOM   777  C CD1 . PHE A 1 102 ? 3.243   -2.112  2.365   1.00 10.38 ? 129 PHE A CD1 1 
ATOM   778  C CD2 . PHE A 1 102 ? 3.705   -4.098  1.140   1.00 10.03 ? 129 PHE A CD2 1 
ATOM   779  C CE1 . PHE A 1 102 ? 2.471   -2.858  3.235   1.00 11.66 ? 129 PHE A CE1 1 
ATOM   780  C CE2 . PHE A 1 102 ? 2.925   -4.840  2.011   1.00 11.33 ? 129 PHE A CE2 1 
ATOM   781  C CZ  . PHE A 1 102 ? 2.312   -4.208  3.051   1.00 11.54 ? 129 PHE A CZ  1 
ATOM   782  N N   . ASN A 1 103 ? 5.901   -0.180  -1.940  1.00 8.32  ? 130 ASN A N   1 
ATOM   783  C CA  . ASN A 1 103 ? 6.777   0.876   -2.375  1.00 9.20  ? 130 ASN A CA  1 
ATOM   784  C C   . ASN A 1 103 ? 6.023   1.967   -3.127  1.00 8.48  ? 130 ASN A C   1 
ATOM   785  O O   . ASN A 1 103 ? 6.316   3.150   -2.924  1.00 8.95  ? 130 ASN A O   1 
ATOM   786  C CB  . ASN A 1 103 ? 7.919   0.324   -3.250  1.00 11.38 ? 130 ASN A CB  1 
ATOM   787  C CG  . ASN A 1 103 ? 8.889   -0.578  -2.526  1.00 16.36 ? 130 ASN A CG  1 
ATOM   788  O OD1 . ASN A 1 103 ? 9.137   -0.427  -1.354  1.00 21.23 ? 130 ASN A OD1 1 
ATOM   789  N ND2 . ASN A 1 103 ? 9.535   -1.455  -3.302  1.00 19.79 ? 130 ASN A ND2 1 
ATOM   790  N N   . THR A 1 104 ? 5.087   1.609   -3.990  1.00 7.82  ? 131 THR A N   1 
ATOM   791  C CA  . THR A 1 104 ? 4.253   2.596   -4.684  1.00 7.95  ? 131 THR A CA  1 
ATOM   792  C C   . THR A 1 104 ? 3.480   3.464   -3.696  1.00 7.75  ? 131 THR A C   1 
ATOM   793  O O   . THR A 1 104 ? 3.390   4.695   -3.861  1.00 7.95  ? 131 THR A O   1 
ATOM   794  C CB  . THR A 1 104 ? 3.312   1.861   -5.648  1.00 8.67  ? 131 THR A CB  1 
ATOM   795  O OG1 . THR A 1 104 ? 4.139   1.281   -6.672  1.00 9.71  ? 131 THR A OG1 1 
ATOM   796  C CG2 . THR A 1 104 ? 2.293   2.784   -6.239  1.00 9.50  ? 131 THR A CG2 1 
ATOM   797  N N   . MET A 1 105 ? 2.884   2.827   -2.702  1.00 7.49  ? 132 MET A N   1 
ATOM   798  C CA  . MET A 1 105 ? 2.152   3.570   -1.659  1.00 7.74  ? 132 MET A CA  1 
ATOM   799  C C   . MET A 1 105 ? 3.038   4.637   -1.036  1.00 8.14  ? 132 MET A C   1 
ATOM   800  O O   . MET A 1 105 ? 2.647   5.798   -0.876  1.00 8.27  ? 132 MET A O   1 
ATOM   801  C CB  . MET A 1 105 ? 1.641   2.600   -0.615  1.00 7.80  ? 132 MET A CB  1 
ATOM   802  C CG  . MET A 1 105 ? 0.874   3.293   0.496   1.00 8.55  ? 132 MET A CG  1 
ATOM   803  S SD  . MET A 1 105 ? 0.335   2.137   1.772   1.00 9.37  ? 132 MET A SD  1 
ATOM   804  C CE  . MET A 1 105 ? 1.869   1.980   2.666   1.00 11.36 ? 132 MET A CE  1 
ATOM   805  N N   . PHE A 1 106 ? 4.239   4.249   -0.622  1.00 7.60  ? 133 PHE A N   1 
ATOM   806  C CA  . PHE A 1 106 ? 5.138   5.224   -0.005  1.00 8.01  ? 133 PHE A CA  1 
ATOM   807  C C   . PHE A 1 106 ? 5.564   6.302   -0.986  1.00 8.36  ? 133 PHE A C   1 
ATOM   808  O O   . PHE A 1 106 ? 5.521   7.502   -0.639  1.00 8.35  ? 133 PHE A O   1 
ATOM   809  C CB  . PHE A 1 106 ? 6.366   4.541   0.618   1.00 9.20  ? 133 PHE A CB  1 
ATOM   810  C CG  . PHE A 1 106 ? 6.012   3.652   1.783   1.00 10.18 ? 133 PHE A CG  1 
ATOM   811  C CD1 . PHE A 1 106 ? 5.324   4.161   2.872   1.00 11.33 ? 133 PHE A CD1 1 
ATOM   812  C CD2 . PHE A 1 106 ? 6.361   2.294   1.796   1.00 11.18 ? 133 PHE A CD2 1 
ATOM   813  C CE1 . PHE A 1 106 ? 5.025   3.356   3.959   1.00 13.07 ? 133 PHE A CE1 1 
ATOM   814  C CE2 . PHE A 1 106 ? 6.033   1.485   2.883   1.00 11.92 ? 133 PHE A CE2 1 
ATOM   815  C CZ  . PHE A 1 106 ? 5.351   2.008   3.935   1.00 12.32 ? 133 PHE A CZ  1 
ATOM   816  N N   A THR A 1 107 ? 5.976   5.899   -2.171  0.50 8.65  ? 134 THR A N   1 
ATOM   817  N N   B THR A 1 107 ? 5.997   5.922   -2.174  0.50 8.52  ? 134 THR A N   1 
ATOM   818  C CA  A THR A 1 107 ? 6.432   6.855   -3.171  0.50 8.79  ? 134 THR A CA  1 
ATOM   819  C CA  B THR A 1 107 ? 6.492   6.942   -3.099  0.50 8.51  ? 134 THR A CA  1 
ATOM   820  C C   A THR A 1 107 ? 5.358   7.869   -3.507  0.50 8.54  ? 134 THR A C   1 
ATOM   821  C C   B THR A 1 107 ? 5.362   7.887   -3.533  0.50 8.43  ? 134 THR A C   1 
ATOM   822  O O   A THR A 1 107 ? 5.658   9.057   -3.617  0.50 8.88  ? 134 THR A O   1 
ATOM   823  O O   B THR A 1 107 ? 5.623   9.074   -3.692  0.50 8.77  ? 134 THR A O   1 
ATOM   824  C CB  A THR A 1 107 ? 6.821   6.127   -4.452  0.50 9.69  ? 134 THR A CB  1 
ATOM   825  C CB  B THR A 1 107 ? 7.283   6.342   -4.280  0.50 9.31  ? 134 THR A CB  1 
ATOM   826  O OG1 A THR A 1 107 ? 7.832   5.176   -4.139  0.50 10.72 ? 134 THR A OG1 1 
ATOM   827  O OG1 B THR A 1 107 ? 6.494   5.354   -4.925  0.50 9.96  ? 134 THR A OG1 1 
ATOM   828  C CG2 A THR A 1 107 ? 7.385   7.084   -5.455  0.50 10.10 ? 134 THR A CG2 1 
ATOM   829  C CG2 B THR A 1 107 ? 8.555   5.667   -3.763  0.50 9.49  ? 134 THR A CG2 1 
ATOM   830  N N   . ASN A 1 108 ? 4.109   7.430   -3.662  1.00 7.71  ? 135 ASN A N   1 
ATOM   831  C CA  . ASN A 1 108 ? 3.024   8.358   -3.926  1.00 7.91  ? 135 ASN A CA  1 
ATOM   832  C C   . ASN A 1 108 ? 2.936   9.435   -2.835  1.00 8.13  ? 135 ASN A C   1 
ATOM   833  O O   . ASN A 1 108 ? 2.719   10.618  -3.131  1.00 8.05  ? 135 ASN A O   1 
ATOM   834  C CB  . ASN A 1 108 ? 1.671   7.660   -4.010  1.00 7.99  ? 135 ASN A CB  1 
ATOM   835  C CG  . ASN A 1 108 ? 1.522   6.752   -5.203  1.00 8.56  ? 135 ASN A CG  1 
ATOM   836  O OD1 . ASN A 1 108 ? 2.241   6.876   -6.168  1.00 9.52  ? 135 ASN A OD1 1 
ATOM   837  N ND2 . ASN A 1 108 ? 0.543   5.853   -5.130  1.00 9.47  ? 135 ASN A ND2 1 
ATOM   838  N N   . CYS A 1 109 ? 3.068   9.031   -1.583  1.00 7.49  ? 136 CYS A N   1 
ATOM   839  C CA  . CYS A 1 109 ? 2.992   9.984   -0.485  1.00 7.75  ? 136 CYS A CA  1 
ATOM   840  C C   . CYS A 1 109 ? 4.127   11.006  -0.594  1.00 7.87  ? 136 CYS A C   1 
ATOM   841  O O   . CYS A 1 109 ? 3.911   12.194  -0.330  1.00 8.45  ? 136 CYS A O   1 
ATOM   842  C CB  . CYS A 1 109 ? 3.013   9.209   0.837   1.00 7.80  ? 136 CYS A CB  1 
ATOM   843  S SG  . CYS A 1 109 ? 2.811   10.207  2.306   1.00 9.36  ? 136 CYS A SG  1 
ATOM   844  N N   . TYR A 1 110 ? 5.316   10.561  -0.990  1.00 7.97  ? 137 TYR A N   1 
ATOM   845  C CA  . TYR A 1 110 ? 6.483   11.436  -1.108  1.00 8.45  ? 137 TYR A CA  1 
ATOM   846  C C   . TYR A 1 110 ? 6.477   12.263  -2.364  1.00 8.79  ? 137 TYR A C   1 
ATOM   847  O O   . TYR A 1 110 ? 7.300   13.184  -2.484  1.00 9.52  ? 137 TYR A O   1 
ATOM   848  C CB  . TYR A 1 110 ? 7.761   10.610  -1.038  1.00 8.78  ? 137 TYR A CB  1 
ATOM   849  C CG  . TYR A 1 110 ? 7.883   9.671   0.138   1.00 9.01  ? 137 TYR A CG  1 
ATOM   850  C CD1 . TYR A 1 110 ? 7.343   9.973   1.385   1.00 9.72  ? 137 TYR A CD1 1 
ATOM   851  C CD2 . TYR A 1 110 ? 8.586   8.480   0.023   1.00 9.68  ? 137 TYR A CD2 1 
ATOM   852  C CE1 . TYR A 1 110 ? 7.474   9.101   2.458   1.00 10.38 ? 137 TYR A CE1 1 
ATOM   853  C CE2 . TYR A 1 110 ? 8.711   7.618   1.090   1.00 10.05 ? 137 TYR A CE2 1 
ATOM   854  C CZ  . TYR A 1 110 ? 8.148   7.943   2.302   1.00 10.63 ? 137 TYR A CZ  1 
ATOM   855  O OH  . TYR A 1 110 ? 8.241   7.126   3.420   1.00 12.63 ? 137 TYR A OH  1 
ATOM   856  N N   . ILE A 1 111 ? 5.574   12.000  -3.300  1.00 8.92  ? 138 ILE A N   1 
ATOM   857  C CA  . ILE A 1 111 ? 5.387   12.848  -4.493  1.00 9.36  ? 138 ILE A CA  1 
ATOM   858  C C   . ILE A 1 111 ? 4.384   13.936  -4.185  1.00 9.26  ? 138 ILE A C   1 
ATOM   859  O O   . ILE A 1 111 ? 4.639   15.113  -4.465  1.00 10.32 ? 138 ILE A O   1 
ATOM   860  C CB  . ILE A 1 111 ? 4.896   11.977  -5.690  1.00 9.75  ? 138 ILE A CB  1 
ATOM   861  C CG1 . ILE A 1 111 ? 6.019   11.080  -6.209  1.00 10.76 ? 138 ILE A CG1 1 
ATOM   862  C CG2 . ILE A 1 111 ? 4.355   12.832  -6.843  1.00 10.17 ? 138 ILE A CG2 1 
ATOM   863  C CD1 . ILE A 1 111 ? 5.568   9.918   -7.081  1.00 11.97 ? 138 ILE A CD1 1 
ATOM   864  N N   . TYR A 1 112 ? 3.234   13.606  -3.623  1.00 8.73  ? 139 TYR A N   1 
ATOM   865  C CA  . TYR A 1 112 ? 2.163   14.561  -3.460  1.00 9.41  ? 139 TYR A CA  1 
ATOM   866  C C   . TYR A 1 112 ? 2.437   15.513  -2.318  1.00 9.81  ? 139 TYR A C   1 
ATOM   867  O O   . TYR A 1 112 ? 1.986   16.677  -2.385  1.00 11.39 ? 139 TYR A O   1 
ATOM   868  C CB  . TYR A 1 112 ? 0.809   13.843  -3.255  1.00 9.67  ? 139 TYR A CB  1 
ATOM   869  C CG  . TYR A 1 112 ? -0.343  14.804  -3.134  1.00 10.32 ? 139 TYR A CG  1 
ATOM   870  C CD1 . TYR A 1 112 ? -1.034  15.281  -4.256  1.00 10.91 ? 139 TYR A CD1 1 
ATOM   871  C CD2 . TYR A 1 112 ? -0.753  15.253  -1.915  1.00 12.00 ? 139 TYR A CD2 1 
ATOM   872  C CE1 . TYR A 1 112 ? -2.059  16.211  -4.108  1.00 10.67 ? 139 TYR A CE1 1 
ATOM   873  C CE2 . TYR A 1 112 ? -1.779  16.189  -1.758  1.00 13.12 ? 139 TYR A CE2 1 
ATOM   874  C CZ  . TYR A 1 112 ? -2.407  16.661  -2.863  1.00 12.15 ? 139 TYR A CZ  1 
ATOM   875  O OH  . TYR A 1 112 ? -3.432  17.597  -2.720  1.00 14.00 ? 139 TYR A OH  1 
ATOM   876  N N   . ASN A 1 113 ? 3.141   15.068  -1.282  1.00 9.56  ? 140 ASN A N   1 
ATOM   877  C CA  . ASN A 1 113 ? 3.319   15.849  -0.055  1.00 9.64  ? 140 ASN A CA  1 
ATOM   878  C C   . ASN A 1 113 ? 4.751   16.286  0.067   1.00 9.92  ? 140 ASN A C   1 
ATOM   879  O O   . ASN A 1 113 ? 5.667   15.584  -0.291  1.00 11.08 ? 140 ASN A O   1 
ATOM   880  C CB  . ASN A 1 113 ? 2.916   15.003  1.143   1.00 8.93  ? 140 ASN A CB  1 
ATOM   881  C CG  . ASN A 1 113 ? 1.515   14.478  1.030   1.00 9.65  ? 140 ASN A CG  1 
ATOM   882  O OD1 . ASN A 1 113 ? 0.521   15.209  1.250   1.00 10.85 ? 140 ASN A OD1 1 
ATOM   883  N ND2 . ASN A 1 113 ? 1.388   13.189  0.642   1.00 9.42  ? 140 ASN A ND2 1 
ATOM   884  N N   . LYS A 1 114 ? 4.930   17.475  0.648   1.00 11.27 ? 141 LYS A N   1 
ATOM   885  C CA  . LYS A 1 114 ? 6.233   18.097  0.782   1.00 11.70 ? 141 LYS A CA  1 
ATOM   886  C C   . LYS A 1 114 ? 7.089   17.376  1.808   1.00 10.81 ? 141 LYS A C   1 
ATOM   887  O O   . LYS A 1 114 ? 6.567   17.002  2.887   1.00 11.17 ? 141 LYS A O   1 
ATOM   888  C CB  . LYS A 1 114 ? 6.035   19.547  1.231   1.00 13.25 ? 141 LYS A CB  1 
ATOM   889  C CG  . LYS A 1 114 ? 7.279   20.409  1.238   1.00 14.82 ? 141 LYS A CG  1 
ATOM   890  C CD  . LYS A 1 114 ? 6.913   21.845  1.577   1.00 17.02 ? 141 LYS A CD  1 
ATOM   891  C CE  . LYS A 1 114 ? 8.149   22.711  1.495   1.00 18.65 ? 141 LYS A CE  1 
ATOM   892  N NZ  . LYS A 1 114 ? 7.870   24.117  1.884   1.00 22.04 ? 141 LYS A NZ  1 
ATOM   893  N N   . PRO A 1 115 ? 8.369   17.167  1.550   1.00 10.94 ? 142 PRO A N   1 
ATOM   894  C CA  . PRO A 1 115 ? 9.259   16.591  2.558   1.00 11.60 ? 142 PRO A CA  1 
ATOM   895  C C   . PRO A 1 115 ? 9.121   17.289  3.906   1.00 12.36 ? 142 PRO A C   1 
ATOM   896  O O   . PRO A 1 115 ? 9.039   18.518  3.985   1.00 12.70 ? 142 PRO A O   1 
ATOM   897  C CB  . PRO A 1 115 ? 10.656  16.793  1.951   1.00 12.43 ? 142 PRO A CB  1 
ATOM   898  C CG  . PRO A 1 115 ? 10.393  16.744  0.480   1.00 12.20 ? 142 PRO A CG  1 
ATOM   899  C CD  . PRO A 1 115 ? 9.095   17.420  0.277   1.00 11.83 ? 142 PRO A CD  1 
ATOM   900  N N   . GLY A 1 116 ? 9.074   16.467  4.958   1.00 12.16 ? 143 GLY A N   1 
ATOM   901  C CA  . GLY A 1 116 ? 8.948   16.984  6.311   1.00 12.80 ? 143 GLY A CA  1 
ATOM   902  C C   . GLY A 1 116 ? 7.545   17.261  6.754   1.00 13.22 ? 143 GLY A C   1 
ATOM   903  O O   . GLY A 1 116 ? 7.353   17.570  7.944   1.00 13.84 ? 143 GLY A O   1 
ATOM   904  N N   . ASP A 1 117 ? 6.535   17.178  5.880   1.00 12.24 ? 144 ASP A N   1 
ATOM   905  C CA  . ASP A 1 117 ? 5.169   17.345  6.300   1.00 13.64 ? 144 ASP A CA  1 
ATOM   906  C C   . ASP A 1 117 ? 4.715   16.166  7.163   1.00 11.89 ? 144 ASP A C   1 
ATOM   907  O O   . ASP A 1 117 ? 5.207   15.061  7.052   1.00 11.27 ? 144 ASP A O   1 
ATOM   908  C CB  . ASP A 1 117 ? 4.225   17.589  5.121   1.00 16.06 ? 144 ASP A CB  1 
ATOM   909  C CG  . ASP A 1 117 ? 4.268   19.082  4.629   1.00 19.38 ? 144 ASP A CG  1 
ATOM   910  O OD1 . ASP A 1 117 ? 5.135   19.822  5.060   1.00 24.24 ? 144 ASP A OD1 1 
ATOM   911  O OD2 . ASP A 1 117 ? 3.380   19.500  3.894   1.00 28.53 ? 144 ASP A OD2 1 
ATOM   912  N N   . ASP A 1 118 ? 3.748   16.438  8.028   1.00 11.82 ? 145 ASP A N   1 
ATOM   913  C CA  . ASP A 1 118 ? 3.188   15.447  8.928   1.00 11.84 ? 145 ASP A CA  1 
ATOM   914  C C   . ASP A 1 118 ? 2.940   14.078  8.280   1.00 10.08 ? 145 ASP A C   1 
ATOM   915  O O   . ASP A 1 118 ? 3.419   13.083  8.799   1.00 10.05 ? 145 ASP A O   1 
ATOM   916  C CB  . ASP A 1 118 ? 1.896   15.957  9.591   1.00 13.13 ? 145 ASP A CB  1 
ATOM   917  C CG  . ASP A 1 118 ? 1.028   16.742  8.684   1.00 15.37 ? 145 ASP A CG  1 
ATOM   918  O OD1 . ASP A 1 118 ? 0.916   16.458  7.450   1.00 15.81 ? 145 ASP A OD1 1 
ATOM   919  O OD2 . ASP A 1 118 ? 0.396   17.705  9.242   1.00 18.28 ? 145 ASP A OD2 1 
ATOM   920  N N   . ILE A 1 119 ? 2.204   14.050  7.177   1.00 9.22  ? 146 ILE A N   1 
ATOM   921  C CA  . ILE A 1 119 ? 1.853   12.755  6.564   1.00 9.04  ? 146 ILE A CA  1 
ATOM   922  C C   . ILE A 1 119 ? 3.093   12.051  6.031   1.00 8.39  ? 146 ILE A C   1 
ATOM   923  O O   . ILE A 1 119 ? 3.155   10.821  6.052   1.00 8.41  ? 146 ILE A O   1 
ATOM   924  C CB  . ILE A 1 119 ? 0.767   12.928  5.496   1.00 9.33  ? 146 ILE A CB  1 
ATOM   925  C CG1 . ILE A 1 119 ? 0.190   11.586  5.045   1.00 9.70  ? 146 ILE A CG1 1 
ATOM   926  C CG2 . ILE A 1 119 ? 1.293   13.723  4.298   1.00 9.76  ? 146 ILE A CG2 1 
ATOM   927  C CD1 . ILE A 1 119 ? -0.660  10.876  6.060   1.00 10.16 ? 146 ILE A CD1 1 
ATOM   928  N N   . VAL A 1 120 ? 4.080   12.806  5.579   1.00 7.94  ? 147 VAL A N   1 
ATOM   929  C CA  . VAL A 1 120 ? 5.326   12.236  5.124   1.00 8.25  ? 147 VAL A CA  1 
ATOM   930  C C   . VAL A 1 120 ? 6.096   11.608  6.289   1.00 8.57  ? 147 VAL A C   1 
ATOM   931  O O   . VAL A 1 120 ? 6.669   10.521  6.155   1.00 9.06  ? 147 VAL A O   1 
ATOM   932  C CB  . VAL A 1 120 ? 6.195   13.267  4.383   1.00 8.53  ? 147 VAL A CB  1 
ATOM   933  C CG1 . VAL A 1 120 ? 7.584   12.765  4.063   1.00 9.20  ? 147 VAL A CG1 1 
ATOM   934  C CG2 . VAL A 1 120 ? 5.476   13.729  3.132   1.00 9.09  ? 147 VAL A CG2 1 
ATOM   935  N N   . LEU A 1 121 ? 6.112   12.283  7.433   1.00 9.06  ? 148 LEU A N   1 
ATOM   936  C CA  . LEU A 1 121 ? 6.796   11.752  8.616   1.00 9.72  ? 148 LEU A CA  1 
ATOM   937  C C   . LEU A 1 121 ? 6.095   10.480  9.092   1.00 9.61  ? 148 LEU A C   1 
ATOM   938  O O   . LEU A 1 121 ? 6.753   9.532   9.536   1.00 10.35 ? 148 LEU A O   1 
ATOM   939  C CB  . LEU A 1 121 ? 6.811   12.808  9.710   1.00 10.89 ? 148 LEU A CB  1 
ATOM   940  C CG  . LEU A 1 121 ? 7.558   14.106  9.345   1.00 12.25 ? 148 LEU A CG  1 
ATOM   941  C CD1 . LEU A 1 121 ? 7.309   15.150  10.433  1.00 13.59 ? 148 LEU A CD1 1 
ATOM   942  C CD2 . LEU A 1 121 ? 9.005   13.786  9.096   1.00 13.66 ? 148 LEU A CD2 1 
ATOM   943  N N   . MET A 1 122 ? 4.775   10.436  8.976   1.00 9.19  ? 149 MET A N   1 
ATOM   944  C CA  . MET A 1 122 ? 4.020   9.223   9.294   1.00 9.10  ? 149 MET A CA  1 
ATOM   945  C C   . MET A 1 122 ? 4.412   8.088   8.342   1.00 9.31  ? 149 MET A C   1 
ATOM   946  O O   . MET A 1 122 ? 4.701   6.953   8.782   1.00 9.73  ? 149 MET A O   1 
ATOM   947  C CB  . MET A 1 122 ? 2.523   9.486   9.215   1.00 9.32  ? 149 MET A CB  1 
ATOM   948  C CG  . MET A 1 122 ? 2.047   10.404  10.328  1.00 10.26 ? 149 MET A CG  1 
ATOM   949  S SD  . MET A 1 122 ? 0.360   10.972  10.149  1.00 11.34 ? 149 MET A SD  1 
ATOM   950  C CE  . MET A 1 122 ? -0.504  9.551   10.752  1.00 12.28 ? 149 MET A CE  1 
ATOM   951  N N   . ALA A 1 123 ? 4.418   8.364   7.043   1.00 8.67  ? 150 ALA A N   1 
ATOM   952  C CA  . ALA A 1 123 ? 4.833   7.378   6.048   1.00 9.22  ? 150 ALA A CA  1 
ATOM   953  C C   . ALA A 1 123 ? 6.228   6.898   6.299   1.00 9.79  ? 150 ALA A C   1 
ATOM   954  O O   . ALA A 1 123 ? 6.512   5.690   6.167   1.00 10.04 ? 150 ALA A O   1 
ATOM   955  C CB  . ALA A 1 123 ? 4.691   7.956   4.663   1.00 9.38  ? 150 ALA A CB  1 
ATOM   956  N N   . GLU A 1 124 ? 7.155   7.788   6.644   1.00 10.30 ? 151 GLU A N   1 
ATOM   957  C CA  . GLU A 1 124 ? 8.551   7.370   6.884   1.00 11.33 ? 151 GLU A CA  1 
ATOM   958  C C   . GLU A 1 124 ? 8.675   6.423   8.064   1.00 11.55 ? 151 GLU A C   1 
ATOM   959  O O   . GLU A 1 124 ? 9.465   5.457   7.997   1.00 12.72 ? 151 GLU A O   1 
ATOM   960  C CB  . GLU A 1 124 ? 9.441   8.601   7.078   1.00 12.63 ? 151 GLU A CB  1 
ATOM   961  C CG  . GLU A 1 124 ? 9.754   9.335   5.770   1.00 13.78 ? 151 GLU A CG  1 
ATOM   962  C CD  . GLU A 1 124 ? 10.486  10.662  5.951   1.00 16.70 ? 151 GLU A CD  1 
ATOM   963  O OE1 . GLU A 1 124 ? 10.678  11.102  7.101   1.00 20.86 ? 151 GLU A OE1 1 
ATOM   964  O OE2 . GLU A 1 124 ? 10.858  11.257  4.905   1.00 18.60 ? 151 GLU A OE2 1 
ATOM   965  N N   . ALA A 1 125 ? 7.900   6.672   9.096   1.00 11.51 ? 152 ALA A N   1 
ATOM   966  C CA  . ALA A 1 125 ? 7.916   5.775   10.277  1.00 11.98 ? 152 ALA A CA  1 
ATOM   967  C C   . ALA A 1 125 ? 7.381   4.391   9.900   1.00 12.85 ? 152 ALA A C   1 
ATOM   968  O O   . ALA A 1 125 ? 7.963   3.348   10.267  1.00 13.89 ? 152 ALA A O   1 
ATOM   969  C CB  . ALA A 1 125 ? 7.107   6.388   11.375  1.00 12.42 ? 152 ALA A CB  1 
ATOM   970  N N   . LEU A 1 126 ? 6.319   4.322   9.098   1.00 11.15 ? 153 LEU A N   1 
ATOM   971  C CA  . LEU A 1 126 ? 5.837   3.038   8.569   1.00 11.24 ? 153 LEU A CA  1 
ATOM   972  C C   . LEU A 1 126 ? 6.810   2.405   7.609   1.00 11.56 ? 153 LEU A C   1 
ATOM   973  O O   . LEU A 1 126 ? 7.054   1.159   7.674   1.00 11.83 ? 153 LEU A O   1 
ATOM   974  C CB  . LEU A 1 126 ? 4.500   3.202   7.859   1.00 11.56 ? 153 LEU A CB  1 
ATOM   975  C CG  . LEU A 1 126 ? 3.332   3.708   8.666   1.00 12.44 ? 153 LEU A CG  1 
ATOM   976  C CD1 . LEU A 1 126 ? 2.195   4.062   7.725   1.00 13.87 ? 153 LEU A CD1 1 
ATOM   977  C CD2 . LEU A 1 126 ? 2.867   2.708   9.720   1.00 12.92 ? 153 LEU A CD2 1 
ATOM   978  N N   . GLU A 1 127 ? 7.443   3.198   6.748   1.00 11.04 ? 154 GLU A N   1 
ATOM   979  C CA  . GLU A 1 127 ? 8.389   2.644   5.796   1.00 11.73 ? 154 GLU A CA  1 
ATOM   980  C C   . GLU A 1 127 ? 9.630   2.038   6.496   1.00 12.33 ? 154 GLU A C   1 
ATOM   981  O O   . GLU A 1 127 ? 10.127  0.980   6.072   1.00 12.58 ? 154 GLU A O   1 
ATOM   982  C CB  . GLU A 1 127 ? 8.800   3.679   4.755   1.00 12.31 ? 154 GLU A CB  1 
ATOM   983  C CG  . GLU A 1 127 ? 9.621   3.087   3.620   1.00 13.71 ? 154 GLU A CG  1 
ATOM   984  C CD  . GLU A 1 127 ? 10.189  4.102   2.657   1.00 16.91 ? 154 GLU A CD  1 
ATOM   985  O OE1 . GLU A 1 127 ? 10.187  5.313   2.921   1.00 18.20 ? 154 GLU A OE1 1 
ATOM   986  O OE2 . GLU A 1 127 ? 10.690  3.652   1.607   1.00 21.25 ? 154 GLU A OE2 1 
ATOM   987  N N   . LYS A 1 128 ? 10.104  2.672   7.550   1.00 12.79 ? 155 LYS A N   1 
ATOM   988  C CA  . LYS A 1 128 ? 11.224  2.100   8.310   1.00 13.68 ? 155 LYS A CA  1 
ATOM   989  C C   . LYS A 1 128 ? 10.878  0.706   8.826   1.00 13.20 ? 155 LYS A C   1 
ATOM   990  O O   . LYS A 1 128 ? 11.693  -0.227  8.690   1.00 13.56 ? 155 LYS A O   1 
ATOM   991  C CB  . LYS A 1 128 ? 11.582  3.032   9.451   1.00 16.70 ? 155 LYS A CB  1 
ATOM   992  C CG  . LYS A 1 128 ? 12.675  2.506   10.359  1.00 21.26 ? 155 LYS A CG  1 
ATOM   993  C CD  . LYS A 1 128 ? 13.270  3.574   11.246  1.00 24.32 ? 155 LYS A CD  1 
ATOM   994  C CE  . LYS A 1 128 ? 14.391  2.951   12.070  1.00 27.15 ? 155 LYS A CE  1 
ATOM   995  N NZ  . LYS A 1 128 ? 15.101  3.910   12.952  1.00 30.32 ? 155 LYS A NZ  1 
ATOM   996  N N   A LEU A 1 129 ? 9.703   0.551   9.396   0.50 12.44 ? 156 LEU A N   1 
ATOM   997  N N   B LEU A 1 129 ? 9.706   0.541   9.419   0.50 12.32 ? 156 LEU A N   1 
ATOM   998  C CA  A LEU A 1 129 ? 9.253   -0.747  9.886   0.50 12.53 ? 156 LEU A CA  1 
ATOM   999  C CA  B LEU A 1 129 ? 9.288   -0.789  9.889   0.50 12.32 ? 156 LEU A CA  1 
ATOM   1000 C C   A LEU A 1 129 ? 9.053   -1.786  8.780   0.50 12.03 ? 156 LEU A C   1 
ATOM   1001 C C   B LEU A 1 129 ? 9.171   -1.767  8.725   0.50 11.95 ? 156 LEU A C   1 
ATOM   1002 O O   A LEU A 1 129 ? 9.330   -2.983  8.954   0.50 11.86 ? 156 LEU A O   1 
ATOM   1003 O O   B LEU A 1 129 ? 9.681   -2.888  8.778   0.50 11.72 ? 156 LEU A O   1 
ATOM   1004 C CB  A LEU A 1 129 ? 7.958   -0.525  10.621  0.50 13.56 ? 156 LEU A CB  1 
ATOM   1005 C CB  B LEU A 1 129 ? 7.978   -0.706  10.670  0.50 13.16 ? 156 LEU A CB  1 
ATOM   1006 C CG  A LEU A 1 129 ? 7.326   -1.724  11.265  0.50 15.03 ? 156 LEU A CG  1 
ATOM   1007 C CG  B LEU A 1 129 ? 8.070   0.168   11.925  0.50 14.42 ? 156 LEU A CG  1 
ATOM   1008 C CD1 A LEU A 1 129 ? 8.305   -2.468  12.160  0.50 15.85 ? 156 LEU A CD1 1 
ATOM   1009 C CD1 B LEU A 1 129 ? 6.720   0.325   12.580  0.50 15.05 ? 156 LEU A CD1 1 
ATOM   1010 C CD2 A LEU A 1 129 ? 6.146   -1.199  12.057  0.50 15.38 ? 156 LEU A CD2 1 
ATOM   1011 C CD2 B LEU A 1 129 ? 9.067   -0.405  12.908  0.50 15.42 ? 156 LEU A CD2 1 
ATOM   1012 N N   . PHE A 1 130 ? 8.542   -1.331  7.642   1.00 10.86 ? 157 PHE A N   1 
ATOM   1013 C CA  . PHE A 1 130 ? 8.431   -2.148  6.449   1.00 11.41 ? 157 PHE A CA  1 
ATOM   1014 C C   . PHE A 1 130 ? 9.814   -2.655  6.002   1.00 11.53 ? 157 PHE A C   1 
ATOM   1015 O O   . PHE A 1 130 ? 9.969   -3.856  5.786   1.00 11.92 ? 157 PHE A O   1 
ATOM   1016 C CB  . PHE A 1 130 ? 7.778   -1.292  5.340   1.00 10.95 ? 157 PHE A CB  1 
ATOM   1017 C CG  . PHE A 1 130 ? 7.792   -1.934  3.982   1.00 11.29 ? 157 PHE A CG  1 
ATOM   1018 C CD1 . PHE A 1 130 ? 6.986   -3.009  3.704   1.00 11.95 ? 157 PHE A CD1 1 
ATOM   1019 C CD2 . PHE A 1 130 ? 8.639   -1.447  2.986   1.00 13.05 ? 157 PHE A CD2 1 
ATOM   1020 C CE1 . PHE A 1 130 ? 7.008   -3.594  2.443   1.00 12.86 ? 157 PHE A CE1 1 
ATOM   1021 C CE2 . PHE A 1 130 ? 8.628   -2.033  1.737   1.00 13.98 ? 157 PHE A CE2 1 
ATOM   1022 C CZ  . PHE A 1 130 ? 7.847   -3.099  1.511   1.00 12.88 ? 157 PHE A CZ  1 
ATOM   1023 N N   . LEU A 1 131 ? 10.777  -1.762  5.849   1.00 12.02 ? 158 LEU A N   1 
ATOM   1024 C CA  . LEU A 1 131 ? 12.102  -2.168  5.353   1.00 13.37 ? 158 LEU A CA  1 
ATOM   1025 C C   . LEU A 1 131 ? 12.769  -3.152  6.311   1.00 14.20 ? 158 LEU A C   1 
ATOM   1026 O O   . LEU A 1 131 ? 13.463  -4.101  5.849   1.00 13.87 ? 158 LEU A O   1 
ATOM   1027 C CB  . LEU A 1 131 ? 12.962  -0.950  5.144   1.00 14.29 ? 158 LEU A CB  1 
ATOM   1028 C CG  . LEU A 1 131 ? 12.478  -0.058  3.998   1.00 15.74 ? 158 LEU A CG  1 
ATOM   1029 C CD1 . LEU A 1 131 ? 13.201  1.280   4.035   1.00 16.95 ? 158 LEU A CD1 1 
ATOM   1030 C CD2 . LEU A 1 131 ? 12.657  -0.770  2.666   1.00 17.53 ? 158 LEU A CD2 1 
ATOM   1031 N N   . GLN A 1 132 ? 12.567  -2.959  7.615   1.00 13.04 ? 159 GLN A N   1 
ATOM   1032 C CA  . GLN A 1 132 ? 13.135  -3.879  8.598   1.00 14.46 ? 159 GLN A CA  1 
ATOM   1033 C C   . GLN A 1 132 ? 12.524  -5.243  8.423   1.00 14.25 ? 159 GLN A C   1 
ATOM   1034 O O   . GLN A 1 132 ? 13.258  -6.252  8.432   1.00 14.27 ? 159 GLN A O   1 
ATOM   1035 C CB  . GLN A 1 132 ? 12.881  -3.351  10.000  1.00 15.36 ? 159 GLN A CB  1 
ATOM   1036 C CG  . GLN A 1 132 ? 13.753  -2.154  10.325  1.00 17.34 ? 159 GLN A CG  1 
ATOM   1037 C CD  . GLN A 1 132 ? 13.396  -1.455  11.609  1.00 19.53 ? 159 GLN A CD  1 
ATOM   1038 O OE1 . GLN A 1 132 ? 12.265  -1.541  12.114  1.00 23.95 ? 159 GLN A OE1 1 
ATOM   1039 N NE2 . GLN A 1 132 ? 14.364  -0.711  12.128  1.00 23.70 ? 159 GLN A NE2 1 
ATOM   1040 N N   . LYS A 1 133 ? 11.205  -5.345  8.267   1.00 13.04 ? 160 LYS A N   1 
ATOM   1041 C CA  . LYS A 1 133 ? 10.573  -6.637  8.068   1.00 13.51 ? 160 LYS A CA  1 
ATOM   1042 C C   . LYS A 1 133 ? 10.960  -7.273  6.745   1.00 13.47 ? 160 LYS A C   1 
ATOM   1043 O O   . LYS A 1 133 ? 11.075  -8.504  6.693   1.00 13.85 ? 160 LYS A O   1 
ATOM   1044 C CB  . LYS A 1 133 ? 9.048   -6.565  8.217   1.00 14.48 ? 160 LYS A CB  1 
ATOM   1045 C CG  . LYS A 1 133 ? 8.567   -6.095  9.584   1.00 16.63 ? 160 LYS A CG  1 
ATOM   1046 C CD  . LYS A 1 133 ? 9.083   -6.973  10.710  1.00 19.21 ? 160 LYS A CD  1 
ATOM   1047 C CE  . LYS A 1 133 ? 8.421   -6.624  12.019  1.00 21.17 ? 160 LYS A CE  1 
ATOM   1048 N NZ  . LYS A 1 133 ? 9.037   -7.468  13.072  1.00 23.24 ? 160 LYS A NZ  1 
ATOM   1049 N N   . ILE A 1 134 ? 11.171  -6.501  5.697   1.00 12.74 ? 161 ILE A N   1 
ATOM   1050 C CA  . ILE A 1 134 ? 11.585  -7.047  4.403   1.00 13.49 ? 161 ILE A CA  1 
ATOM   1051 C C   . ILE A 1 134 ? 13.013  -7.597  4.466   1.00 14.49 ? 161 ILE A C   1 
ATOM   1052 O O   . ILE A 1 134 ? 13.343  -8.577  3.788   1.00 14.70 ? 161 ILE A O   1 
ATOM   1053 C CB  . ILE A 1 134 ? 11.425  -5.998  3.262   1.00 13.89 ? 161 ILE A CB  1 
ATOM   1054 C CG1 . ILE A 1 134 ? 9.937   -5.661  3.039   1.00 14.02 ? 161 ILE A CG1 1 
ATOM   1055 C CG2 . ILE A 1 134 ? 12.109  -6.475  1.949   1.00 14.57 ? 161 ILE A CG2 1 
ATOM   1056 C CD1 . ILE A 1 134 ? 9.072   -6.846  2.716   1.00 14.33 ? 161 ILE A CD1 1 
ATOM   1057 N N   . ASN A 1 135 ? 13.857  -6.994  5.287   1.00 14.80 ? 162 ASN A N   1 
ATOM   1058 C CA  . ASN A 1 135 ? 15.202  -7.563  5.508   1.00 15.29 ? 162 ASN A CA  1 
ATOM   1059 C C   . ASN A 1 135 ? 15.155  -8.953  6.149   1.00 16.45 ? 162 ASN A C   1 
ATOM   1060 O O   . ASN A 1 135 ? 16.144  -9.677  6.042   1.00 16.08 ? 162 ASN A O   1 
ATOM   1061 C CB  . ASN A 1 135 ? 16.037  -6.618  6.397   1.00 15.56 ? 162 ASN A CB  1 
ATOM   1062 C CG  . ASN A 1 135 ? 16.558  -5.411  5.650   1.00 17.30 ? 162 ASN A CG  1 
ATOM   1063 O OD1 . ASN A 1 135 ? 16.634  -5.402  4.426   1.00 17.52 ? 162 ASN A OD1 1 
ATOM   1064 N ND2 . ASN A 1 135 ? 16.952  -4.383  6.394   1.00 18.16 ? 162 ASN A ND2 1 
ATOM   1065 N N   A GLU A 1 136 ? 14.055  -9.320  6.806   0.50 16.50 ? 163 GLU A N   1 
ATOM   1066 N N   B GLU A 1 136 ? 14.053  -9.307  6.811   0.50 16.95 ? 163 GLU A N   1 
ATOM   1067 C CA  A GLU A 1 136 ? 13.861  -10.651 7.397   0.50 17.44 ? 163 GLU A CA  1 
ATOM   1068 C CA  B GLU A 1 136 ? 13.835  -10.625 7.420   0.50 18.18 ? 163 GLU A CA  1 
ATOM   1069 C C   A GLU A 1 136 ? 12.929  -11.564 6.591   0.50 17.57 ? 163 GLU A C   1 
ATOM   1070 C C   B GLU A 1 136 ? 12.924  -11.555 6.596   0.50 18.02 ? 163 GLU A C   1 
ATOM   1071 O O   A GLU A 1 136 ? 12.382  -12.543 7.103   0.50 17.60 ? 163 GLU A O   1 
ATOM   1072 O O   B GLU A 1 136 ? 12.388  -12.540 7.107   0.50 18.08 ? 163 GLU A O   1 
ATOM   1073 C CB  A GLU A 1 136 ? 13.350  -10.489 8.830   0.50 18.99 ? 163 GLU A CB  1 
ATOM   1074 C CB  B GLU A 1 136 ? 13.272  -10.420 8.836   0.50 20.39 ? 163 GLU A CB  1 
ATOM   1075 C CG  A GLU A 1 136 ? 14.275  -9.623  9.672   0.50 19.75 ? 163 GLU A CG  1 
ATOM   1076 C CG  B GLU A 1 136 ? 14.158  -9.514  9.682   0.50 21.93 ? 163 GLU A CG  1 
ATOM   1077 C CD  A GLU A 1 136 ? 13.749  -9.379  11.070  0.50 21.10 ? 163 GLU A CD  1 
ATOM   1078 C CD  B GLU A 1 136 ? 13.584  -9.172  11.050  0.50 24.04 ? 163 GLU A CD  1 
ATOM   1079 O OE1 A GLU A 1 136 ? 13.002  -10.252 11.567  0.50 21.24 ? 163 GLU A OE1 1 
ATOM   1080 O OE1 B GLU A 1 136 ? 12.354  -8.960  11.181  0.50 25.47 ? 163 GLU A OE1 1 
ATOM   1081 O OE2 A GLU A 1 136 ? 14.080  -8.311  11.652  0.50 21.97 ? 163 GLU A OE2 1 
ATOM   1082 O OE2 B GLU A 1 136 ? 14.391  -9.090  12.000  0.50 26.01 ? 163 GLU A OE2 1 
ATOM   1083 N N   . LEU A 1 137 ? 12.749  -11.257 5.303   1.00 17.94 ? 164 LEU A N   1 
ATOM   1084 C CA  . LEU A 1 137 ? 11.906  -12.078 4.438   1.00 19.57 ? 164 LEU A CA  1 
ATOM   1085 C C   . LEU A 1 137 ? 12.405  -13.564 4.429   1.00 19.65 ? 164 LEU A C   1 
ATOM   1086 O O   . LEU A 1 137 ? 13.605  -13.756 4.257   1.00 22.27 ? 164 LEU A O   1 
ATOM   1087 C CB  . LEU A 1 137 ? 11.945  -11.470 3.034   1.00 21.17 ? 164 LEU A CB  1 
ATOM   1088 C CG  . LEU A 1 137 ? 10.987  -11.965 1.962   1.00 21.39 ? 164 LEU A CG  1 
ATOM   1089 C CD1 . LEU A 1 137 ? 9.551   -11.594 2.321   1.00 21.34 ? 164 LEU A CD1 1 
ATOM   1090 C CD2 . LEU A 1 137 ? 11.418  -11.366 0.624   1.00 21.30 ? 164 LEU A CD2 1 
ATOM   1091 N N   . PRO A 1 138 ? 11.499  -14.555 4.642   1.00 20.38 ? 165 PRO A N   1 
ATOM   1092 C CA  . PRO A 1 138 ? 11.909  -15.976 4.756   1.00 21.22 ? 165 PRO A CA  1 
ATOM   1093 C C   . PRO A 1 138 ? 12.272  -16.609 3.440   1.00 21.54 ? 165 PRO A C   1 
ATOM   1094 O O   . PRO A 1 138 ? 12.137  -15.989 2.380   1.00 20.97 ? 165 PRO A O   1 
ATOM   1095 C CB  . PRO A 1 138 ? 10.671  -16.653 5.329   1.00 22.71 ? 165 PRO A CB  1 
ATOM   1096 C CG  . PRO A 1 138 ? 9.526   -15.834 4.851   1.00 21.94 ? 165 PRO A CG  1 
ATOM   1097 C CD  . PRO A 1 138 ? 10.052  -14.423 4.915   1.00 21.02 ? 165 PRO A CD  1 
ATOM   1098 N N   . THR A 1 139 ? 12.728  -17.849 3.547   1.00 22.10 ? 166 THR A N   1 
ATOM   1099 C CA  . THR A 1 139 ? 13.262  -18.613 2.434   1.00 22.12 ? 166 THR A CA  1 
ATOM   1100 C C   . THR A 1 139 ? 12.218  -19.035 1.450   1.00 21.69 ? 166 THR A C   1 
ATOM   1101 O O   . THR A 1 139 ? 11.176  -19.547 1.821   1.00 24.56 ? 166 THR A O   1 
ATOM   1102 C CB  . THR A 1 139 ? 13.939  -19.896 2.969   1.00 24.90 ? 166 THR A CB  1 
ATOM   1103 O OG1 . THR A 1 139 ? 13.004  -20.637 3.737   1.00 32.61 ? 166 THR A OG1 1 
ATOM   1104 C CG2 . THR A 1 139 ? 15.109  -19.566 3.855   1.00 25.72 ? 166 THR A CG2 1 
ATOM   1105 N N   . GLU A 1 140 ? 12.539  -18.920 0.171   1.00 20.04 ? 167 GLU A N   1 
ATOM   1106 C CA  . GLU A 1 140 ? 11.645  -19.291 -0.893  1.00 19.74 ? 167 GLU A CA  1 
ATOM   1107 C C   . GLU A 1 140 ? 11.697  -20.800 -1.205  1.00 19.50 ? 167 GLU A C   1 
ATOM   1108 O O   . GLU A 1 140 ? 12.719  -21.461 -0.992  1.00 21.19 ? 167 GLU A O   1 
ATOM   1109 C CB  . GLU A 1 140 ? 11.961  -18.435 -2.121  1.00 21.36 ? 167 GLU A CB  1 
ATOM   1110 C CG  . GLU A 1 140 ? 12.080  -19.156 -3.425  1.00 21.50 ? 167 GLU A CG  1 
ATOM   1111 C CD  . GLU A 1 140 ? 12.417  -18.250 -4.577  1.00 20.07 ? 167 GLU A CD  1 
ATOM   1112 O OE1 . GLU A 1 140 ? 13.354  -17.424 -4.440  1.00 19.43 ? 167 GLU A OE1 1 
ATOM   1113 O OE2 . GLU A 1 140 ? 11.743  -18.398 -5.626  1.00 19.87 ? 167 GLU A OE2 1 
ATOM   1114 N N   . GLU A 1 141 ? 10.589  -21.302 -1.751  1.00 19.87 ? 168 GLU A N   1 
ATOM   1115 C CA  . GLU A 1 141 ? 10.458  -22.688 -2.233  1.00 18.30 ? 168 GLU A CA  1 
ATOM   1116 C C   . GLU A 1 141 ? 11.310  -23.012 -3.477  1.00 21.42 ? 168 GLU A C   1 
ATOM   1117 O O   . GLU A 1 141 ? 11.428  -22.212 -4.431  1.00 20.20 ? 168 GLU A O   1 
ATOM   1118 C CB  . GLU A 1 141 ? 8.988   -23.027 -2.534  1.00 18.67 ? 168 GLU A CB  1 
ATOM   1119 C CG  . GLU A 1 141 ? 8.007   -22.944 -1.359  1.00 19.00 ? 168 GLU A CG  1 
ATOM   1120 C CD  . GLU A 1 141 ? 7.465   -21.542 -1.072  1.00 18.95 ? 168 GLU A CD  1 
ATOM   1121 O OE1 . GLU A 1 141 ? 7.978   -20.550 -1.701  1.00 18.88 ? 168 GLU A OE1 1 
ATOM   1122 O OE2 . GLU A 1 141 ? 6.564   -21.480 -0.221  1.00 17.60 ? 168 GLU A OE2 1 
HETATM 1123 C CBE . VFI B 2 .   ? -2.709  13.410  0.711   1.00 18.04 ? 201 VFI A CBE 1 
HETATM 1124 C CAD . VFI B 2 .   ? -2.193  12.059  1.092   1.00 17.53 ? 201 VFI A CAD 1 
HETATM 1125 O OAC . VFI B 2 .   ? -1.277  11.448  0.427   1.00 17.38 ? 201 VFI A OAC 1 
HETATM 1126 N NAB . VFI B 2 .   ? -1.002  10.183  1.008   1.00 15.26 ? 201 VFI A NAB 1 
HETATM 1127 C CAA . VFI B 2 .   ? -1.850  10.156  2.049   1.00 15.37 ? 201 VFI A CAA 1 
HETATM 1128 C CBD . VFI B 2 .   ? -1.830  8.933   2.905   1.00 15.55 ? 201 VFI A CBD 1 
HETATM 1129 C CAE . VFI B 2 .   ? -2.604  11.280  2.135   1.00 14.68 ? 201 VFI A CAE 1 
HETATM 1130 C CAF . VFI B 2 .   ? -3.536  11.570  3.129   1.00 14.89 ? 201 VFI A CAF 1 
HETATM 1131 C CAG . VFI B 2 .   ? -4.606  10.709  3.457   1.00 15.63 ? 201 VFI A CAG 1 
HETATM 1132 C CAK . VFI B 2 .   ? -3.444  12.703  3.931   1.00 14.43 ? 201 VFI A CAK 1 
HETATM 1133 O OAP . VFI B 2 .   ? -2.370  13.542  3.625   1.00 14.53 ? 201 VFI A OAP 1 
HETATM 1134 C CAQ . VFI B 2 .   ? -2.293  14.795  4.204   1.00 14.73 ? 201 VFI A CAQ 1 
HETATM 1135 C CAJ . VFI B 2 .   ? -4.349  12.996  4.991   1.00 15.79 ? 201 VFI A CAJ 1 
HETATM 1136 C CAI . VFI B 2 .   ? -5.416  12.127  5.307   1.00 16.08 ? 201 VFI A CAI 1 
HETATM 1137 C CAO . VFI B 2 .   ? -6.371  12.388  6.321   1.00 17.70 ? 201 VFI A CAO 1 
HETATM 1138 C CAH . VFI B 2 .   ? -5.517  10.989  4.502   1.00 16.15 ? 201 VFI A CAH 1 
HETATM 1139 N NAL . VFI B 2 .   ? -6.501  10.080  4.713   1.00 17.50 ? 201 VFI A NAL 1 
HETATM 1140 C CAM . VFI B 2 .   ? -7.449  10.386  5.714   1.00 17.54 ? 201 VFI A CAM 1 
HETATM 1141 C CAN . VFI B 2 .   ? -7.366  11.460  6.488   1.00 17.60 ? 201 VFI A CAN 1 
HETATM 1142 N NAR . VFI B 2 .   ? -8.157  11.889  7.511   1.00 18.38 ? 201 VFI A NAR 1 
HETATM 1143 C CAS . VFI B 2 .   ? -7.676  12.992  8.004   1.00 19.98 ? 201 VFI A CAS 1 
HETATM 1144 C CAU . VFI B 2 .   ? -8.297  13.777  9.175   1.00 21.55 ? 201 VFI A CAU 1 
HETATM 1145 N NAT . VFI B 2 .   ? -6.567  13.341  7.270   1.00 18.58 ? 201 VFI A NAT 1 
HETATM 1146 C CAV . VFI B 2 .   ? -5.840  14.567  7.641   1.00 18.73 ? 201 VFI A CAV 1 
HETATM 1147 C CBC . VFI B 2 .   ? -6.108  15.655  6.582   1.00 19.96 ? 201 VFI A CBC 1 
HETATM 1148 C CAW . VFI B 2 .   ? -4.426  14.310  7.952   1.00 16.86 ? 201 VFI A CAW 1 
HETATM 1149 C CAX . VFI B 2 .   ? -3.434  15.255  7.717   1.00 15.74 ? 201 VFI A CAX 1 
HETATM 1150 C CAY . VFI B 2 .   ? -2.106  14.992  8.027   1.00 14.92 ? 201 VFI A CAY 1 
HETATM 1151 C CAZ . VFI B 2 .   ? -1.719  13.779  8.577   1.00 13.61 ? 201 VFI A CAZ 1 
HETATM 1152 C CBA . VFI B 2 .   ? -2.686  12.838  8.842   1.00 14.16 ? 201 VFI A CBA 1 
HETATM 1153 C CBB . VFI B 2 .   ? -4.019  13.080  8.545   1.00 15.34 ? 201 VFI A CBB 1 
HETATM 1154 O O   . HOH C 3 .   ? 9.846   -2.912  -5.051  1.00 36.40 ? 301 HOH A O   1 
HETATM 1155 O O   . HOH C 3 .   ? 0.366   -11.241 -11.052 1.00 28.54 ? 302 HOH A O   1 
HETATM 1156 O O   . HOH C 3 .   ? 2.745   18.946  1.572   1.00 27.12 ? 303 HOH A O   1 
HETATM 1157 O O   . HOH C 3 .   ? 9.605   25.854  1.234   1.00 32.79 ? 304 HOH A O   1 
HETATM 1158 O O   . HOH C 3 .   ? -10.450 -7.494  -11.712 1.00 40.11 ? 305 HOH A O   1 
HETATM 1159 O O   . HOH C 3 .   ? 15.114  -6.144  10.783  1.00 30.95 ? 306 HOH A O   1 
HETATM 1160 O O   . HOH C 3 .   ? 1.772   9.516   -11.239 1.00 20.04 ? 307 HOH A O   1 
HETATM 1161 O O   . HOH C 3 .   ? -3.804  21.677  -5.268  1.00 31.21 ? 308 HOH A O   1 
HETATM 1162 O O   . HOH C 3 .   ? -13.674 8.802   2.783   1.00 33.28 ? 309 HOH A O   1 
HETATM 1163 O O   . HOH C 3 .   ? 3.586   17.643  -4.206  1.00 21.10 ? 310 HOH A O   1 
HETATM 1164 O O   . HOH C 3 .   ? -0.132  9.389   -1.562  1.00 11.62 ? 311 HOH A O   1 
HETATM 1165 O O   . HOH C 3 .   ? 7.680   20.410  5.347   1.00 21.13 ? 312 HOH A O   1 
HETATM 1166 O O   . HOH C 3 .   ? 10.389  -10.707 10.980  1.00 23.22 ? 313 HOH A O   1 
HETATM 1167 O O   . HOH C 3 .   ? -6.830  -1.919  -13.635 1.00 22.73 ? 314 HOH A O   1 
HETATM 1168 O O   . HOH C 3 .   ? 0.426   17.409  2.722   1.00 23.12 ? 315 HOH A O   1 
HETATM 1169 O O   . HOH C 3 .   ? 0.126   -3.336  -8.690  1.00 18.10 ? 316 HOH A O   1 
HETATM 1170 O O   . HOH C 3 .   ? -8.497  -16.704 -3.813  1.00 34.05 ? 317 HOH A O   1 
HETATM 1171 O O   . HOH C 3 .   ? -1.829  18.937  8.417   1.00 33.37 ? 318 HOH A O   1 
HETATM 1172 O O   . HOH C 3 .   ? -11.171 5.528   0.621   1.00 16.75 ? 319 HOH A O   1 
HETATM 1173 O O   . HOH C 3 .   ? -9.575  -0.275  5.434   1.00 36.30 ? 320 HOH A O   1 
HETATM 1174 O O   . HOH C 3 .   ? -1.439  -16.646 -1.353  1.00 24.41 ? 321 HOH A O   1 
HETATM 1175 O O   . HOH C 3 .   ? -1.436  -14.515 -9.228  1.00 22.58 ? 322 HOH A O   1 
HETATM 1176 O O   . HOH C 3 .   ? 17.511  -11.866 6.779   1.00 16.76 ? 323 HOH A O   1 
HETATM 1177 O O   . HOH C 3 .   ? 7.983   3.218   -5.977  1.00 24.34 ? 324 HOH A O   1 
HETATM 1178 O O   . HOH C 3 .   ? 11.653  -14.675 8.576   1.00 35.26 ? 325 HOH A O   1 
HETATM 1179 O O   . HOH C 3 .   ? -3.618  13.969  -15.660 1.00 29.56 ? 326 HOH A O   1 
HETATM 1180 O O   . HOH C 3 .   ? -7.479  -18.333 -10.419 1.00 36.97 ? 327 HOH A O   1 
HETATM 1181 O O   . HOH C 3 .   ? 10.519  10.509  2.339   1.00 21.84 ? 328 HOH A O   1 
HETATM 1182 O O   . HOH C 3 .   ? -4.008  23.558  -8.989  1.00 26.72 ? 329 HOH A O   1 
HETATM 1183 O O   . HOH C 3 .   ? -11.058 2.192   5.856   1.00 34.13 ? 330 HOH A O   1 
HETATM 1184 O O   . HOH C 3 .   ? 10.813  4.965   -0.759  1.00 35.76 ? 331 HOH A O   1 
HETATM 1185 O O   . HOH C 3 .   ? 3.311   -1.878  14.590  1.00 32.32 ? 332 HOH A O   1 
HETATM 1186 O O   . HOH C 3 .   ? -14.410 17.756  -2.756  1.00 30.15 ? 333 HOH A O   1 
HETATM 1187 O O   . HOH C 3 .   ? -9.587  -7.013  3.804   1.00 26.64 ? 334 HOH A O   1 
HETATM 1188 O O   . HOH C 3 .   ? -3.564  0.792   13.477  1.00 29.90 ? 335 HOH A O   1 
HETATM 1189 O O   . HOH C 3 .   ? 8.107   -17.929 -0.943  1.00 13.99 ? 336 HOH A O   1 
HETATM 1190 O O   . HOH C 3 .   ? -3.209  19.201  -0.520  1.00 22.08 ? 337 HOH A O   1 
HETATM 1191 O O   . HOH C 3 .   ? -7.456  3.262   -8.211  1.00 11.63 ? 338 HOH A O   1 
HETATM 1192 O O   . HOH C 3 .   ? 2.756   -0.858  -7.665  1.00 14.17 ? 339 HOH A O   1 
HETATM 1193 O O   . HOH C 3 .   ? -14.258 8.552   -11.434 1.00 17.90 ? 340 HOH A O   1 
HETATM 1194 O O   . HOH C 3 .   ? -11.159 -3.673  -5.730  1.00 30.68 ? 341 HOH A O   1 
HETATM 1195 O O   . HOH C 3 .   ? 0.357   -8.081  -9.202  1.00 30.81 ? 342 HOH A O   1 
HETATM 1196 O O   . HOH C 3 .   ? -9.781  -0.346  3.181   1.00 29.04 ? 343 HOH A O   1 
HETATM 1197 O O   . HOH C 3 .   ? -1.438  -14.096 -0.662  1.00 14.46 ? 344 HOH A O   1 
HETATM 1198 O O   . HOH C 3 .   ? -1.951  6.350   -3.211  1.00 13.11 ? 345 HOH A O   1 
HETATM 1199 O O   . HOH C 3 .   ? -0.245  17.822  5.369   1.00 24.33 ? 346 HOH A O   1 
HETATM 1200 O O   . HOH C 3 .   ? 15.301  -16.795 -2.609  1.00 25.81 ? 347 HOH A O   1 
HETATM 1201 O O   . HOH C 3 .   ? 5.727   -17.629 6.133   1.00 22.03 ? 348 HOH A O   1 
HETATM 1202 O O   . HOH C 3 .   ? -0.964  3.256   -13.178 1.00 14.89 ? 349 HOH A O   1 
HETATM 1203 O O   . HOH C 3 .   ? 3.990   -22.951 -2.619  1.00 32.08 ? 350 HOH A O   1 
HETATM 1204 O O   . HOH C 3 .   ? 10.023  -20.487 -6.124  1.00 16.02 ? 351 HOH A O   1 
HETATM 1205 O O   . HOH C 3 .   ? -12.143 -1.691  -8.376  1.00 25.32 ? 352 HOH A O   1 
HETATM 1206 O O   . HOH C 3 .   ? -4.191  6.103   1.598   1.00 12.49 ? 353 HOH A O   1 
HETATM 1207 O O   . HOH C 3 .   ? -4.368  -17.617 0.808   1.00 46.08 ? 354 HOH A O   1 
HETATM 1208 O O   . HOH C 3 .   ? -8.784  3.590   8.530   1.00 14.71 ? 355 HOH A O   1 
HETATM 1209 O O   . HOH C 3 .   ? 8.100   14.164  -0.025  1.00 10.72 ? 356 HOH A O   1 
HETATM 1210 O O   . HOH C 3 .   ? -1.389  -16.240 -5.872  1.00 16.98 ? 357 HOH A O   1 
HETATM 1211 O O   . HOH C 3 .   ? 0.074   6.809   -0.751  1.00 16.98 ? 358 HOH A O   1 
HETATM 1212 O O   . HOH C 3 .   ? -12.288 -8.402  -5.219  1.00 43.72 ? 359 HOH A O   1 
HETATM 1213 O O   . HOH C 3 .   ? 4.792   5.929   -7.029  1.00 19.77 ? 360 HOH A O   1 
HETATM 1214 O O   . HOH C 3 .   ? -2.775  16.250  -14.584 1.00 19.72 ? 361 HOH A O   1 
HETATM 1215 O O   . HOH C 3 .   ? 11.166  -12.528 -3.315  1.00 25.27 ? 362 HOH A O   1 
HETATM 1216 O O   . HOH C 3 .   ? -7.575  17.238  3.662   1.00 33.94 ? 363 HOH A O   1 
HETATM 1217 O O   . HOH C 3 .   ? -8.946  -1.707  -3.729  1.00 18.52 ? 364 HOH A O   1 
HETATM 1218 O O   . HOH C 3 .   ? -6.219  -11.586 6.548   1.00 39.15 ? 365 HOH A O   1 
HETATM 1219 O O   . HOH C 3 .   ? -3.180  1.896   -9.132  1.00 10.89 ? 366 HOH A O   1 
HETATM 1220 O O   . HOH C 3 .   ? 5.924   25.014  0.109   1.00 28.52 ? 367 HOH A O   1 
HETATM 1221 O O   . HOH C 3 .   ? 1.400   19.375  11.229  1.00 33.46 ? 368 HOH A O   1 
HETATM 1222 O O   . HOH C 3 .   ? -5.243  18.860  -4.415  1.00 24.23 ? 369 HOH A O   1 
HETATM 1223 O O   . HOH C 3 .   ? 10.666  20.454  2.820   1.00 23.21 ? 370 HOH A O   1 
HETATM 1224 O O   . HOH C 3 .   ? -10.577 10.644  8.103   1.00 25.74 ? 371 HOH A O   1 
HETATM 1225 O O   . HOH C 3 .   ? -2.018  5.540   0.141   1.00 16.86 ? 372 HOH A O   1 
HETATM 1226 O O   . HOH C 3 .   ? 14.558  -8.764  1.280   1.00 21.24 ? 373 HOH A O   1 
HETATM 1227 O O   . HOH C 3 .   ? 14.688  -3.739  3.299   1.00 20.99 ? 374 HOH A O   1 
HETATM 1228 O O   . HOH C 3 .   ? 13.148  -23.989 0.130   1.00 33.69 ? 375 HOH A O   1 
HETATM 1229 O O   . HOH C 3 .   ? 1.387   7.080   -8.829  1.00 12.37 ? 376 HOH A O   1 
HETATM 1230 O O   . HOH C 3 .   ? -5.426  3.354   -3.709  1.00 10.47 ? 377 HOH A O   1 
HETATM 1231 O O   . HOH C 3 .   ? -4.095  4.769   15.264  1.00 26.05 ? 378 HOH A O   1 
HETATM 1232 O O   . HOH C 3 .   ? -11.232 -6.422  -7.874  1.00 21.85 ? 379 HOH A O   1 
HETATM 1233 O O   . HOH C 3 .   ? 9.174   9.684   10.954  1.00 19.46 ? 380 HOH A O   1 
HETATM 1234 O O   . HOH C 3 .   ? 5.483   -15.736 -3.720  1.00 12.77 ? 381 HOH A O   1 
HETATM 1235 O O   . HOH C 3 .   ? -1.285  -13.120 -3.262  1.00 11.92 ? 382 HOH A O   1 
HETATM 1236 O O   . HOH C 3 .   ? -13.883 5.167   -5.509  1.00 23.80 ? 383 HOH A O   1 
HETATM 1237 O O   . HOH C 3 .   ? 4.850   3.368   -8.439  1.00 24.98 ? 384 HOH A O   1 
HETATM 1238 O O   . HOH C 3 .   ? -10.751 7.223   -3.737  1.00 12.60 ? 385 HOH A O   1 
HETATM 1239 O O   . HOH C 3 .   ? 11.527  9.718   9.416   1.00 29.15 ? 386 HOH A O   1 
HETATM 1240 O O   . HOH C 3 .   ? -10.117 -14.288 -7.625  1.00 27.29 ? 387 HOH A O   1 
HETATM 1241 O O   . HOH C 3 .   ? 9.043   3.590   12.871  1.00 21.53 ? 388 HOH A O   1 
HETATM 1242 O O   . HOH C 3 .   ? -10.591 13.456  -7.760  1.00 26.91 ? 389 HOH A O   1 
HETATM 1243 O O   . HOH C 3 .   ? 7.716   -19.979 -4.470  1.00 17.13 ? 390 HOH A O   1 
HETATM 1244 O O   . HOH C 3 .   ? -9.298  8.747   2.309   1.00 19.66 ? 391 HOH A O   1 
HETATM 1245 O O   . HOH C 3 .   ? -6.278  -7.478  -12.470 1.00 22.01 ? 392 HOH A O   1 
HETATM 1246 O O   . HOH C 3 .   ? -16.249 10.596  -1.034  1.00 28.15 ? 393 HOH A O   1 
HETATM 1247 O O   . HOH C 3 .   ? 3.727   22.296  3.482   1.00 35.23 ? 394 HOH A O   1 
HETATM 1248 O O   . HOH C 3 .   ? 10.685  14.043  4.333   1.00 24.02 ? 395 HOH A O   1 
HETATM 1249 O O   . HOH C 3 .   ? 15.194  -18.039 -0.405  1.00 28.77 ? 396 HOH A O   1 
HETATM 1250 O O   . HOH C 3 .   ? 2.358   2.312   16.876  1.00 18.89 ? 397 HOH A O   1 
HETATM 1251 O O   . HOH C 3 .   ? -10.095 4.998   -5.306  1.00 11.87 ? 398 HOH A O   1 
HETATM 1252 O O   . HOH C 3 .   ? -11.771 17.164  -4.328  1.00 25.77 ? 399 HOH A O   1 
HETATM 1253 O O   . HOH C 3 .   ? 3.123   19.229  8.217   1.00 24.20 ? 400 HOH A O   1 
HETATM 1254 O O   . HOH C 3 .   ? 5.776   18.988  9.875   1.00 20.96 ? 401 HOH A O   1 
HETATM 1255 O O   . HOH C 3 .   ? -0.677  -14.010 1.938   1.00 18.86 ? 402 HOH A O   1 
HETATM 1256 O O   . HOH C 3 .   ? -5.559  -14.816 -8.358  1.00 24.17 ? 403 HOH A O   1 
HETATM 1257 O O   . HOH C 3 .   ? -17.666 11.218  -12.401 1.00 27.37 ? 404 HOH A O   1 
HETATM 1258 O O   . HOH C 3 .   ? -11.411 -13.730 -19.283 1.00 26.62 ? 405 HOH A O   1 
HETATM 1259 O O   . HOH C 3 .   ? -8.633  -4.465  3.292   1.00 20.95 ? 406 HOH A O   1 
HETATM 1260 O O   . HOH C 3 .   ? 6.849   -10.649 -10.522 1.00 24.27 ? 407 HOH A O   1 
HETATM 1261 O O   . HOH C 3 .   ? -4.447  -21.433 -9.747  1.00 18.82 ? 408 HOH A O   1 
HETATM 1262 O O   . HOH C 3 .   ? 16.813  -4.308  9.294   1.00 21.51 ? 409 HOH A O   1 
HETATM 1263 O O   . HOH C 3 .   ? -3.802  3.369   12.941  1.00 19.29 ? 410 HOH A O   1 
HETATM 1264 O O   . HOH C 3 .   ? 7.798   -18.306 -9.283  1.00 11.93 ? 411 HOH A O   1 
HETATM 1265 O O   . HOH C 3 .   ? -2.602  -9.393  8.579   1.00 37.88 ? 412 HOH A O   1 
HETATM 1266 O O   . HOH C 3 .   ? -0.120  -22.941 -3.343  1.00 19.73 ? 413 HOH A O   1 
HETATM 1267 O O   . HOH C 3 .   ? 13.919  -14.088 -1.685  1.00 26.50 ? 414 HOH A O   1 
HETATM 1268 O O   . HOH C 3 .   ? 9.419   -16.080 -7.810  1.00 17.93 ? 415 HOH A O   1 
HETATM 1269 O O   . HOH C 3 .   ? 3.758   3.289   -11.133 1.00 32.91 ? 416 HOH A O   1 
HETATM 1270 O O   . HOH C 3 .   ? 9.699   18.104  9.617   1.00 24.65 ? 417 HOH A O   1 
HETATM 1271 O O   . HOH C 3 .   ? -4.516  21.274  -11.869 1.00 30.58 ? 418 HOH A O   1 
HETATM 1272 O O   . HOH C 3 .   ? 12.544  -6.170  -2.422  1.00 33.95 ? 419 HOH A O   1 
HETATM 1273 O O   . HOH C 3 .   ? -7.150  -12.810 -7.413  1.00 19.09 ? 420 HOH A O   1 
HETATM 1274 O O   . HOH C 3 .   ? -8.043  14.173  -7.119  1.00 21.23 ? 421 HOH A O   1 
HETATM 1275 O O   . HOH C 3 .   ? 7.027   0.713   -6.783  1.00 16.95 ? 422 HOH A O   1 
HETATM 1276 O O   . HOH C 3 .   ? -4.695  5.763   -2.482  1.00 19.27 ? 423 HOH A O   1 
HETATM 1277 O O   . HOH C 3 .   ? -7.009  7.519   3.005   1.00 19.25 ? 424 HOH A O   1 
HETATM 1278 O O   . HOH C 3 .   ? 2.322   -5.087  -8.252  1.00 37.19 ? 425 HOH A O   1 
HETATM 1279 O O   . HOH C 3 .   ? 0.951   20.276  5.501   1.00 46.13 ? 426 HOH A O   1 
HETATM 1280 O O   . HOH C 3 .   ? -11.958 18.129  3.756   1.00 43.90 ? 427 HOH A O   1 
HETATM 1281 O O   . HOH C 3 .   ? -11.884 15.785  -6.565  1.00 39.41 ? 428 HOH A O   1 
HETATM 1282 O O   . HOH C 3 .   ? 12.856  -19.167 6.415   1.00 34.13 ? 429 HOH A O   1 
HETATM 1283 O O   . HOH C 3 .   ? -15.298 7.073   -4.153  1.00 26.99 ? 430 HOH A O   1 
HETATM 1284 O O   . HOH C 3 .   ? -8.401  -10.297 -16.647 1.00 24.72 ? 431 HOH A O   1 
HETATM 1285 O O   . HOH C 3 .   ? 11.951  -3.379  -3.764  1.00 35.42 ? 432 HOH A O   1 
HETATM 1286 O O   . HOH C 3 .   ? 0.466   -17.336 0.816   1.00 22.63 ? 433 HOH A O   1 
HETATM 1287 O O   . HOH C 3 .   ? 9.076   -1.105  -6.413  1.00 24.43 ? 434 HOH A O   1 
HETATM 1288 O O   . HOH C 3 .   ? -9.498  -1.110  -1.372  1.00 37.82 ? 435 HOH A O   1 
HETATM 1289 O O   . HOH C 3 .   ? 11.876  6.640   9.892   1.00 38.52 ? 436 HOH A O   1 
HETATM 1290 O O   . HOH C 3 .   ? -4.301  -15.347 2.053   1.00 42.12 ? 437 HOH A O   1 
HETATM 1291 O O   . HOH C 3 .   ? -11.249 -2.447  -2.915  1.00 33.44 ? 438 HOH A O   1 
HETATM 1292 O O   . HOH C 3 .   ? -16.945 10.114  -3.609  1.00 26.43 ? 439 HOH A O   1 
HETATM 1293 O O   . HOH C 3 .   ? -7.382  4.527   -5.631  1.00 14.41 ? 440 HOH A O   1 
HETATM 1294 O O   . HOH C 3 .   ? 4.642   0.599   -11.009 1.00 32.47 ? 441 HOH A O   1 
HETATM 1295 O O   . HOH C 3 .   ? -8.169  13.874  -11.551 1.00 36.16 ? 442 HOH A O   1 
HETATM 1296 O O   . HOH C 3 .   ? 4.741   -15.863 8.242   1.00 29.19 ? 443 HOH A O   1 
HETATM 1297 O O   . HOH C 3 .   ? 9.088   9.898   -4.617  1.00 32.36 ? 444 HOH A O   1 
HETATM 1298 O O   . HOH C 3 .   ? -11.664 -13.281 -4.857  1.00 40.42 ? 445 HOH A O   1 
HETATM 1299 O O   . HOH C 3 .   ? 12.656  19.180  4.201   1.00 50.12 ? 446 HOH A O   1 
HETATM 1300 O O   . HOH C 3 .   ? 7.012   0.437   -9.548  1.00 34.19 ? 447 HOH A O   1 
HETATM 1301 O O   . HOH C 3 .   ? -9.517  -0.457  0.827   1.00 42.12 ? 448 HOH A O   1 
HETATM 1302 O O   . HOH C 3 .   ? 15.137  -13.272 0.800   1.00 37.18 ? 449 HOH A O   1 
HETATM 1303 O O   . HOH C 3 .   ? 5.161   -9.249  -12.287 1.00 24.55 ? 450 HOH A O   1 
HETATM 1304 O O   . HOH C 3 .   ? 7.746   -17.220 -3.765  1.00 21.11 ? 451 HOH A O   1 
HETATM 1305 O O   . HOH C 3 .   ? 1.728   -24.735 -2.855  1.00 28.84 ? 452 HOH A O   1 
HETATM 1306 O O   . HOH C 3 .   ? -5.036  -20.830 -3.061  1.00 50.59 ? 453 HOH A O   1 
HETATM 1307 O O   . HOH C 3 .   ? -12.159 3.960   -3.461  1.00 24.86 ? 454 HOH A O   1 
HETATM 1308 O O   . HOH C 3 .   ? -12.391 6.352   -1.674  1.00 18.73 ? 455 HOH A O   1 
HETATM 1309 O O   . HOH C 3 .   ? -2.283  6.838   21.869  1.00 35.78 ? 456 HOH A O   1 
HETATM 1310 O O   . HOH C 3 .   ? -11.792 7.081   2.874   1.00 27.04 ? 457 HOH A O   1 
HETATM 1311 O O   . HOH C 3 .   ? 10.199  13.099  1.223   1.00 19.27 ? 458 HOH A O   1 
HETATM 1312 O O   . HOH C 3 .   ? 10.419  7.738   12.287  1.00 35.50 ? 459 HOH A O   1 
HETATM 1313 O O   . HOH C 3 .   ? -2.163  12.302  -17.702 1.00 33.05 ? 460 HOH A O   1 
HETATM 1314 O O   . HOH C 3 .   ? -10.070 7.845   7.868   1.00 30.36 ? 461 HOH A O   1 
HETATM 1315 O O   . HOH C 3 .   ? -12.769 6.835   -13.050 1.00 21.59 ? 462 HOH A O   1 
HETATM 1316 O O   . HOH C 3 .   ? -9.491  5.916   9.836   1.00 18.41 ? 463 HOH A O   1 
HETATM 1317 O O   . HOH C 3 .   ? -4.110  -6.992  9.510   1.00 41.33 ? 464 HOH A O   1 
HETATM 1318 O O   . HOH C 3 .   ? -11.819 12.203  10.219  1.00 26.06 ? 465 HOH A O   1 
HETATM 1319 O O   . HOH C 3 .   ? -4.746  17.439  3.511   1.00 29.66 ? 466 HOH A O   1 
HETATM 1320 O O   . HOH C 3 .   ? -5.849  14.445  -17.469 1.00 38.65 ? 467 HOH A O   1 
HETATM 1321 O O   . HOH C 3 .   ? -12.512 3.153   0.729   1.00 27.17 ? 468 HOH A O   1 
HETATM 1322 O O   . HOH C 3 .   ? -3.186  18.222  5.559   1.00 31.27 ? 469 HOH A O   1 
HETATM 1323 O O   . HOH C 3 .   ? -4.518  18.583  8.994   1.00 37.23 ? 470 HOH A O   1 
HETATM 1324 O O   . HOH C 3 .   ? 10.790  9.220   -2.841  1.00 30.98 ? 471 HOH A O   1 
# 
